data_6VJB
#
_entry.id   6VJB
#
_cell.length_a   140.500
_cell.length_b   121.750
_cell.length_c   106.640
_cell.angle_alpha   90.000
_cell.angle_beta   111.780
_cell.angle_gamma   90.000
#
_symmetry.space_group_name_H-M   'C 1 2 1'
#
loop_
_entity.id
_entity.type
_entity.pdbx_description
1 polymer 'Putative cell envelope proteinase'
2 non-polymer 1,2-ETHANEDIOL
3 non-polymer 'CALCIUM ION'
4 water water
#
_entity_poly.entity_id   1
_entity_poly.type   'polypeptide(L)'
_entity_poly.pdbx_seq_one_letter_code
;MADELSTMSEPTITNHAQQQAQHLTNTELSSAESKSQDTSQITLKTNREKEQSQDLVSEPTTTELADTDAASMANTGSDA
TQKSASLPPVNTDVHDWVKTKGAWDKGYKGQGKVVAVIATGIDPAHQSMRISDVSTAKVKSKEDMLARQKAAGINYGSWI
NDKVVFAHNYVENSDNIKENQFEDFDEDWENFEFDAEAEPKAIKKHKIYRPQSTQAPKETVIKTEETDGSHDIDWTQTDD
DTKYESHGMHVTGIVAGNSKEAAATGERFLGIAPEAQVMFMRVFANDIMGSAESLFIKAIEDAVALGADVINLSLGTANG
AQLSGSKPLMEAIEKAKKAGVSVVVAAGNERVYGSDHDDPLATNPDYGLVGSPSTGRTPTSVAAINSKWVIQRLMTVKEL
ENRADLNHGKAIYSESVDFKDIKDSLGYDKSHQFAYVKESTDAGYNAQDVKGKIALIERDPNKTYDEMIALAKKHGALGV
LIFNNKPGQSNRSMRLTANGMGIPSAFISHEFGKAMSQLNGNGTGSLEFDSVVSKAPSQKGNEMNHFSNWGLTSDGYLKP
DITAPGGDIYSTYNDNHYGSQTGTAMASPQIAGASLLVKQYLEKTQPNLPKEKIADIVKNLLMSNAQIHVNPETKTTTSP
RQQGAGLLNIDGAVTSGLYVTGKDNYGSISLGNITDTMTFDVTVHNLSNKDKTLRYDTELLTDHVDPQKGRFTLTSHSLK
TYQGGEVTVPANGKVTVRVTMDVSQFTKELTKQMPNGYYLEGFVRFRDSQDDQLNRVNIPFVGFKGQFENLAVAEESIYR
LKSQGKTGFYFDESGPKDDIYVGKHFTGLVTLGSETNVSTKTISDNGLHTLGTFKNADGKFILEKNAQGNPVLAISPNGD
NNQDFAAFKGVFLRKYQGLKASVYHASDKEHKNPLWVSPESFKGDKNFNSDIRFAKSTTLLGTAFSGKSLTGAELPDGHY
HYVVSYYPDVVGAKRQEMTFDMILDRQKPVLSQATFDPETNRFKPEPLKDRGLAGVRKDSVFYLERKDNKPYTVTINDSY
KYVSVEDNKTFVERQADGSFILPLDKAKLGDFYYMVEDFAGNVAIAKLGDHLPQTLGKTPIKLKLTDGNYQTKETLKDNL
EMTQSDTGLVTNQAQLAVVHRNQPQSQLTKMNQDFFISPNEDGNKDFVAFKGLKNNVYNDLTVNVYAKDDHQKQTPIWSS
QAGASVSAIESTAWYGITARGSKVMPGDYQYVVTYRDEHGKEHQKQYTISVNDKKPMITQGRFDTINGVDHFTPDKTKAL
DSSGIVREEVFYLAKKNGRKFDVTEGKDGITVSDNKVYIPKNPDGSYTISKRDGVTLSDYYYLVEDRAGNVSFATLRDLK
AVGKDKAVVNFGLDLPVPEDKQIVNFTYLVRDADGKPIENLEYYNNSGNSLILPYGKYTVELLTYDTNAAKLESDKIVSF
TLSADNNFQQVTFKITMLATSQITAHFDHLLPEGSRVSLKTAQDQLIPLEQSLYVPKAYGKTVQEGTYEVVVSLPKGYRI
EGNTKVNTLPNEVHELSLRLVKVGDASDSTGDHKVMSKNNSQALTASATPTKSTTSATAKALEHHHHHH
;
_entity_poly.pdbx_strand_id   A
#
loop_
_chem_comp.id
_chem_comp.type
_chem_comp.name
_chem_comp.formula
CA non-polymer 'CALCIUM ION' 'Ca 2'
EDO non-polymer 1,2-ETHANEDIOL 'C2 H6 O2'
#
# COMPACT_ATOMS: atom_id res chain seq x y z
N SER A 86 -46.83 -20.29 -15.88
CA SER A 86 -46.96 -19.16 -16.80
C SER A 86 -45.74 -18.23 -16.72
N LEU A 87 -45.53 -17.55 -15.56
CA LEU A 87 -44.37 -16.69 -15.33
C LEU A 87 -43.13 -17.61 -15.29
N PRO A 88 -41.97 -17.21 -15.90
CA PRO A 88 -40.81 -18.13 -15.91
C PRO A 88 -40.37 -18.65 -14.53
N PRO A 89 -39.80 -19.88 -14.46
CA PRO A 89 -39.36 -20.39 -13.14
C PRO A 89 -38.18 -19.60 -12.56
N VAL A 90 -38.14 -19.47 -11.23
CA VAL A 90 -37.09 -18.75 -10.52
C VAL A 90 -35.85 -19.66 -10.46
N ASN A 91 -34.67 -19.09 -10.76
CA ASN A 91 -33.45 -19.85 -10.62
C ASN A 91 -33.19 -19.96 -9.11
N THR A 92 -32.93 -21.18 -8.64
CA THR A 92 -32.72 -21.44 -7.22
C THR A 92 -31.35 -22.04 -6.90
N ASP A 93 -30.37 -21.97 -7.82
CA ASP A 93 -28.98 -22.48 -7.66
C ASP A 93 -28.35 -22.04 -6.34
N VAL A 94 -28.57 -20.77 -5.98
CA VAL A 94 -28.12 -20.15 -4.74
C VAL A 94 -29.24 -20.24 -3.69
N HIS A 95 -30.50 -19.90 -4.06
CA HIS A 95 -31.65 -19.88 -3.15
C HIS A 95 -31.89 -21.22 -2.40
N ASP A 96 -31.75 -22.39 -3.09
CA ASP A 96 -31.91 -23.72 -2.46
C ASP A 96 -30.78 -24.02 -1.47
N TRP A 97 -29.62 -23.38 -1.69
CA TRP A 97 -28.44 -23.55 -0.87
C TRP A 97 -28.46 -22.70 0.41
N VAL A 98 -28.83 -21.40 0.28
CA VAL A 98 -28.86 -20.46 1.41
C VAL A 98 -30.21 -20.47 2.15
N LYS A 99 -31.19 -21.20 1.60
CA LYS A 99 -32.56 -21.42 2.09
C LYS A 99 -33.36 -20.10 2.20
N THR A 100 -33.45 -19.35 1.08
CA THR A 100 -34.18 -18.07 1.02
C THR A 100 -35.67 -18.25 1.10
N LYS A 101 -36.21 -19.33 0.46
CA LYS A 101 -37.63 -19.70 0.47
C LYS A 101 -38.24 -19.74 1.85
N GLY A 102 -37.45 -20.10 2.87
CA GLY A 102 -37.86 -20.17 4.27
C GLY A 102 -38.39 -18.84 4.82
N ALA A 103 -37.75 -17.73 4.42
CA ALA A 103 -38.16 -16.39 4.81
C ALA A 103 -39.23 -15.87 3.85
N TRP A 104 -39.12 -16.15 2.53
CA TRP A 104 -40.08 -15.72 1.51
C TRP A 104 -41.47 -16.28 1.76
N ASP A 105 -41.55 -17.55 2.20
CA ASP A 105 -42.82 -18.22 2.55
C ASP A 105 -43.49 -17.58 3.76
N LYS A 106 -42.69 -17.01 4.68
CA LYS A 106 -43.20 -16.36 5.89
C LYS A 106 -43.62 -14.91 5.64
N GLY A 107 -43.44 -14.44 4.40
CA GLY A 107 -43.79 -13.09 3.98
C GLY A 107 -42.63 -12.10 3.99
N TYR A 108 -41.39 -12.58 4.19
CA TYR A 108 -40.19 -11.75 4.24
C TYR A 108 -39.45 -11.74 2.91
N LYS A 109 -39.83 -10.81 2.04
CA LYS A 109 -39.28 -10.64 0.70
C LYS A 109 -38.49 -9.33 0.58
N GLY A 110 -38.49 -8.50 1.61
CA GLY A 110 -37.77 -7.23 1.61
C GLY A 110 -38.65 -6.01 1.39
N GLN A 111 -39.97 -6.18 1.32
CA GLN A 111 -40.92 -5.09 1.16
C GLN A 111 -40.87 -4.13 2.36
N GLY A 112 -40.80 -2.84 2.06
CA GLY A 112 -40.73 -1.79 3.07
C GLY A 112 -39.32 -1.48 3.50
N LYS A 113 -38.33 -2.16 2.89
CA LYS A 113 -36.92 -1.97 3.23
C LYS A 113 -36.16 -1.35 2.10
N VAL A 114 -35.04 -0.72 2.46
CA VAL A 114 -34.13 -0.06 1.52
C VAL A 114 -32.71 -0.57 1.78
N VAL A 115 -31.97 -0.83 0.68
CA VAL A 115 -30.57 -1.23 0.67
C VAL A 115 -29.76 -0.18 -0.07
N ALA A 116 -28.73 0.38 0.59
CA ALA A 116 -27.82 1.33 -0.05
C ALA A 116 -26.66 0.57 -0.64
N VAL A 117 -26.54 0.58 -1.97
CA VAL A 117 -25.41 -0.09 -2.63
C VAL A 117 -24.42 0.98 -3.02
N ILE A 118 -23.23 0.92 -2.42
CA ILE A 118 -22.12 1.84 -2.69
C ILE A 118 -21.17 1.08 -3.60
N ALA A 119 -21.24 1.37 -4.90
CA ALA A 119 -20.47 0.63 -5.91
C ALA A 119 -20.07 1.49 -7.14
N THR A 120 -19.57 0.82 -8.20
CA THR A 120 -19.05 1.40 -9.45
C THR A 120 -20.09 2.02 -10.39
N GLY A 121 -21.27 1.44 -10.47
CA GLY A 121 -22.31 1.96 -11.36
C GLY A 121 -23.54 1.08 -11.36
N ILE A 122 -24.65 1.59 -11.90
CA ILE A 122 -25.92 0.88 -11.99
C ILE A 122 -26.65 1.32 -13.27
N ASP A 123 -27.51 0.44 -13.79
CA ASP A 123 -28.38 0.72 -14.91
C ASP A 123 -29.76 0.63 -14.27
N PRO A 124 -30.33 1.78 -13.86
CA PRO A 124 -31.63 1.76 -13.17
C PRO A 124 -32.84 1.38 -14.04
N ALA A 125 -32.62 1.29 -15.36
CA ALA A 125 -33.63 0.97 -16.35
C ALA A 125 -33.80 -0.54 -16.56
N HIS A 126 -32.88 -1.36 -16.00
CA HIS A 126 -32.86 -2.83 -16.12
C HIS A 126 -34.22 -3.46 -15.73
N GLN A 127 -34.67 -4.52 -16.48
CA GLN A 127 -35.95 -5.24 -16.25
C GLN A 127 -36.13 -5.80 -14.83
N SER A 128 -35.00 -6.04 -14.16
CA SER A 128 -34.82 -6.59 -12.82
C SER A 128 -35.05 -5.52 -11.74
N MET A 129 -34.79 -4.26 -12.08
CA MET A 129 -34.94 -3.11 -11.17
C MET A 129 -36.39 -2.66 -11.11
N ARG A 130 -37.18 -3.47 -10.36
CA ARG A 130 -38.61 -3.31 -10.13
C ARG A 130 -39.06 -3.87 -8.78
N ILE A 131 -40.20 -3.34 -8.26
CA ILE A 131 -40.92 -3.80 -7.05
C ILE A 131 -42.37 -4.14 -7.49
N SER A 132 -43.02 -5.08 -6.81
CA SER A 132 -44.38 -5.50 -7.14
C SER A 132 -45.45 -4.53 -6.65
N ASP A 133 -45.28 -3.97 -5.42
CA ASP A 133 -46.26 -3.06 -4.81
C ASP A 133 -45.61 -1.87 -4.09
N VAL A 134 -45.85 -0.63 -4.56
CA VAL A 134 -45.30 0.62 -3.97
C VAL A 134 -46.07 1.03 -2.71
N SER A 135 -47.26 0.43 -2.48
CA SER A 135 -48.08 0.72 -1.30
C SER A 135 -47.38 0.28 -0.02
N THR A 136 -46.68 -0.87 -0.06
CA THR A 136 -45.93 -1.42 1.08
C THR A 136 -44.46 -0.94 1.12
N ALA A 137 -43.99 -0.14 0.13
CA ALA A 137 -42.62 0.36 0.05
C ALA A 137 -42.33 1.54 1.02
N LYS A 138 -41.05 1.73 1.40
CA LYS A 138 -40.62 2.82 2.29
C LYS A 138 -40.75 4.22 1.65
N VAL A 139 -40.25 4.37 0.41
CA VAL A 139 -40.30 5.61 -0.37
C VAL A 139 -41.40 5.38 -1.43
N LYS A 140 -42.56 5.99 -1.20
CA LYS A 140 -43.75 5.81 -2.01
C LYS A 140 -43.81 6.65 -3.32
N SER A 141 -42.94 7.67 -3.46
CA SER A 141 -42.91 8.53 -4.66
C SER A 141 -41.65 9.40 -4.71
N LYS A 142 -41.49 10.16 -5.80
CA LYS A 142 -40.40 11.12 -6.06
C LYS A 142 -40.45 12.24 -5.01
N GLU A 143 -41.68 12.71 -4.66
CA GLU A 143 -41.97 13.76 -3.68
C GLU A 143 -41.55 13.34 -2.27
N ASP A 144 -41.81 12.07 -1.90
CA ASP A 144 -41.40 11.47 -0.62
C ASP A 144 -39.84 11.55 -0.54
N MET A 145 -39.11 11.20 -1.62
CA MET A 145 -37.63 11.30 -1.62
C MET A 145 -37.14 12.77 -1.54
N LEU A 146 -37.81 13.69 -2.26
CA LEU A 146 -37.49 15.12 -2.23
C LEU A 146 -37.63 15.68 -0.83
N ALA A 147 -38.64 15.21 -0.08
CA ALA A 147 -38.89 15.63 1.30
C ALA A 147 -37.76 15.11 2.20
N ARG A 148 -37.33 13.85 1.99
CA ARG A 148 -36.24 13.19 2.72
C ARG A 148 -34.93 13.93 2.51
N GLN A 149 -34.69 14.42 1.27
CA GLN A 149 -33.51 15.18 0.87
C GLN A 149 -33.45 16.53 1.60
N LYS A 150 -34.58 17.30 1.62
CA LYS A 150 -34.71 18.60 2.27
C LYS A 150 -34.43 18.50 3.78
N ALA A 151 -35.06 17.52 4.45
CA ALA A 151 -34.91 17.27 5.86
C ALA A 151 -33.52 16.80 6.22
N ALA A 152 -32.83 16.12 5.27
CA ALA A 152 -31.46 15.63 5.51
C ALA A 152 -30.36 16.65 5.12
N GLY A 153 -30.75 17.75 4.48
CA GLY A 153 -29.83 18.78 4.01
C GLY A 153 -29.05 18.38 2.76
N ILE A 154 -29.63 17.44 1.97
CA ILE A 154 -29.02 16.92 0.74
C ILE A 154 -29.63 17.62 -0.48
N ASN A 155 -28.84 18.55 -1.07
CA ASN A 155 -29.21 19.38 -2.22
C ASN A 155 -28.58 18.83 -3.51
N TYR A 156 -28.47 17.50 -3.60
CA TYR A 156 -27.91 16.75 -4.74
C TYR A 156 -28.57 15.39 -4.80
N GLY A 157 -28.27 14.62 -5.85
CA GLY A 157 -28.83 13.31 -6.03
C GLY A 157 -30.30 13.35 -6.44
N SER A 158 -30.81 12.23 -6.98
CA SER A 158 -32.18 12.19 -7.46
C SER A 158 -32.79 10.81 -7.34
N TRP A 159 -34.11 10.79 -7.26
CA TRP A 159 -34.96 9.60 -7.30
C TRP A 159 -35.01 9.25 -8.82
N ILE A 160 -34.97 7.96 -9.17
CA ILE A 160 -34.99 7.57 -10.60
C ILE A 160 -36.28 6.85 -10.94
N ASN A 161 -36.63 5.83 -10.13
CA ASN A 161 -37.87 5.06 -10.31
C ASN A 161 -38.32 4.50 -8.95
N ASP A 162 -39.38 3.69 -8.93
CA ASP A 162 -39.90 3.07 -7.71
C ASP A 162 -38.91 2.10 -7.05
N LYS A 163 -37.95 1.56 -7.82
CA LYS A 163 -36.92 0.65 -7.29
C LYS A 163 -35.67 1.43 -6.83
N VAL A 164 -35.05 2.23 -7.73
CA VAL A 164 -33.86 3.05 -7.46
C VAL A 164 -34.40 4.42 -6.95
N VAL A 165 -34.69 4.52 -5.64
CA VAL A 165 -35.34 5.69 -5.04
C VAL A 165 -34.39 6.85 -4.78
N PHE A 166 -33.08 6.61 -4.90
CA PHE A 166 -32.06 7.66 -4.81
C PHE A 166 -30.78 7.22 -5.44
N ALA A 167 -30.18 8.11 -6.25
CA ALA A 167 -28.88 7.93 -6.85
C ALA A 167 -28.14 9.24 -7.03
N HIS A 168 -26.82 9.19 -6.91
CA HIS A 168 -25.89 10.30 -7.10
C HIS A 168 -24.50 9.71 -7.40
N ASN A 169 -23.73 10.38 -8.28
CA ASN A 169 -22.36 10.02 -8.62
C ASN A 169 -21.45 10.94 -7.77
N TYR A 170 -20.85 10.39 -6.71
CA TYR A 170 -20.06 11.18 -5.75
C TYR A 170 -18.67 11.60 -6.24
N VAL A 171 -18.12 10.89 -7.21
CA VAL A 171 -16.78 11.18 -7.73
C VAL A 171 -16.81 12.42 -8.63
N GLU A 172 -17.79 12.46 -9.55
CA GLU A 172 -17.98 13.51 -10.55
C GLU A 172 -19.00 14.56 -10.10
N ASN A 173 -19.68 14.33 -8.95
CA ASN A 173 -20.74 15.18 -8.41
C ASN A 173 -21.79 15.47 -9.51
N SER A 174 -22.50 14.40 -9.91
CA SER A 174 -23.51 14.46 -10.96
C SER A 174 -24.55 13.35 -10.80
N ASP A 175 -25.44 13.21 -11.81
CA ASP A 175 -26.45 12.18 -11.89
C ASP A 175 -26.07 11.15 -13.00
N ASN A 176 -24.78 11.11 -13.37
CA ASN A 176 -24.23 10.15 -14.33
C ASN A 176 -23.86 8.91 -13.51
N ILE A 177 -24.86 8.05 -13.26
CA ILE A 177 -24.75 6.86 -12.40
C ILE A 177 -24.41 5.55 -13.15
N LYS A 178 -24.65 5.50 -14.47
CA LYS A 178 -24.39 4.32 -15.30
C LYS A 178 -22.93 4.22 -15.80
N GLU A 179 -22.36 3.03 -15.60
CA GLU A 179 -21.00 2.56 -15.87
C GLU A 179 -20.84 1.96 -17.27
N ASN A 180 -19.58 1.96 -17.79
CA ASN A 180 -19.14 1.36 -19.07
C ASN A 180 -19.98 1.83 -20.28
N GLN A 181 -20.23 3.15 -20.38
CA GLN A 181 -21.02 3.74 -21.46
C GLN A 181 -20.25 4.84 -22.19
N ASP A 241 -18.76 -9.74 -23.93
CA ASP A 241 -19.48 -9.60 -22.67
C ASP A 241 -19.07 -8.32 -21.91
N THR A 242 -17.80 -7.91 -22.07
CA THR A 242 -17.13 -6.74 -21.48
C THR A 242 -17.93 -5.42 -21.71
N LYS A 243 -18.56 -5.28 -22.90
CA LYS A 243 -19.36 -4.12 -23.32
C LYS A 243 -20.47 -3.72 -22.32
N TYR A 244 -21.13 -4.72 -21.69
CA TYR A 244 -22.26 -4.49 -20.78
C TYR A 244 -21.93 -4.72 -19.29
N GLU A 245 -20.69 -5.14 -19.00
CA GLU A 245 -20.16 -5.38 -17.67
C GLU A 245 -20.31 -4.15 -16.75
N SER A 246 -20.76 -4.40 -15.52
CA SER A 246 -20.95 -3.42 -14.45
C SER A 246 -20.96 -4.18 -13.12
N HIS A 247 -19.92 -3.95 -12.32
CA HIS A 247 -19.74 -4.56 -11.00
C HIS A 247 -20.94 -4.17 -10.13
N GLY A 248 -21.18 -2.87 -9.99
CA GLY A 248 -22.29 -2.33 -9.22
C GLY A 248 -23.65 -2.88 -9.58
N MET A 249 -23.92 -3.02 -10.91
CA MET A 249 -25.17 -3.57 -11.41
C MET A 249 -25.32 -5.05 -11.00
N HIS A 250 -24.20 -5.83 -11.12
CA HIS A 250 -24.11 -7.24 -10.74
C HIS A 250 -24.46 -7.39 -9.27
N VAL A 251 -23.79 -6.59 -8.41
CA VAL A 251 -23.98 -6.52 -6.95
C VAL A 251 -25.42 -6.25 -6.58
N THR A 252 -26.05 -5.26 -7.22
CA THR A 252 -27.45 -4.83 -6.99
C THR A 252 -28.46 -5.94 -7.36
N GLY A 253 -28.17 -6.69 -8.42
CA GLY A 253 -29.00 -7.82 -8.86
C GLY A 253 -29.06 -8.93 -7.83
N ILE A 254 -27.95 -9.17 -7.11
CA ILE A 254 -27.77 -10.21 -6.09
C ILE A 254 -28.57 -9.92 -4.83
N VAL A 255 -28.57 -8.67 -4.38
CA VAL A 255 -29.33 -8.30 -3.18
C VAL A 255 -30.83 -8.15 -3.47
N ALA A 256 -31.19 -7.47 -4.59
CA ALA A 256 -32.56 -7.09 -4.88
C ALA A 256 -33.06 -7.22 -6.32
N GLY A 257 -32.50 -8.11 -7.12
CA GLY A 257 -33.04 -8.35 -8.46
C GLY A 257 -34.45 -8.88 -8.37
N ASN A 258 -35.29 -8.50 -9.33
CA ASN A 258 -36.70 -8.91 -9.33
C ASN A 258 -37.23 -8.99 -10.76
N SER A 259 -36.51 -9.72 -11.64
CA SER A 259 -36.92 -9.86 -13.02
C SER A 259 -38.19 -10.72 -13.21
N LYS A 260 -39.11 -10.24 -14.07
CA LYS A 260 -40.35 -10.91 -14.45
C LYS A 260 -40.04 -11.72 -15.73
N GLU A 261 -39.11 -11.19 -16.57
CA GLU A 261 -38.64 -11.76 -17.83
C GLU A 261 -37.50 -12.77 -17.64
N ALA A 262 -37.51 -13.85 -18.43
CA ALA A 262 -36.54 -14.94 -18.39
C ALA A 262 -35.19 -14.53 -18.98
N ALA A 263 -34.10 -15.00 -18.36
CA ALA A 263 -32.74 -14.80 -18.86
C ALA A 263 -32.46 -15.92 -19.88
N ALA A 264 -31.20 -16.12 -20.31
CA ALA A 264 -30.87 -17.13 -21.33
C ALA A 264 -31.18 -18.59 -20.94
N THR A 265 -31.15 -18.93 -19.63
CA THR A 265 -31.47 -20.28 -19.13
C THR A 265 -32.96 -20.62 -19.19
N GLY A 266 -33.79 -19.64 -19.54
CA GLY A 266 -35.24 -19.77 -19.59
C GLY A 266 -35.87 -19.42 -18.25
N GLU A 267 -35.00 -19.18 -17.26
CA GLU A 267 -35.34 -18.85 -15.88
C GLU A 267 -35.25 -17.35 -15.64
N ARG A 268 -36.09 -16.85 -14.72
CA ARG A 268 -36.00 -15.47 -14.25
C ARG A 268 -35.14 -15.46 -12.98
N PHE A 269 -34.37 -14.39 -12.82
CA PHE A 269 -33.43 -14.27 -11.73
C PHE A 269 -33.88 -13.30 -10.70
N LEU A 270 -33.90 -13.75 -9.43
CA LEU A 270 -34.30 -12.92 -8.28
C LEU A 270 -33.15 -12.82 -7.29
N GLY A 271 -33.04 -11.67 -6.63
CA GLY A 271 -32.07 -11.44 -5.56
C GLY A 271 -32.60 -12.00 -4.25
N ILE A 272 -31.84 -11.83 -3.16
CA ILE A 272 -32.27 -12.36 -1.84
C ILE A 272 -33.54 -11.64 -1.36
N ALA A 273 -33.56 -10.30 -1.46
CA ALA A 273 -34.69 -9.45 -1.07
C ALA A 273 -35.26 -8.76 -2.35
N PRO A 274 -36.11 -9.48 -3.14
CA PRO A 274 -36.57 -8.90 -4.41
C PRO A 274 -37.51 -7.70 -4.32
N GLU A 275 -38.23 -7.53 -3.20
CA GLU A 275 -39.18 -6.43 -3.07
C GLU A 275 -38.63 -5.22 -2.35
N ALA A 276 -37.33 -5.20 -2.14
CA ALA A 276 -36.68 -4.10 -1.46
C ALA A 276 -36.35 -2.96 -2.43
N GLN A 277 -36.25 -1.74 -1.89
CA GLN A 277 -35.87 -0.58 -2.68
C GLN A 277 -34.38 -0.40 -2.58
N VAL A 278 -33.82 0.22 -3.60
CA VAL A 278 -32.39 0.43 -3.76
C VAL A 278 -32.04 1.91 -3.75
N MET A 279 -30.95 2.24 -3.07
CA MET A 279 -30.31 3.54 -3.07
C MET A 279 -28.96 3.25 -3.68
N PHE A 280 -28.55 4.02 -4.69
CA PHE A 280 -27.28 3.77 -5.33
C PHE A 280 -26.30 4.96 -5.19
N MET A 281 -25.18 4.73 -4.48
CA MET A 281 -24.13 5.72 -4.28
C MET A 281 -22.99 5.34 -5.20
N ARG A 282 -22.76 6.14 -6.24
CA ARG A 282 -21.69 5.82 -7.16
C ARG A 282 -20.38 6.44 -6.66
N VAL A 283 -19.49 5.58 -6.12
CA VAL A 283 -18.17 5.90 -5.51
C VAL A 283 -17.17 4.84 -5.97
N PHE A 284 -15.96 5.29 -6.36
CA PHE A 284 -14.89 4.42 -6.84
C PHE A 284 -13.49 5.03 -6.70
N ALA A 285 -12.47 4.18 -6.82
CA ALA A 285 -11.05 4.58 -6.73
C ALA A 285 -10.61 5.26 -8.02
N ASN A 286 -9.89 6.38 -7.89
CA ASN A 286 -9.42 7.20 -9.04
C ASN A 286 -7.97 7.62 -8.80
N ASP A 287 -7.26 8.06 -9.84
CA ASP A 287 -5.85 8.49 -9.69
C ASP A 287 -5.72 9.72 -8.77
N ILE A 288 -6.64 10.68 -8.86
CA ILE A 288 -6.49 11.94 -8.06
C ILE A 288 -6.47 11.62 -6.56
N MET A 289 -7.40 10.78 -6.09
CA MET A 289 -7.43 10.33 -4.68
C MET A 289 -7.75 8.84 -4.73
N GLY A 290 -6.75 7.98 -4.50
CA GLY A 290 -6.96 6.53 -4.64
C GLY A 290 -7.96 5.93 -3.66
N SER A 291 -7.85 6.27 -2.37
CA SER A 291 -8.75 5.68 -1.34
C SER A 291 -10.20 6.10 -1.53
N ALA A 292 -10.44 7.38 -1.83
CA ALA A 292 -11.81 7.93 -1.95
C ALA A 292 -12.60 7.58 -0.68
N GLU A 293 -11.90 7.31 0.42
CA GLU A 293 -12.52 6.98 1.72
C GLU A 293 -13.47 8.09 2.19
N SER A 294 -13.10 9.37 1.96
CA SER A 294 -13.89 10.54 2.31
C SER A 294 -15.23 10.58 1.57
N LEU A 295 -15.25 10.11 0.29
CA LEU A 295 -16.48 10.04 -0.52
C LEU A 295 -17.38 8.90 -0.02
N PHE A 296 -16.77 7.74 0.38
CA PHE A 296 -17.46 6.57 0.92
C PHE A 296 -18.10 6.89 2.28
N ILE A 297 -17.47 7.79 3.09
CA ILE A 297 -17.99 8.23 4.38
C ILE A 297 -19.25 9.06 4.14
N LYS A 298 -19.16 10.06 3.24
CA LYS A 298 -20.28 10.93 2.86
C LYS A 298 -21.45 10.12 2.28
N ALA A 299 -21.16 9.04 1.51
CA ALA A 299 -22.16 8.16 0.92
C ALA A 299 -22.87 7.35 2.03
N ILE A 300 -22.10 6.82 3.01
CA ILE A 300 -22.61 6.09 4.19
C ILE A 300 -23.57 7.00 4.98
N GLU A 301 -23.09 8.23 5.32
CA GLU A 301 -23.85 9.24 6.08
C GLU A 301 -25.17 9.60 5.38
N ASP A 302 -25.16 9.67 4.02
CA ASP A 302 -26.33 9.98 3.20
C ASP A 302 -27.34 8.88 3.26
N ALA A 303 -26.91 7.62 3.06
CA ALA A 303 -27.74 6.42 3.12
C ALA A 303 -28.49 6.32 4.46
N VAL A 304 -27.78 6.56 5.57
CA VAL A 304 -28.31 6.53 6.94
C VAL A 304 -29.35 7.64 7.09
N ALA A 305 -28.99 8.88 6.68
CA ALA A 305 -29.84 10.07 6.76
C ALA A 305 -31.11 9.99 5.88
N LEU A 306 -31.01 9.32 4.73
CA LEU A 306 -32.10 9.17 3.78
C LEU A 306 -33.01 7.96 4.08
N GLY A 307 -32.60 7.07 4.98
CA GLY A 307 -33.42 5.95 5.44
C GLY A 307 -33.09 4.54 5.02
N ALA A 308 -31.80 4.20 4.86
CA ALA A 308 -31.42 2.84 4.50
C ALA A 308 -31.49 1.92 5.71
N ASP A 309 -31.77 0.63 5.47
CA ASP A 309 -31.81 -0.42 6.49
C ASP A 309 -30.49 -1.19 6.49
N VAL A 310 -29.91 -1.41 5.31
CA VAL A 310 -28.63 -2.13 5.13
C VAL A 310 -27.77 -1.34 4.14
N ILE A 311 -26.43 -1.39 4.31
CA ILE A 311 -25.44 -0.75 3.44
C ILE A 311 -24.49 -1.84 2.99
N ASN A 312 -24.27 -1.94 1.68
CA ASN A 312 -23.34 -2.88 1.09
C ASN A 312 -22.16 -2.06 0.57
N LEU A 313 -21.00 -2.24 1.19
CA LEU A 313 -19.79 -1.47 0.88
C LEU A 313 -18.70 -2.40 0.33
N SER A 314 -18.11 -2.06 -0.82
CA SER A 314 -17.04 -2.90 -1.35
C SER A 314 -15.63 -2.39 -0.99
N LEU A 315 -15.51 -1.12 -0.52
CA LEU A 315 -14.29 -0.44 -0.04
C LEU A 315 -13.47 -1.37 0.87
N GLY A 316 -12.16 -1.38 0.67
CA GLY A 316 -11.29 -2.23 1.48
C GLY A 316 -9.79 -2.17 1.25
N THR A 317 -9.06 -2.27 2.36
CA THR A 317 -7.59 -2.32 2.39
C THR A 317 -7.27 -3.59 3.15
N ALA A 318 -6.39 -4.48 2.60
CA ALA A 318 -5.99 -5.76 3.19
C ALA A 318 -5.39 -5.62 4.59
N ASN A 319 -5.48 -6.71 5.36
CA ASN A 319 -4.95 -6.81 6.75
C ASN A 319 -5.54 -5.70 7.63
N GLY A 320 -6.87 -5.69 7.79
CA GLY A 320 -7.53 -4.66 8.60
C GLY A 320 -7.43 -4.96 10.09
N ALA A 321 -7.45 -3.92 10.91
CA ALA A 321 -7.41 -4.05 12.36
C ALA A 321 -8.84 -3.88 12.83
N GLN A 322 -9.18 -4.50 13.95
CA GLN A 322 -10.49 -4.35 14.54
C GLN A 322 -10.60 -3.04 15.33
N LEU A 323 -9.56 -2.69 16.07
CA LEU A 323 -9.60 -1.54 17.01
C LEU A 323 -8.83 -0.29 16.60
N SER A 324 -8.21 -0.26 15.42
CA SER A 324 -7.42 0.91 15.01
C SER A 324 -7.61 1.35 13.54
N GLY A 325 -8.83 1.22 13.02
CA GLY A 325 -9.15 1.70 11.66
C GLY A 325 -9.20 3.22 11.59
N SER A 326 -9.46 3.80 10.40
CA SER A 326 -9.54 5.27 10.29
C SER A 326 -10.70 5.83 11.13
N LYS A 327 -10.43 6.87 11.95
CA LYS A 327 -11.39 7.49 12.87
C LYS A 327 -12.71 7.98 12.20
N PRO A 328 -12.70 8.81 11.11
CA PRO A 328 -13.98 9.22 10.52
C PRO A 328 -14.78 8.09 9.86
N LEU A 329 -14.10 7.03 9.36
CA LEU A 329 -14.82 5.91 8.74
C LEU A 329 -15.47 5.02 9.80
N MET A 330 -14.75 4.78 10.90
CA MET A 330 -15.25 3.96 11.99
C MET A 330 -16.39 4.67 12.73
N GLU A 331 -16.32 6.02 12.85
CA GLU A 331 -17.35 6.87 13.46
C GLU A 331 -18.62 6.85 12.59
N ALA A 332 -18.46 6.91 11.24
CA ALA A 332 -19.60 6.87 10.32
C ALA A 332 -20.36 5.55 10.42
N ILE A 333 -19.63 4.42 10.51
CA ILE A 333 -20.16 3.06 10.64
C ILE A 333 -20.87 2.86 11.98
N GLU A 334 -20.33 3.47 13.05
CA GLU A 334 -20.91 3.42 14.40
C GLU A 334 -22.23 4.26 14.46
N LYS A 335 -22.33 5.35 13.67
CA LYS A 335 -23.57 6.12 13.62
C LYS A 335 -24.66 5.34 12.86
N ALA A 336 -24.24 4.49 11.89
CA ALA A 336 -25.12 3.63 11.10
C ALA A 336 -25.76 2.56 11.99
N LYS A 337 -24.96 1.87 12.82
CA LYS A 337 -25.39 0.84 13.79
C LYS A 337 -26.37 1.50 14.78
N LYS A 338 -26.09 2.73 15.26
CA LYS A 338 -26.97 3.47 16.17
C LYS A 338 -28.36 3.79 15.56
N ALA A 339 -28.42 3.88 14.21
CA ALA A 339 -29.63 4.14 13.43
C ALA A 339 -30.37 2.84 13.02
N GLY A 340 -29.81 1.70 13.40
CA GLY A 340 -30.36 0.38 13.09
C GLY A 340 -29.91 -0.17 11.74
N VAL A 341 -28.84 0.40 11.17
CA VAL A 341 -28.34 0.02 9.86
C VAL A 341 -27.27 -1.06 9.94
N SER A 342 -27.47 -2.17 9.17
CA SER A 342 -26.49 -3.26 9.04
C SER A 342 -25.48 -2.83 7.95
N VAL A 343 -24.20 -2.87 8.25
CA VAL A 343 -23.14 -2.50 7.32
C VAL A 343 -22.46 -3.78 6.90
N VAL A 344 -22.65 -4.17 5.63
CA VAL A 344 -22.13 -5.42 5.09
C VAL A 344 -21.00 -5.15 4.13
N VAL A 345 -19.81 -5.75 4.40
CA VAL A 345 -18.58 -5.54 3.64
C VAL A 345 -17.89 -6.88 3.29
N ALA A 346 -17.43 -6.99 2.05
CA ALA A 346 -16.65 -8.11 1.53
C ALA A 346 -15.35 -8.27 2.35
N ALA A 347 -14.89 -9.52 2.52
CA ALA A 347 -13.64 -9.78 3.28
C ALA A 347 -12.41 -9.34 2.50
N GLY A 348 -12.48 -9.43 1.16
CA GLY A 348 -11.41 -9.07 0.24
C GLY A 348 -11.02 -10.25 -0.63
N ASN A 349 -10.19 -10.01 -1.65
CA ASN A 349 -9.80 -11.13 -2.56
C ASN A 349 -8.28 -11.28 -2.63
N GLU A 350 -7.60 -11.42 -1.49
CA GLU A 350 -6.12 -11.57 -1.47
C GLU A 350 -5.69 -12.90 -0.86
N ARG A 351 -6.62 -13.78 -0.48
CA ARG A 351 -6.28 -15.09 0.17
C ARG A 351 -5.53 -14.85 1.49
N VAL A 352 -4.28 -15.32 1.58
CA VAL A 352 -3.40 -15.21 2.77
C VAL A 352 -2.06 -14.59 2.35
N TYR A 353 -1.18 -14.39 3.32
CA TYR A 353 0.17 -13.85 3.10
C TYR A 353 0.98 -14.70 2.03
N GLY A 354 1.56 -14.01 1.04
CA GLY A 354 2.37 -14.63 -0.03
C GLY A 354 1.56 -15.37 -1.09
N SER A 355 0.26 -15.10 -1.23
CA SER A 355 -0.64 -15.87 -2.14
C SER A 355 -0.18 -15.88 -3.60
N ASP A 356 0.46 -14.82 -4.10
CA ASP A 356 0.95 -14.80 -5.50
C ASP A 356 2.32 -15.48 -5.64
N HIS A 357 2.93 -15.89 -4.53
CA HIS A 357 4.28 -16.50 -4.54
C HIS A 357 4.22 -17.99 -4.17
N ASP A 358 3.92 -18.29 -2.91
CA ASP A 358 3.91 -19.67 -2.40
C ASP A 358 3.09 -19.73 -1.10
N ASP A 359 2.83 -20.95 -0.59
CA ASP A 359 2.10 -21.17 0.66
C ASP A 359 2.91 -20.61 1.83
N PRO A 360 2.28 -20.15 2.93
CA PRO A 360 3.09 -19.58 4.01
C PRO A 360 3.92 -20.60 4.76
N LEU A 361 5.08 -20.19 5.28
CA LEU A 361 5.95 -21.06 6.04
C LEU A 361 5.36 -21.36 7.40
N ALA A 362 5.42 -22.64 7.82
CA ALA A 362 4.88 -23.12 9.10
C ALA A 362 5.37 -22.34 10.32
N THR A 363 6.49 -21.58 10.18
CA THR A 363 7.10 -20.73 11.21
C THR A 363 6.50 -19.31 11.22
N ASN A 364 5.60 -19.01 10.27
CA ASN A 364 4.96 -17.71 10.09
C ASN A 364 3.43 -17.87 10.16
N PRO A 365 2.83 -18.15 11.34
CA PRO A 365 1.39 -18.43 11.36
C PRO A 365 0.45 -17.21 11.24
N ASP A 366 0.97 -15.94 11.24
CA ASP A 366 0.10 -14.74 11.13
C ASP A 366 -0.09 -14.27 9.68
N TYR A 367 -0.74 -15.14 8.90
CA TYR A 367 -0.90 -14.94 7.48
C TYR A 367 -2.23 -14.32 7.01
N GLY A 368 -3.09 -13.96 7.97
CA GLY A 368 -4.43 -13.39 7.70
C GLY A 368 -4.41 -12.08 6.92
N LEU A 369 -5.35 -11.90 6.00
CA LEU A 369 -5.38 -10.67 5.17
C LEU A 369 -6.77 -10.03 5.16
N VAL A 370 -7.71 -10.49 5.99
CA VAL A 370 -9.10 -9.93 5.98
C VAL A 370 -9.02 -8.41 6.10
N GLY A 371 -9.68 -7.73 5.17
CA GLY A 371 -9.57 -6.28 4.95
C GLY A 371 -10.42 -5.36 5.80
N SER A 372 -9.93 -4.13 5.89
CA SER A 372 -10.60 -3.02 6.61
C SER A 372 -11.54 -2.29 5.63
N PRO A 373 -12.84 -1.79 6.17
CA PRO A 373 -13.49 -1.77 7.49
C PRO A 373 -14.25 -3.04 7.92
N SER A 374 -14.24 -4.08 7.10
CA SER A 374 -14.95 -5.33 7.47
C SER A 374 -14.39 -5.89 8.79
N THR A 375 -13.13 -5.59 9.11
CA THR A 375 -12.46 -6.12 10.34
C THR A 375 -12.94 -5.39 11.59
N GLY A 376 -13.81 -4.38 11.42
CA GLY A 376 -14.39 -3.62 12.50
C GLY A 376 -15.40 -4.50 13.21
N ARG A 377 -15.60 -4.29 14.51
CA ARG A 377 -16.56 -5.11 15.27
C ARG A 377 -18.02 -4.97 14.74
N THR A 378 -18.44 -3.74 14.39
CA THR A 378 -19.78 -3.38 13.87
C THR A 378 -20.09 -4.01 12.47
N PRO A 379 -19.27 -3.82 11.38
CA PRO A 379 -19.62 -4.43 10.09
C PRO A 379 -19.64 -5.96 10.09
N THR A 380 -20.38 -6.53 9.13
CA THR A 380 -20.45 -7.98 8.93
C THR A 380 -19.44 -8.26 7.83
N SER A 381 -18.43 -9.07 8.15
CA SER A 381 -17.37 -9.45 7.18
C SER A 381 -17.79 -10.70 6.41
N VAL A 382 -17.71 -10.66 5.08
CA VAL A 382 -18.19 -11.75 4.25
C VAL A 382 -17.14 -12.44 3.38
N ALA A 383 -16.99 -13.76 3.62
CA ALA A 383 -16.15 -14.73 2.90
C ALA A 383 -16.96 -15.35 1.77
N ALA A 384 -16.30 -15.85 0.73
CA ALA A 384 -17.00 -16.44 -0.40
C ALA A 384 -16.73 -17.93 -0.61
N ILE A 385 -17.79 -18.65 -0.96
CA ILE A 385 -17.79 -20.06 -1.34
C ILE A 385 -18.17 -20.10 -2.84
N ASN A 386 -17.67 -21.12 -3.59
CA ASN A 386 -18.03 -21.26 -4.99
C ASN A 386 -19.41 -21.89 -5.14
N SER A 387 -20.22 -21.37 -6.10
CA SER A 387 -21.56 -21.86 -6.44
C SER A 387 -21.47 -23.30 -6.94
N LYS A 388 -22.51 -24.12 -6.67
CA LYS A 388 -22.55 -25.53 -7.13
C LYS A 388 -22.86 -25.62 -8.63
N TRP A 389 -23.45 -24.55 -9.17
CA TRP A 389 -23.86 -24.45 -10.55
C TRP A 389 -23.22 -23.26 -11.24
N VAL A 390 -22.91 -23.40 -12.54
CA VAL A 390 -22.33 -22.34 -13.37
C VAL A 390 -23.22 -22.09 -14.59
N ILE A 391 -23.34 -20.84 -15.03
CA ILE A 391 -24.08 -20.49 -16.25
C ILE A 391 -23.08 -19.86 -17.20
N GLN A 392 -22.70 -20.60 -18.26
CA GLN A 392 -21.71 -20.15 -19.23
C GLN A 392 -21.87 -20.85 -20.56
N ARG A 393 -21.12 -20.40 -21.58
CA ARG A 393 -21.10 -21.06 -22.89
C ARG A 393 -20.40 -22.40 -22.71
N LEU A 394 -21.12 -23.50 -22.97
CA LEU A 394 -20.65 -24.88 -22.84
C LEU A 394 -20.36 -25.50 -24.23
N MET A 395 -19.95 -26.79 -24.26
CA MET A 395 -19.66 -27.57 -25.48
C MET A 395 -20.62 -28.78 -25.55
N THR A 396 -21.43 -28.85 -26.61
CA THR A 396 -22.47 -29.89 -26.72
C THR A 396 -22.07 -31.04 -27.65
N VAL A 397 -22.34 -32.28 -27.19
CA VAL A 397 -22.15 -33.55 -27.94
C VAL A 397 -23.51 -34.24 -27.88
N LYS A 398 -24.31 -34.08 -28.95
CA LYS A 398 -25.73 -34.52 -29.00
C LYS A 398 -25.88 -36.03 -28.77
N GLU A 399 -24.92 -36.84 -29.22
CA GLU A 399 -24.99 -38.32 -29.03
C GLU A 399 -24.90 -38.71 -27.54
N LEU A 400 -24.24 -37.89 -26.70
CA LEU A 400 -24.06 -38.20 -25.26
C LEU A 400 -25.17 -37.55 -24.41
N GLU A 401 -26.32 -37.21 -25.03
CA GLU A 401 -27.49 -36.55 -24.39
C GLU A 401 -28.15 -37.42 -23.31
N ASN A 402 -27.97 -38.76 -23.36
CA ASN A 402 -28.58 -39.70 -22.38
C ASN A 402 -27.71 -39.85 -21.12
N ARG A 403 -26.62 -39.09 -20.99
CA ARG A 403 -25.77 -39.17 -19.78
C ARG A 403 -26.08 -38.00 -18.83
N ALA A 404 -26.84 -38.27 -17.77
CA ALA A 404 -27.23 -37.32 -16.72
C ALA A 404 -26.06 -37.03 -15.79
N ASP A 405 -25.03 -37.91 -15.82
CA ASP A 405 -23.79 -37.82 -15.05
C ASP A 405 -22.77 -36.91 -15.76
N LEU A 406 -23.07 -36.54 -17.02
CA LEU A 406 -22.25 -35.70 -17.90
C LEU A 406 -23.04 -34.47 -18.37
N ASN A 407 -23.97 -33.97 -17.52
CA ASN A 407 -24.83 -32.81 -17.76
C ASN A 407 -25.57 -32.90 -19.13
N HIS A 408 -26.06 -34.10 -19.44
CA HIS A 408 -26.81 -34.38 -20.69
C HIS A 408 -26.00 -34.07 -21.96
N GLY A 409 -24.68 -34.24 -21.92
CA GLY A 409 -23.84 -34.05 -23.13
C GLY A 409 -23.19 -32.68 -23.26
N LYS A 410 -23.28 -31.84 -22.22
CA LYS A 410 -22.68 -30.49 -22.25
C LYS A 410 -21.44 -30.38 -21.35
N ALA A 411 -20.32 -29.88 -21.91
CA ALA A 411 -19.05 -29.78 -21.19
C ALA A 411 -18.53 -28.36 -20.92
N ILE A 412 -17.86 -28.19 -19.76
CA ILE A 412 -17.18 -26.95 -19.36
C ILE A 412 -15.78 -27.07 -19.99
N TYR A 413 -15.35 -26.04 -20.72
CA TYR A 413 -14.04 -25.99 -21.35
C TYR A 413 -13.32 -24.70 -20.99
N SER A 414 -12.00 -24.76 -20.91
CA SER A 414 -11.21 -23.55 -20.53
C SER A 414 -10.16 -23.23 -21.59
N GLU A 415 -9.73 -21.97 -21.60
CA GLU A 415 -8.66 -21.49 -22.52
C GLU A 415 -7.61 -20.77 -21.68
N SER A 416 -6.47 -20.42 -22.29
CA SER A 416 -5.35 -19.74 -21.60
C SER A 416 -5.51 -18.21 -21.66
N VAL A 417 -4.42 -17.45 -21.43
CA VAL A 417 -4.48 -15.96 -21.45
C VAL A 417 -4.95 -15.47 -22.83
N ASP A 418 -4.51 -16.11 -23.92
CA ASP A 418 -4.96 -15.73 -25.29
C ASP A 418 -6.12 -16.64 -25.70
N PHE A 419 -7.27 -16.02 -26.01
CA PHE A 419 -8.51 -16.75 -26.40
C PHE A 419 -8.65 -16.73 -27.93
N LYS A 420 -8.72 -17.91 -28.57
CA LYS A 420 -8.83 -18.00 -30.03
C LYS A 420 -9.99 -18.90 -30.53
N ASP A 421 -10.94 -19.25 -29.64
CA ASP A 421 -12.08 -20.10 -30.01
C ASP A 421 -13.06 -19.46 -30.99
N ILE A 422 -13.04 -18.11 -31.12
CA ILE A 422 -13.89 -17.36 -32.07
C ILE A 422 -13.60 -17.74 -33.51
N LYS A 423 -12.30 -17.90 -33.86
CA LYS A 423 -11.80 -18.29 -35.18
C LYS A 423 -12.14 -19.74 -35.58
N ASP A 424 -12.53 -20.57 -34.60
CA ASP A 424 -12.88 -21.97 -34.80
C ASP A 424 -14.37 -22.15 -35.10
N SER A 425 -15.26 -21.68 -34.19
CA SER A 425 -16.71 -21.83 -34.30
C SER A 425 -17.48 -20.73 -33.57
N LEU A 426 -18.79 -20.63 -33.90
CA LEU A 426 -19.78 -19.72 -33.33
C LEU A 426 -21.12 -20.47 -33.38
N GLY A 427 -21.73 -20.70 -32.23
CA GLY A 427 -23.02 -21.38 -32.11
C GLY A 427 -22.97 -22.88 -32.37
N GLN A 433 -21.17 -26.90 -35.90
CA GLN A 433 -21.12 -28.39 -35.83
C GLN A 433 -19.77 -28.87 -36.36
N PHE A 434 -19.15 -29.79 -35.63
CA PHE A 434 -17.84 -30.37 -35.94
C PHE A 434 -17.70 -31.84 -35.55
N ALA A 435 -17.03 -32.62 -36.41
CA ALA A 435 -16.73 -34.02 -36.17
C ALA A 435 -15.33 -34.06 -35.53
N TYR A 436 -15.19 -34.74 -34.38
CA TYR A 436 -13.93 -34.87 -33.62
C TYR A 436 -13.37 -36.28 -33.79
N VAL A 437 -12.07 -36.47 -33.50
CA VAL A 437 -11.39 -37.78 -33.58
C VAL A 437 -10.47 -38.03 -32.38
N LYS A 438 -10.65 -39.19 -31.73
CA LYS A 438 -9.90 -39.60 -30.53
C LYS A 438 -8.46 -40.05 -30.85
N GLU A 439 -7.48 -39.61 -30.02
CA GLU A 439 -6.07 -39.99 -30.12
C GLU A 439 -5.62 -40.59 -28.79
N SER A 440 -4.81 -41.66 -28.87
CA SER A 440 -4.26 -42.38 -27.71
C SER A 440 -2.80 -41.98 -27.43
N THR A 441 -2.03 -41.63 -28.48
CA THR A 441 -0.61 -41.26 -28.37
C THR A 441 -0.36 -39.81 -28.82
N ASP A 442 0.58 -39.14 -28.12
CA ASP A 442 1.02 -37.76 -28.41
C ASP A 442 2.17 -37.77 -29.43
N ALA A 443 2.39 -38.94 -30.09
CA ALA A 443 3.43 -39.20 -31.09
C ALA A 443 2.83 -39.58 -32.45
N GLY A 444 3.67 -39.55 -33.49
CA GLY A 444 3.28 -39.89 -34.86
C GLY A 444 3.17 -41.39 -35.08
N ILE A 454 -11.69 -32.48 -34.97
CA ILE A 454 -10.95 -31.87 -33.87
C ILE A 454 -10.17 -32.95 -33.09
N ALA A 455 -8.89 -32.65 -32.75
CA ALA A 455 -8.01 -33.58 -32.03
C ALA A 455 -8.38 -33.75 -30.56
N LEU A 456 -8.94 -34.93 -30.24
CA LEU A 456 -9.31 -35.31 -28.88
C LEU A 456 -8.12 -36.06 -28.26
N ILE A 457 -7.41 -35.41 -27.32
CA ILE A 457 -6.20 -35.96 -26.68
C ILE A 457 -6.19 -35.90 -25.16
N GLU A 458 -5.70 -36.97 -24.50
CA GLU A 458 -5.54 -37.03 -23.05
C GLU A 458 -4.26 -36.29 -22.69
N ARG A 459 -4.33 -35.38 -21.67
CA ARG A 459 -3.21 -34.56 -21.15
C ARG A 459 -2.01 -35.45 -20.82
N ASP A 460 -0.81 -35.02 -21.23
CA ASP A 460 0.42 -35.76 -20.98
C ASP A 460 1.27 -35.05 -19.92
N PRO A 461 1.64 -35.74 -18.81
CA PRO A 461 2.47 -35.10 -17.77
C PRO A 461 3.91 -34.79 -18.24
N ASN A 462 4.41 -35.54 -19.25
CA ASN A 462 5.76 -35.36 -19.80
C ASN A 462 5.85 -34.19 -20.80
N LYS A 463 4.99 -34.19 -21.84
CA LYS A 463 4.96 -33.14 -22.87
C LYS A 463 4.10 -31.95 -22.45
N THR A 464 4.62 -30.72 -22.66
CA THR A 464 3.93 -29.46 -22.33
C THR A 464 2.66 -29.28 -23.17
N TYR A 465 1.83 -28.25 -22.87
CA TYR A 465 0.61 -27.95 -23.63
C TYR A 465 0.95 -27.51 -25.05
N ASP A 466 1.98 -26.64 -25.20
CA ASP A 466 2.51 -26.13 -26.46
C ASP A 466 2.87 -27.25 -27.47
N GLU A 467 3.71 -28.22 -27.05
CA GLU A 467 4.14 -29.33 -27.91
C GLU A 467 3.04 -30.35 -28.20
N MET A 468 1.94 -30.33 -27.43
CA MET A 468 0.79 -31.22 -27.69
C MET A 468 -0.02 -30.60 -28.85
N ILE A 469 -0.23 -29.26 -28.77
CA ILE A 469 -0.96 -28.43 -29.74
C ILE A 469 -0.25 -28.46 -31.12
N ALA A 470 1.07 -28.19 -31.14
CA ALA A 470 1.92 -28.18 -32.35
C ALA A 470 1.81 -29.49 -33.14
N LEU A 471 1.79 -30.65 -32.43
CA LEU A 471 1.66 -32.01 -33.01
C LEU A 471 0.32 -32.21 -33.76
N ALA A 472 -0.77 -31.57 -33.26
CA ALA A 472 -2.10 -31.65 -33.88
C ALA A 472 -2.16 -30.84 -35.18
N LYS A 473 -1.38 -29.74 -35.27
CA LYS A 473 -1.29 -28.83 -36.43
C LYS A 473 -0.62 -29.55 -37.62
N LYS A 474 0.49 -30.27 -37.34
CA LYS A 474 1.28 -31.05 -38.28
C LYS A 474 0.50 -32.22 -38.87
N HIS A 475 -0.42 -32.83 -38.10
CA HIS A 475 -1.20 -34.01 -38.54
C HIS A 475 -2.57 -33.68 -39.18
N GLY A 476 -2.99 -32.41 -39.13
CA GLY A 476 -4.26 -31.97 -39.70
C GLY A 476 -5.11 -31.19 -38.73
N LEU A 478 -7.12 -29.22 -37.06
CA LEU A 478 -8.55 -28.97 -37.02
C LEU A 478 -8.96 -28.25 -35.73
N GLY A 479 -8.55 -28.83 -34.59
CA GLY A 479 -8.79 -28.30 -33.25
C GLY A 479 -8.02 -29.06 -32.19
N VAL A 480 -7.82 -28.46 -31.00
CA VAL A 480 -7.09 -29.10 -29.90
C VAL A 480 -7.96 -29.20 -28.63
N LEU A 481 -8.75 -30.28 -28.53
CA LEU A 481 -9.60 -30.59 -27.38
C LEU A 481 -8.83 -31.55 -26.44
N ILE A 482 -8.11 -30.96 -25.46
CA ILE A 482 -7.27 -31.67 -24.47
C ILE A 482 -8.09 -32.09 -23.24
N PHE A 483 -8.07 -33.38 -22.91
CA PHE A 483 -8.78 -33.85 -21.73
C PHE A 483 -7.83 -34.33 -20.64
N ASN A 484 -8.07 -33.89 -19.40
CA ASN A 484 -7.30 -34.20 -18.20
C ASN A 484 -7.04 -35.71 -18.01
N ASN A 485 -5.86 -36.07 -17.48
CA ASN A 485 -5.49 -37.45 -17.18
C ASN A 485 -5.93 -37.85 -15.77
N LYS A 486 -6.28 -36.86 -14.92
CA LYS A 486 -6.71 -37.06 -13.55
C LYS A 486 -8.24 -37.12 -13.46
N PRO A 487 -8.82 -38.23 -12.95
CA PRO A 487 -10.28 -38.29 -12.82
C PRO A 487 -10.79 -37.40 -11.68
N GLY A 488 -11.90 -36.70 -11.94
CA GLY A 488 -12.55 -35.81 -10.98
C GLY A 488 -11.94 -34.42 -10.84
N GLN A 489 -10.75 -34.19 -11.42
CA GLN A 489 -10.06 -32.90 -11.32
C GLN A 489 -10.66 -31.81 -12.23
N SER A 490 -10.72 -30.57 -11.70
CA SER A 490 -11.18 -29.38 -12.44
C SER A 490 -10.17 -29.05 -13.52
N ASN A 491 -10.59 -28.33 -14.59
CA ASN A 491 -9.71 -27.98 -15.71
C ASN A 491 -8.49 -27.18 -15.27
N ARG A 492 -7.36 -27.44 -15.95
CA ARG A 492 -6.10 -26.79 -15.66
C ARG A 492 -6.01 -25.45 -16.41
N SER A 493 -5.18 -24.52 -15.88
CA SER A 493 -4.90 -23.22 -16.50
C SER A 493 -3.64 -23.41 -17.37
N MET A 494 -3.86 -23.52 -18.68
CA MET A 494 -2.77 -23.83 -19.66
C MET A 494 -1.74 -22.70 -19.77
N ARG A 495 -2.10 -21.48 -19.36
CA ARG A 495 -1.17 -20.32 -19.42
C ARG A 495 -0.56 -20.22 -20.81
N PHE A 507 -2.28 -21.59 -32.86
CA PHE A 507 -3.50 -22.32 -33.21
C PHE A 507 -4.46 -22.50 -32.03
N ILE A 508 -5.79 -22.55 -32.32
CA ILE A 508 -6.91 -22.69 -31.38
C ILE A 508 -6.79 -23.97 -30.52
N SER A 509 -6.93 -23.81 -29.18
CA SER A 509 -6.85 -24.87 -28.17
C SER A 509 -7.66 -24.55 -26.90
N HIS A 510 -8.09 -25.60 -26.18
CA HIS A 510 -8.92 -25.53 -24.97
C HIS A 510 -8.86 -26.85 -24.18
N GLU A 511 -9.00 -26.77 -22.85
CA GLU A 511 -9.00 -27.97 -22.01
C GLU A 511 -10.35 -28.30 -21.41
N PHE A 512 -10.61 -29.60 -21.11
CA PHE A 512 -11.84 -30.06 -20.47
C PHE A 512 -11.63 -31.38 -19.67
N GLY A 513 -12.63 -31.79 -18.88
CA GLY A 513 -12.61 -32.96 -18.00
C GLY A 513 -12.23 -34.31 -18.58
N LYS A 514 -11.72 -35.22 -17.72
CA LYS A 514 -11.31 -36.60 -18.03
C LYS A 514 -12.55 -37.47 -18.23
N ALA A 515 -13.45 -37.48 -17.22
CA ALA A 515 -14.69 -38.25 -17.17
C ALA A 515 -15.59 -37.96 -18.38
N MET A 516 -15.65 -36.68 -18.81
CA MET A 516 -16.43 -36.23 -19.98
C MET A 516 -15.83 -36.84 -21.25
N SER A 517 -14.51 -36.90 -21.33
CA SER A 517 -13.89 -37.49 -22.51
C SER A 517 -13.58 -38.99 -22.40
N GLN A 518 -14.01 -39.64 -21.31
CA GLN A 518 -13.85 -41.09 -21.20
C GLN A 518 -14.96 -41.70 -22.09
N LEU A 519 -16.12 -40.99 -22.19
CA LEU A 519 -17.26 -41.35 -23.03
C LEU A 519 -17.21 -40.69 -24.42
N ASN A 520 -16.51 -39.52 -24.54
CA ASN A 520 -16.24 -38.82 -25.80
C ASN A 520 -15.22 -39.69 -26.54
N GLY A 521 -14.25 -40.21 -25.78
CA GLY A 521 -13.17 -41.09 -26.23
C GLY A 521 -13.68 -42.37 -26.86
N ASN A 522 -14.80 -42.88 -26.33
CA ASN A 522 -15.48 -44.08 -26.84
C ASN A 522 -16.17 -43.77 -28.19
N GLY A 523 -15.35 -43.73 -29.25
CA GLY A 523 -15.76 -43.51 -30.64
C GLY A 523 -15.34 -42.20 -31.29
N THR A 524 -16.24 -41.70 -32.14
CA THR A 524 -16.14 -40.46 -32.94
C THR A 524 -17.57 -39.93 -33.20
N GLY A 525 -17.73 -38.61 -33.33
CA GLY A 525 -19.04 -38.00 -33.57
C GLY A 525 -19.14 -36.49 -33.55
N SER A 526 -20.26 -36.00 -33.01
CA SER A 526 -20.65 -34.56 -32.97
C SER A 526 -19.89 -33.75 -31.91
N LEU A 527 -19.74 -32.45 -32.19
CA LEU A 527 -19.12 -31.44 -31.31
C LEU A 527 -19.67 -30.06 -31.71
N GLU A 528 -20.01 -29.23 -30.72
CA GLU A 528 -20.55 -27.89 -31.01
C GLU A 528 -20.28 -26.92 -29.86
N PHE A 529 -19.64 -25.78 -30.16
CA PHE A 529 -19.39 -24.73 -29.17
C PHE A 529 -20.58 -23.75 -29.19
N ASP A 530 -21.41 -23.81 -28.14
CA ASP A 530 -22.61 -22.99 -27.99
C ASP A 530 -22.28 -21.51 -27.75
N SER A 531 -23.05 -20.63 -28.39
CA SER A 531 -22.93 -19.17 -28.30
C SER A 531 -23.72 -18.65 -27.10
N VAL A 532 -24.82 -19.35 -26.78
CA VAL A 532 -25.73 -19.04 -25.67
C VAL A 532 -25.26 -19.78 -24.42
N VAL A 533 -25.41 -19.12 -23.27
CA VAL A 533 -25.02 -19.64 -21.96
C VAL A 533 -25.95 -20.77 -21.51
N SER A 534 -25.39 -21.79 -20.81
CA SER A 534 -26.15 -22.92 -20.30
C SER A 534 -25.70 -23.31 -18.88
N LYS A 535 -26.62 -23.93 -18.10
CA LYS A 535 -26.36 -24.36 -16.74
C LYS A 535 -25.57 -25.66 -16.73
N ALA A 536 -24.58 -25.73 -15.84
CA ALA A 536 -23.69 -26.88 -15.67
C ALA A 536 -23.26 -27.00 -14.23
N PRO A 537 -23.07 -28.22 -13.69
CA PRO A 537 -22.58 -28.32 -12.31
C PRO A 537 -21.13 -27.86 -12.27
N SER A 538 -20.75 -27.12 -11.21
CA SER A 538 -19.41 -26.57 -11.09
C SER A 538 -18.39 -27.63 -10.77
N GLN A 539 -17.21 -27.48 -11.40
CA GLN A 539 -16.05 -28.36 -11.22
C GLN A 539 -15.39 -28.12 -9.87
N LYS A 540 -15.64 -26.94 -9.26
CA LYS A 540 -15.08 -26.48 -7.99
C LYS A 540 -16.18 -25.95 -7.04
N GLY A 541 -17.40 -26.45 -7.22
CA GLY A 541 -18.54 -26.11 -6.41
C GLY A 541 -18.42 -26.62 -4.99
N ASN A 542 -19.05 -25.90 -4.03
CA ASN A 542 -19.05 -26.20 -2.59
C ASN A 542 -17.62 -26.22 -2.02
N GLU A 543 -16.79 -25.32 -2.52
CA GLU A 543 -15.41 -25.16 -2.09
C GLU A 543 -15.25 -23.70 -1.80
N MET A 544 -14.50 -23.38 -0.74
CA MET A 544 -14.24 -21.99 -0.39
C MET A 544 -13.50 -21.33 -1.55
N ASN A 545 -13.83 -20.08 -1.90
CA ASN A 545 -13.13 -19.45 -3.02
C ASN A 545 -11.66 -19.31 -2.73
N HIS A 546 -10.84 -19.64 -3.73
CA HIS A 546 -9.37 -19.58 -3.59
C HIS A 546 -8.93 -18.19 -3.11
N PHE A 547 -9.54 -17.12 -3.63
CA PHE A 547 -9.09 -15.75 -3.29
C PHE A 547 -9.75 -15.18 -2.02
N SER A 548 -10.77 -15.83 -1.45
CA SER A 548 -11.45 -15.25 -0.26
C SER A 548 -10.46 -15.01 0.88
N ASN A 549 -10.49 -13.81 1.46
CA ASN A 549 -9.56 -13.39 2.54
C ASN A 549 -9.76 -14.18 3.83
N TRP A 550 -8.65 -14.62 4.41
CA TRP A 550 -8.65 -15.41 5.67
C TRP A 550 -8.37 -14.47 6.83
N GLY A 551 -8.69 -14.93 8.03
CA GLY A 551 -8.28 -14.21 9.25
C GLY A 551 -6.95 -14.74 9.73
N LEU A 552 -6.42 -14.17 10.82
CA LEU A 552 -7.16 -13.26 11.73
C LEU A 552 -6.98 -11.81 11.28
N THR A 553 -7.51 -10.92 12.12
CA THR A 553 -7.42 -9.44 12.05
C THR A 553 -5.99 -9.03 12.42
N SER A 554 -5.50 -7.86 12.00
CA SER A 554 -4.11 -7.54 12.35
C SER A 554 -3.85 -7.53 13.89
N ASP A 555 -4.89 -7.22 14.71
CA ASP A 555 -4.81 -7.24 16.18
C ASP A 555 -5.33 -8.60 16.80
N GLY A 556 -5.48 -9.63 15.97
CA GLY A 556 -5.84 -10.97 16.38
C GLY A 556 -7.27 -11.32 16.71
N TYR A 557 -8.26 -10.76 16.03
CA TYR A 557 -9.66 -11.09 16.25
C TYR A 557 -10.16 -11.97 15.11
N LEU A 558 -11.21 -12.74 15.37
CA LEU A 558 -11.76 -13.61 14.36
C LEU A 558 -12.68 -12.86 13.40
N LYS A 559 -12.19 -12.78 12.16
CA LYS A 559 -12.86 -12.22 10.96
C LYS A 559 -12.43 -13.11 9.78
N PRO A 560 -13.22 -13.44 8.75
CA PRO A 560 -14.57 -12.92 8.56
C PRO A 560 -15.61 -13.56 9.50
N ASP A 561 -16.80 -13.00 9.45
CA ASP A 561 -17.95 -13.36 10.28
C ASP A 561 -18.78 -14.47 9.71
N ILE A 562 -18.95 -14.51 8.38
CA ILE A 562 -19.86 -15.45 7.71
C ILE A 562 -19.46 -15.68 6.22
N THR A 563 -20.01 -16.75 5.60
CA THR A 563 -19.79 -17.15 4.22
C THR A 563 -21.11 -17.16 3.44
N ALA A 564 -21.04 -16.89 2.11
CA ALA A 564 -22.18 -16.85 1.19
C ALA A 564 -21.65 -17.11 -0.25
N PRO A 565 -22.49 -17.59 -1.22
CA PRO A 565 -21.94 -17.87 -2.57
C PRO A 565 -21.43 -16.62 -3.28
N GLY A 566 -20.17 -16.68 -3.70
CA GLY A 566 -19.49 -15.57 -4.37
C GLY A 566 -18.72 -15.94 -5.62
N GLY A 567 -18.49 -17.23 -5.85
CA GLY A 567 -17.78 -17.77 -7.00
C GLY A 567 -18.73 -18.26 -8.08
N ASP A 568 -18.59 -17.71 -9.31
CA ASP A 568 -19.40 -17.97 -10.52
C ASP A 568 -20.86 -17.55 -10.35
N ILE A 569 -21.07 -16.33 -9.89
CA ILE A 569 -22.42 -15.81 -9.64
C ILE A 569 -22.99 -15.12 -10.87
N TYR A 570 -24.11 -15.64 -11.36
CA TYR A 570 -24.81 -15.11 -12.51
C TYR A 570 -25.81 -14.06 -12.06
N SER A 571 -25.54 -12.79 -12.41
CA SER A 571 -26.41 -11.67 -12.03
C SER A 571 -26.55 -10.65 -13.16
N THR A 572 -27.23 -9.54 -12.89
CA THR A 572 -27.55 -8.46 -13.84
C THR A 572 -26.38 -7.61 -14.32
N TYR A 573 -26.34 -7.36 -15.63
CA TYR A 573 -25.37 -6.48 -16.31
C TYR A 573 -26.16 -5.38 -17.02
N ASN A 574 -25.49 -4.40 -17.65
CA ASN A 574 -26.15 -3.29 -18.36
C ASN A 574 -27.04 -3.71 -19.51
N ASP A 575 -28.04 -2.89 -19.84
CA ASP A 575 -28.95 -3.01 -20.97
C ASP A 575 -29.60 -4.41 -21.08
N ASN A 576 -30.22 -4.84 -19.97
CA ASN A 576 -30.94 -6.11 -19.79
C ASN A 576 -30.07 -7.35 -20.02
N HIS A 577 -28.75 -7.19 -19.89
CA HIS A 577 -27.78 -8.28 -20.00
C HIS A 577 -27.52 -8.91 -18.65
N TYR A 578 -26.83 -10.06 -18.66
CA TYR A 578 -26.49 -10.86 -17.49
C TYR A 578 -25.11 -11.48 -17.69
N GLY A 579 -24.40 -11.68 -16.60
CA GLY A 579 -23.07 -12.29 -16.61
C GLY A 579 -22.63 -12.86 -15.28
N SER A 580 -21.52 -13.64 -15.29
CA SER A 580 -20.92 -14.26 -14.11
C SER A 580 -19.69 -13.51 -13.62
N GLN A 581 -19.56 -13.41 -12.30
CA GLN A 581 -18.43 -12.77 -11.62
C GLN A 581 -18.14 -13.55 -10.32
N THR A 582 -16.86 -13.49 -9.89
CA THR A 582 -16.28 -14.16 -8.72
C THR A 582 -15.67 -13.13 -7.75
N GLY A 583 -15.95 -13.31 -6.47
CA GLY A 583 -15.41 -12.47 -5.42
C GLY A 583 -16.27 -12.39 -4.19
N THR A 584 -15.66 -11.95 -3.10
CA THR A 584 -16.32 -11.70 -1.82
C THR A 584 -17.30 -10.55 -2.04
N ALA A 585 -17.08 -9.75 -3.10
CA ALA A 585 -17.93 -8.63 -3.54
C ALA A 585 -19.30 -9.10 -4.07
N MET A 586 -19.42 -10.40 -4.46
CA MET A 586 -20.66 -11.05 -4.94
C MET A 586 -21.32 -11.81 -3.77
N ALA A 587 -20.50 -12.24 -2.76
CA ALA A 587 -20.95 -12.90 -1.53
C ALA A 587 -21.54 -11.85 -0.59
N SER A 588 -20.95 -10.64 -0.54
CA SER A 588 -21.40 -9.51 0.29
C SER A 588 -22.88 -9.16 0.09
N PRO A 589 -23.42 -8.93 -1.15
CA PRO A 589 -24.84 -8.64 -1.26
C PRO A 589 -25.78 -9.81 -0.91
N GLN A 590 -25.28 -11.08 -0.79
CA GLN A 590 -26.16 -12.19 -0.34
C GLN A 590 -26.54 -11.96 1.13
N ILE A 591 -25.55 -11.54 1.92
CA ILE A 591 -25.64 -11.21 3.35
C ILE A 591 -26.38 -9.91 3.55
N ALA A 592 -26.18 -8.94 2.66
CA ALA A 592 -26.88 -7.66 2.70
C ALA A 592 -28.38 -7.91 2.53
N GLY A 593 -28.75 -8.76 1.56
CA GLY A 593 -30.13 -9.13 1.29
C GLY A 593 -30.78 -9.91 2.44
N ALA A 594 -30.01 -10.84 3.04
CA ALA A 594 -30.40 -11.71 4.16
C ALA A 594 -30.64 -10.86 5.38
N SER A 595 -29.76 -9.85 5.62
CA SER A 595 -29.87 -8.87 6.71
C SER A 595 -31.18 -8.07 6.62
N LEU A 596 -31.65 -7.75 5.37
CA LEU A 596 -32.92 -7.04 5.15
C LEU A 596 -34.10 -7.91 5.64
N LEU A 597 -34.06 -9.22 5.31
CA LEU A 597 -35.09 -10.21 5.67
C LEU A 597 -35.11 -10.51 7.16
N VAL A 598 -33.92 -10.61 7.81
CA VAL A 598 -33.84 -10.86 9.25
C VAL A 598 -34.34 -9.61 10.03
N LYS A 599 -33.98 -8.37 9.56
CA LYS A 599 -34.44 -7.11 10.18
C LYS A 599 -35.95 -7.02 10.15
N GLN A 600 -36.55 -7.37 9.02
CA GLN A 600 -37.98 -7.39 8.76
C GLN A 600 -38.63 -8.45 9.67
N TYR A 601 -37.94 -9.55 9.92
CA TYR A 601 -38.43 -10.62 10.80
C TYR A 601 -38.44 -10.16 12.28
N LEU A 602 -37.38 -9.45 12.73
CA LEU A 602 -37.26 -8.94 14.11
C LEU A 602 -38.19 -7.75 14.36
N GLU A 603 -38.55 -7.01 13.30
CA GLU A 603 -39.47 -5.89 13.49
C GLU A 603 -40.89 -6.39 13.69
N LYS A 604 -41.22 -7.55 13.09
CA LYS A 604 -42.52 -8.18 13.27
C LYS A 604 -42.61 -8.93 14.61
N THR A 605 -41.62 -9.79 14.90
CA THR A 605 -41.60 -10.71 16.06
C THR A 605 -41.01 -10.14 17.36
N GLN A 606 -40.15 -9.11 17.27
CA GLN A 606 -39.54 -8.48 18.46
C GLN A 606 -39.72 -6.95 18.32
N PRO A 607 -40.99 -6.43 18.28
CA PRO A 607 -41.19 -5.00 18.01
C PRO A 607 -40.66 -4.02 19.05
N ASN A 608 -40.34 -4.50 20.26
CA ASN A 608 -39.81 -3.64 21.31
C ASN A 608 -38.30 -3.49 21.26
N LEU A 609 -37.61 -4.30 20.40
CA LEU A 609 -36.16 -4.26 20.21
C LEU A 609 -35.80 -2.89 19.61
N PRO A 610 -35.08 -2.02 20.36
CA PRO A 610 -34.75 -0.68 19.83
C PRO A 610 -33.77 -0.65 18.67
N LYS A 611 -33.78 0.49 17.93
CA LYS A 611 -32.95 0.83 16.78
C LYS A 611 -31.49 0.45 17.01
N GLU A 612 -30.94 0.87 18.14
CA GLU A 612 -29.55 0.73 18.54
C GLU A 612 -29.11 -0.70 18.82
N LYS A 613 -30.07 -1.63 18.99
CA LYS A 613 -29.75 -3.03 19.27
C LYS A 613 -30.00 -4.02 18.11
N ILE A 614 -30.82 -3.63 17.11
CA ILE A 614 -31.29 -4.50 16.01
C ILE A 614 -30.14 -5.03 15.06
N ALA A 615 -29.12 -4.21 14.69
CA ALA A 615 -28.03 -4.60 13.78
C ALA A 615 -27.18 -5.74 14.34
N ASP A 616 -26.87 -5.70 15.63
CA ASP A 616 -26.12 -6.75 16.34
C ASP A 616 -26.91 -8.07 16.41
N ILE A 617 -28.26 -8.01 16.58
CA ILE A 617 -29.11 -9.22 16.64
C ILE A 617 -29.31 -9.85 15.24
N VAL A 618 -29.47 -9.00 14.18
CA VAL A 618 -29.58 -9.48 12.79
C VAL A 618 -28.31 -10.36 12.48
N LYS A 619 -27.12 -9.86 12.84
CA LYS A 619 -25.82 -10.48 12.62
C LYS A 619 -25.67 -11.76 13.41
N ASN A 620 -26.03 -11.72 14.70
CA ASN A 620 -25.97 -12.84 15.62
C ASN A 620 -26.85 -14.00 15.17
N LEU A 621 -28.08 -13.73 14.67
CA LEU A 621 -28.96 -14.77 14.13
C LEU A 621 -28.39 -15.41 12.85
N LEU A 622 -27.84 -14.61 11.92
CA LEU A 622 -27.23 -15.13 10.69
C LEU A 622 -25.99 -15.99 11.00
N MET A 623 -25.18 -15.57 11.98
CA MET A 623 -23.95 -16.27 12.40
C MET A 623 -24.20 -17.59 13.10
N SER A 624 -25.11 -17.58 14.07
CA SER A 624 -25.44 -18.77 14.85
C SER A 624 -26.19 -19.82 14.05
N ASN A 625 -27.09 -19.39 13.15
CA ASN A 625 -27.87 -20.30 12.32
C ASN A 625 -27.12 -20.74 11.05
N ALA A 626 -25.90 -20.21 10.82
CA ALA A 626 -25.07 -20.58 9.68
C ALA A 626 -24.76 -22.08 9.69
N GLN A 627 -24.54 -22.67 8.49
CA GLN A 627 -24.24 -24.09 8.30
C GLN A 627 -22.71 -24.27 8.18
N ILE A 628 -22.10 -25.08 9.08
CA ILE A 628 -20.65 -25.29 9.09
C ILE A 628 -20.20 -26.07 7.86
N HIS A 629 -19.25 -25.49 7.09
CA HIS A 629 -18.68 -26.11 5.89
C HIS A 629 -17.62 -27.13 6.25
N VAL A 630 -17.61 -28.25 5.53
CA VAL A 630 -16.65 -29.34 5.62
C VAL A 630 -15.98 -29.35 4.25
N ASN A 631 -14.66 -29.23 4.20
CA ASN A 631 -13.92 -29.23 2.94
C ASN A 631 -14.19 -30.53 2.17
N PRO A 632 -14.76 -30.45 0.94
CA PRO A 632 -15.15 -31.69 0.24
C PRO A 632 -14.00 -32.57 -0.23
N GLU A 633 -12.78 -32.03 -0.20
CA GLU A 633 -11.58 -32.74 -0.65
C GLU A 633 -10.87 -33.42 0.53
N THR A 634 -10.58 -32.66 1.61
CA THR A 634 -9.92 -33.18 2.80
C THR A 634 -10.88 -33.91 3.72
N LYS A 635 -12.17 -33.62 3.59
CA LYS A 635 -13.24 -34.18 4.43
C LYS A 635 -13.17 -33.62 5.88
N THR A 636 -12.41 -32.53 6.09
CA THR A 636 -12.30 -31.90 7.42
C THR A 636 -13.05 -30.55 7.46
N THR A 637 -13.56 -30.16 8.65
CA THR A 637 -14.27 -28.88 8.85
C THR A 637 -13.40 -27.72 8.35
N THR A 638 -13.95 -26.81 7.53
CA THR A 638 -13.21 -25.64 7.07
C THR A 638 -12.93 -24.78 8.31
N SER A 639 -11.76 -24.12 8.33
CA SER A 639 -11.32 -23.26 9.42
C SER A 639 -12.26 -22.07 9.69
N PRO A 640 -12.52 -21.71 10.96
CA PRO A 640 -13.32 -20.50 11.25
C PRO A 640 -12.67 -19.22 10.69
N ARG A 641 -11.34 -19.24 10.50
CA ARG A 641 -10.59 -18.12 9.96
C ARG A 641 -10.84 -17.95 8.45
N GLN A 642 -11.41 -18.98 7.80
CA GLN A 642 -11.73 -18.96 6.36
C GLN A 642 -13.25 -18.81 6.11
N GLN A 643 -14.08 -19.56 6.85
CA GLN A 643 -15.51 -19.52 6.63
C GLN A 643 -16.27 -18.65 7.64
N GLY A 644 -15.64 -18.35 8.77
CA GLY A 644 -16.26 -17.60 9.85
C GLY A 644 -17.22 -18.52 10.60
N ALA A 645 -18.46 -18.08 10.76
CA ALA A 645 -19.51 -18.82 11.45
C ALA A 645 -20.09 -20.00 10.64
N GLY A 646 -19.85 -19.98 9.33
CA GLY A 646 -20.35 -20.97 8.38
C GLY A 646 -21.07 -20.31 7.23
N LEU A 647 -21.75 -21.13 6.42
CA LEU A 647 -22.53 -20.72 5.24
C LEU A 647 -23.92 -20.20 5.62
N LEU A 648 -24.29 -19.03 5.06
CA LEU A 648 -25.60 -18.39 5.22
C LEU A 648 -26.76 -19.40 5.16
N ASN A 649 -27.65 -19.32 6.15
CA ASN A 649 -28.85 -20.12 6.29
C ASN A 649 -29.92 -19.11 6.71
N ILE A 650 -30.70 -18.65 5.72
CA ILE A 650 -31.75 -17.64 5.90
C ILE A 650 -32.93 -18.23 6.67
N ASP A 651 -33.37 -19.45 6.29
CA ASP A 651 -34.47 -20.16 6.92
C ASP A 651 -34.24 -20.35 8.41
N GLY A 652 -33.07 -20.87 8.78
CA GLY A 652 -32.66 -21.07 10.17
C GLY A 652 -32.68 -19.81 11.00
N ALA A 653 -32.17 -18.69 10.44
CA ALA A 653 -32.12 -17.37 11.08
C ALA A 653 -33.51 -16.75 11.31
N VAL A 654 -34.55 -17.21 10.56
CA VAL A 654 -35.93 -16.72 10.72
C VAL A 654 -36.85 -17.78 11.36
N THR A 655 -36.43 -19.06 11.44
CA THR A 655 -37.24 -20.16 11.96
C THR A 655 -36.88 -20.48 13.40
N SER A 656 -35.58 -20.72 13.65
CA SER A 656 -35.16 -20.97 15.03
C SER A 656 -35.23 -19.62 15.76
N GLY A 657 -35.35 -19.67 17.06
CA GLY A 657 -35.38 -18.41 17.80
C GLY A 657 -34.12 -18.35 18.61
N LEU A 658 -33.06 -18.98 18.09
CA LEU A 658 -31.78 -19.15 18.78
C LEU A 658 -30.57 -18.46 18.17
N TYR A 659 -29.69 -17.97 19.05
CA TYR A 659 -28.39 -17.42 18.71
C TYR A 659 -27.42 -17.68 19.86
N VAL A 660 -26.14 -17.87 19.51
CA VAL A 660 -25.04 -18.21 20.40
C VAL A 660 -24.05 -17.07 20.54
N THR A 661 -23.61 -16.84 21.78
CA THR A 661 -22.72 -15.76 22.19
C THR A 661 -21.58 -16.26 23.13
N GLY A 662 -20.46 -15.54 23.13
CA GLY A 662 -19.37 -15.74 24.08
C GLY A 662 -19.46 -14.62 25.13
N LYS A 663 -18.42 -14.49 25.98
CA LYS A 663 -18.28 -13.46 27.05
C LYS A 663 -18.56 -12.02 26.52
N ASP A 664 -18.05 -11.72 25.30
CA ASP A 664 -18.12 -10.46 24.55
C ASP A 664 -19.50 -10.09 24.00
N ASN A 665 -20.49 -11.03 24.04
CA ASN A 665 -21.84 -10.87 23.46
C ASN A 665 -21.81 -10.84 21.92
N TYR A 666 -20.94 -11.64 21.34
CA TYR A 666 -20.76 -11.73 19.90
C TYR A 666 -20.96 -13.18 19.46
N GLY A 667 -21.32 -13.35 18.17
CA GLY A 667 -21.54 -14.65 17.54
C GLY A 667 -20.30 -15.48 17.22
N SER A 668 -19.12 -15.06 17.69
CA SER A 668 -17.84 -15.78 17.58
C SER A 668 -16.98 -15.45 18.81
N ILE A 669 -16.02 -16.32 19.13
CA ILE A 669 -15.12 -16.15 20.27
C ILE A 669 -13.66 -16.05 19.84
N SER A 670 -12.96 -15.00 20.29
CA SER A 670 -11.52 -14.82 20.08
C SER A 670 -10.89 -14.99 21.49
N LEU A 671 -10.25 -16.15 21.72
CA LEU A 671 -9.76 -16.62 23.01
C LEU A 671 -8.47 -16.02 23.56
N GLY A 672 -7.63 -15.49 22.69
CA GLY A 672 -6.33 -15.00 23.11
C GLY A 672 -5.34 -16.14 23.10
N ASN A 673 -4.26 -16.03 23.91
CA ASN A 673 -3.23 -17.06 23.99
C ASN A 673 -3.62 -18.28 24.84
N ILE A 674 -3.17 -19.46 24.38
CA ILE A 674 -3.40 -20.74 25.03
C ILE A 674 -2.07 -21.34 25.46
N THR A 675 -2.07 -21.99 26.62
CA THR A 675 -0.92 -22.67 27.22
C THR A 675 -1.21 -24.18 27.24
N ASP A 676 -1.94 -24.69 28.23
CA ASP A 676 -2.27 -26.11 28.31
C ASP A 676 -3.78 -26.34 28.37
N THR A 677 -4.57 -25.29 28.62
CA THR A 677 -6.03 -25.40 28.74
C THR A 677 -6.77 -24.30 28.00
N MET A 678 -7.91 -24.68 27.42
CA MET A 678 -8.84 -23.80 26.73
C MET A 678 -10.12 -23.83 27.57
N THR A 679 -10.51 -22.68 28.16
CA THR A 679 -11.72 -22.58 28.99
C THR A 679 -12.49 -21.33 28.57
N PHE A 680 -13.76 -21.51 28.15
CA PHE A 680 -14.61 -20.40 27.72
C PHE A 680 -16.09 -20.66 28.01
N ASP A 681 -16.85 -19.57 28.20
CA ASP A 681 -18.29 -19.60 28.47
C ASP A 681 -19.11 -19.34 27.22
N VAL A 682 -20.06 -20.25 26.93
CA VAL A 682 -20.94 -20.22 25.76
C VAL A 682 -22.37 -20.03 26.23
N THR A 683 -23.04 -18.98 25.72
CA THR A 683 -24.42 -18.62 26.04
C THR A 683 -25.35 -18.79 24.85
N VAL A 684 -26.45 -19.55 25.05
CA VAL A 684 -27.49 -19.72 24.05
C VAL A 684 -28.66 -18.83 24.46
N HIS A 685 -29.23 -18.08 23.50
CA HIS A 685 -30.37 -17.17 23.68
C HIS A 685 -31.59 -17.75 22.95
N ASN A 686 -32.75 -17.74 23.60
CA ASN A 686 -34.03 -18.24 23.10
C ASN A 686 -34.99 -17.05 22.98
N LEU A 687 -35.35 -16.67 21.75
CA LEU A 687 -36.27 -15.57 21.45
C LEU A 687 -37.72 -16.06 21.46
N SER A 688 -37.95 -17.38 21.45
CA SER A 688 -39.29 -17.99 21.39
C SER A 688 -39.98 -18.09 22.76
N ASN A 689 -41.28 -18.48 22.74
CA ASN A 689 -42.12 -18.62 23.92
C ASN A 689 -42.01 -20.00 24.58
N LYS A 690 -41.23 -20.93 23.98
CA LYS A 690 -41.06 -22.26 24.58
C LYS A 690 -39.59 -22.63 24.81
N ASP A 691 -39.34 -23.34 25.94
CA ASP A 691 -38.04 -23.83 26.35
C ASP A 691 -37.49 -24.78 25.30
N LYS A 692 -36.16 -24.77 25.09
CA LYS A 692 -35.51 -25.66 24.13
C LYS A 692 -34.37 -26.43 24.76
N THR A 693 -34.39 -27.77 24.62
CA THR A 693 -33.34 -28.64 25.14
C THR A 693 -32.41 -29.04 24.01
N LEU A 694 -31.19 -28.53 24.10
CA LEU A 694 -30.13 -28.75 23.12
C LEU A 694 -29.05 -29.66 23.62
N ARG A 695 -28.49 -30.46 22.72
CA ARG A 695 -27.36 -31.36 22.96
C ARG A 695 -26.16 -30.67 22.30
N TYR A 696 -24.99 -30.64 22.95
CA TYR A 696 -23.81 -30.00 22.35
C TYR A 696 -22.52 -30.79 22.51
N ASP A 697 -21.61 -30.54 21.54
CA ASP A 697 -20.27 -31.06 21.45
C ASP A 697 -19.39 -30.00 20.81
N THR A 698 -18.09 -30.06 21.08
CA THR A 698 -17.09 -29.11 20.58
C THR A 698 -16.03 -29.86 19.77
N GLU A 699 -15.74 -29.39 18.56
CA GLU A 699 -14.72 -29.97 17.71
C GLU A 699 -13.47 -29.08 17.75
N LEU A 700 -12.31 -29.68 18.01
CA LEU A 700 -11.05 -28.96 18.06
C LEU A 700 -10.23 -29.28 16.81
N LEU A 701 -9.71 -28.22 16.19
CA LEU A 701 -8.94 -28.31 14.96
C LEU A 701 -7.71 -27.42 15.04
N THR A 702 -6.74 -27.69 14.16
CA THR A 702 -5.53 -26.88 13.95
C THR A 702 -5.23 -26.87 12.45
N ASP A 703 -4.16 -26.22 12.03
CA ASP A 703 -3.74 -26.15 10.63
C ASP A 703 -3.01 -27.42 10.24
N HIS A 704 -3.25 -27.93 9.02
CA HIS A 704 -2.49 -29.06 8.50
C HIS A 704 -1.27 -28.46 7.79
N VAL A 705 -0.08 -29.02 8.05
CA VAL A 705 1.20 -28.55 7.48
C VAL A 705 1.73 -29.63 6.52
N ASP A 706 2.33 -29.24 5.36
CA ASP A 706 2.96 -30.20 4.44
C ASP A 706 4.29 -30.64 5.07
N PRO A 707 4.45 -31.94 5.45
CA PRO A 707 5.74 -32.38 6.05
C PRO A 707 6.97 -32.30 5.10
N GLN A 708 6.74 -32.34 3.78
CA GLN A 708 7.80 -32.27 2.78
C GLN A 708 8.25 -30.84 2.46
N LYS A 709 7.36 -29.85 2.64
CA LYS A 709 7.67 -28.47 2.30
C LYS A 709 7.75 -27.53 3.50
N GLY A 710 7.26 -27.98 4.66
CA GLY A 710 7.25 -27.20 5.90
C GLY A 710 6.40 -25.95 5.77
N ARG A 711 5.35 -26.05 4.95
CA ARG A 711 4.43 -24.95 4.65
C ARG A 711 2.98 -25.33 4.99
N PHE A 712 2.17 -24.34 5.32
CA PHE A 712 0.75 -24.52 5.58
C PHE A 712 0.06 -24.84 4.26
N THR A 713 -0.81 -25.85 4.27
CA THR A 713 -1.57 -26.28 3.11
C THR A 713 -2.85 -25.49 2.97
N LEU A 714 -3.18 -24.73 4.03
CA LEU A 714 -4.42 -23.90 4.17
C LEU A 714 -5.67 -24.79 4.14
N THR A 715 -5.54 -25.94 4.81
CA THR A 715 -6.54 -26.96 5.08
C THR A 715 -6.32 -27.25 6.55
N SER A 716 -7.32 -27.84 7.18
CA SER A 716 -7.31 -28.10 8.60
C SER A 716 -7.08 -29.54 8.94
N HIS A 717 -6.74 -29.73 10.21
CA HIS A 717 -6.49 -31.00 10.83
C HIS A 717 -7.44 -31.09 12.06
N SER A 718 -8.33 -32.11 12.08
CA SER A 718 -9.25 -32.30 13.21
C SER A 718 -8.53 -33.09 14.33
N LEU A 719 -8.45 -32.48 15.54
CA LEU A 719 -7.75 -33.03 16.71
C LEU A 719 -8.59 -33.92 17.61
N LYS A 720 -9.74 -33.42 18.10
CA LYS A 720 -10.59 -34.13 19.04
C LYS A 720 -11.98 -33.51 19.08
N THR A 721 -13.00 -34.35 19.33
CA THR A 721 -14.37 -33.93 19.51
C THR A 721 -14.74 -34.23 20.95
N TYR A 722 -15.12 -33.18 21.67
CA TYR A 722 -15.45 -33.19 23.08
C TYR A 722 -16.96 -33.15 23.26
N GLN A 723 -17.52 -34.16 23.92
CA GLN A 723 -18.97 -34.19 24.19
C GLN A 723 -19.26 -33.30 25.40
N GLY A 724 -20.35 -32.53 25.32
CA GLY A 724 -20.74 -31.62 26.38
C GLY A 724 -22.06 -31.95 27.08
N GLY A 725 -22.82 -32.85 26.48
CA GLY A 725 -24.11 -33.26 27.02
C GLY A 725 -25.24 -32.33 26.62
N GLU A 726 -26.31 -32.32 27.44
CA GLU A 726 -27.55 -31.58 27.24
C GLU A 726 -27.66 -30.32 28.10
N VAL A 727 -28.43 -29.33 27.61
CA VAL A 727 -28.68 -28.05 28.26
C VAL A 727 -30.06 -27.50 27.86
N THR A 728 -30.80 -26.94 28.81
CA THR A 728 -32.10 -26.36 28.50
C THR A 728 -31.98 -24.85 28.47
N VAL A 729 -32.47 -24.24 27.37
CA VAL A 729 -32.47 -22.80 27.14
C VAL A 729 -33.88 -22.30 27.47
N PRO A 730 -34.07 -21.57 28.59
CA PRO A 730 -35.43 -21.14 28.94
C PRO A 730 -36.03 -20.18 27.93
N ALA A 731 -37.35 -20.28 27.73
CA ALA A 731 -38.19 -19.46 26.86
C ALA A 731 -37.92 -17.97 27.11
N ASN A 732 -37.85 -17.15 26.05
CA ASN A 732 -37.56 -15.70 26.11
C ASN A 732 -36.38 -15.37 27.06
N GLY A 733 -35.40 -16.29 27.11
CA GLY A 733 -34.25 -16.17 27.99
C GLY A 733 -32.98 -16.78 27.47
N LYS A 734 -32.03 -17.02 28.39
CA LYS A 734 -30.72 -17.55 28.09
C LYS A 734 -30.19 -18.52 29.15
N VAL A 735 -29.24 -19.36 28.74
CA VAL A 735 -28.51 -20.32 29.56
C VAL A 735 -27.02 -20.19 29.18
N THR A 736 -26.09 -20.44 30.12
CA THR A 736 -24.64 -20.35 29.92
C THR A 736 -23.94 -21.63 30.34
N VAL A 737 -23.10 -22.19 29.46
CA VAL A 737 -22.29 -23.38 29.72
C VAL A 737 -20.79 -23.06 29.63
N ARG A 738 -19.95 -23.89 30.26
CA ARG A 738 -18.52 -23.74 30.23
C ARG A 738 -17.92 -24.89 29.44
N VAL A 739 -17.07 -24.54 28.46
CA VAL A 739 -16.37 -25.51 27.62
C VAL A 739 -14.89 -25.47 28.07
N THR A 740 -14.40 -26.59 28.63
CA THR A 740 -13.03 -26.81 29.11
C THR A 740 -12.39 -27.90 28.26
N MET A 741 -11.19 -27.64 27.74
CA MET A 741 -10.43 -28.57 26.90
C MET A 741 -8.96 -28.59 27.28
N ASP A 742 -8.44 -29.77 27.67
CA ASP A 742 -7.01 -29.89 27.95
C ASP A 742 -6.31 -30.27 26.63
N VAL A 743 -5.51 -29.33 26.11
CA VAL A 743 -4.86 -29.41 24.81
C VAL A 743 -3.39 -29.82 24.87
N SER A 744 -2.85 -30.11 26.09
CA SER A 744 -1.44 -30.50 26.32
C SER A 744 -1.00 -31.78 25.60
N GLN A 745 -1.92 -32.77 25.42
CA GLN A 745 -1.61 -34.03 24.71
C GLN A 745 -1.11 -33.84 23.25
N PHE A 746 -1.52 -32.76 22.57
CA PHE A 746 -1.14 -32.45 21.18
C PHE A 746 0.13 -31.57 21.03
N THR A 747 0.48 -30.80 22.07
CA THR A 747 1.59 -29.84 22.17
C THR A 747 2.89 -30.33 21.52
N LYS A 748 3.40 -31.52 21.88
CA LYS A 748 4.63 -32.09 21.34
C LYS A 748 4.62 -32.21 19.80
N GLU A 749 3.59 -32.90 19.25
CA GLU A 749 3.42 -33.13 17.82
C GLU A 749 3.26 -31.84 17.01
N LEU A 750 2.40 -30.92 17.47
CA LEU A 750 2.10 -29.65 16.82
C LEU A 750 3.19 -28.59 16.97
N THR A 751 3.93 -28.57 18.11
CA THR A 751 5.05 -27.64 18.32
C THR A 751 6.20 -28.01 17.35
N LYS A 752 6.30 -29.31 16.96
CA LYS A 752 7.31 -29.79 16.00
C LYS A 752 7.03 -29.22 14.61
N GLN A 753 5.77 -29.28 14.17
CA GLN A 753 5.28 -28.80 12.87
C GLN A 753 5.24 -27.26 12.80
N MET A 754 4.69 -26.63 13.84
CA MET A 754 4.55 -25.18 13.93
C MET A 754 5.35 -24.70 15.11
N PRO A 755 6.67 -24.45 14.90
CA PRO A 755 7.56 -24.10 16.03
C PRO A 755 7.33 -22.76 16.72
N ASN A 756 6.71 -21.76 16.04
CA ASN A 756 6.48 -20.45 16.67
C ASN A 756 5.07 -20.26 17.23
N GLY A 757 4.34 -21.36 17.29
CA GLY A 757 2.96 -21.37 17.76
C GLY A 757 2.01 -21.73 16.64
N TYR A 758 0.78 -22.11 17.00
CA TYR A 758 -0.25 -22.52 16.04
C TYR A 758 -1.67 -22.20 16.57
N TYR A 759 -2.64 -22.13 15.65
CA TYR A 759 -4.02 -21.89 16.03
C TYR A 759 -4.69 -23.14 16.60
N LEU A 760 -5.58 -22.95 17.59
CA LEU A 760 -6.42 -23.97 18.17
C LEU A 760 -7.81 -23.40 18.06
N GLU A 761 -8.61 -23.98 17.15
CA GLU A 761 -9.92 -23.42 16.80
C GLU A 761 -11.01 -24.45 16.57
N GLY A 762 -12.17 -24.00 16.19
CA GLY A 762 -13.24 -24.94 15.91
C GLY A 762 -14.62 -24.40 16.20
N PHE A 763 -15.57 -25.31 16.39
CA PHE A 763 -16.95 -24.92 16.64
C PHE A 763 -17.55 -25.71 17.76
N VAL A 764 -18.41 -25.02 18.55
CA VAL A 764 -19.28 -25.59 19.58
C VAL A 764 -20.59 -25.73 18.81
N ARG A 765 -21.02 -26.98 18.59
CA ARG A 765 -22.23 -27.32 17.85
C ARG A 765 -23.41 -27.69 18.76
N PHE A 766 -24.54 -26.99 18.62
CA PHE A 766 -25.76 -27.31 19.35
C PHE A 766 -26.82 -27.82 18.37
N ARG A 767 -27.62 -28.80 18.80
CA ARG A 767 -28.73 -29.38 18.05
C ARG A 767 -29.80 -29.75 19.06
N ASP A 768 -31.05 -29.97 18.60
CA ASP A 768 -32.12 -30.39 19.49
C ASP A 768 -31.83 -31.80 20.02
N SER A 769 -31.88 -31.96 21.37
CA SER A 769 -31.61 -33.23 22.08
C SER A 769 -32.41 -34.43 21.54
N GLN A 770 -33.63 -34.19 21.01
CA GLN A 770 -34.54 -35.20 20.45
C GLN A 770 -34.27 -35.52 18.97
N ASP A 771 -34.14 -34.48 18.10
CA ASP A 771 -33.92 -34.64 16.65
C ASP A 771 -32.66 -33.91 16.17
N ASP A 772 -31.80 -34.62 15.40
CA ASP A 772 -30.55 -34.12 14.80
C ASP A 772 -30.73 -32.88 13.89
N GLN A 773 -31.82 -32.85 13.11
CA GLN A 773 -32.13 -31.83 12.09
C GLN A 773 -32.59 -30.47 12.61
N LEU A 774 -33.25 -30.46 13.76
CA LEU A 774 -33.78 -29.24 14.33
C LEU A 774 -32.82 -28.52 15.26
N ASN A 775 -33.00 -27.19 15.36
CA ASN A 775 -32.26 -26.28 16.24
C ASN A 775 -30.76 -26.38 16.10
N ARG A 776 -30.28 -26.49 14.87
CA ARG A 776 -28.85 -26.57 14.59
C ARG A 776 -28.28 -25.16 14.63
N VAL A 777 -27.61 -24.84 15.75
CA VAL A 777 -26.97 -23.54 16.02
C VAL A 777 -25.56 -23.77 16.50
N ASN A 778 -24.64 -22.88 16.14
CA ASN A 778 -23.23 -23.10 16.46
C ASN A 778 -22.48 -21.80 16.69
N ILE A 779 -21.22 -21.89 17.17
CA ILE A 779 -20.38 -20.73 17.43
C ILE A 779 -18.92 -21.04 17.13
N PRO A 780 -18.26 -20.26 16.26
CA PRO A 780 -16.84 -20.51 16.03
C PRO A 780 -15.97 -19.89 17.14
N PHE A 781 -14.82 -20.49 17.42
CA PHE A 781 -13.84 -20.02 18.41
C PHE A 781 -12.45 -20.10 17.84
N VAL A 782 -11.53 -19.23 18.31
CA VAL A 782 -10.13 -19.25 17.88
C VAL A 782 -9.20 -18.74 18.97
N GLY A 783 -8.19 -19.55 19.26
CA GLY A 783 -7.15 -19.19 20.21
C GLY A 783 -5.80 -19.46 19.58
N PHE A 784 -4.72 -18.90 20.14
CA PHE A 784 -3.38 -19.15 19.59
C PHE A 784 -2.51 -19.85 20.64
N LYS A 785 -1.91 -21.03 20.34
CA LYS A 785 -1.04 -21.69 21.31
C LYS A 785 0.38 -21.11 21.19
N GLY A 786 0.66 -20.15 22.06
CA GLY A 786 1.93 -19.43 22.08
C GLY A 786 1.70 -18.00 22.47
N GLN A 787 2.42 -17.08 21.83
CA GLN A 787 2.31 -15.64 22.04
C GLN A 787 2.10 -14.94 20.70
N PHE A 788 0.81 -14.75 20.32
CA PHE A 788 0.43 -14.11 19.06
C PHE A 788 1.00 -12.72 18.93
N GLU A 789 1.02 -11.96 20.05
CA GLU A 789 1.52 -10.59 20.09
C GLU A 789 3.01 -10.47 19.78
N ASN A 790 3.83 -11.50 20.14
CA ASN A 790 5.30 -11.48 19.97
C ASN A 790 5.83 -12.27 18.77
N LEU A 791 4.97 -12.62 17.79
CA LEU A 791 5.45 -13.30 16.57
C LEU A 791 6.28 -12.28 15.81
N ALA A 792 7.35 -12.73 15.14
CA ALA A 792 8.26 -11.84 14.39
C ALA A 792 7.55 -10.97 13.35
N VAL A 793 7.83 -9.67 13.40
CA VAL A 793 7.31 -8.64 12.53
C VAL A 793 8.10 -8.64 11.23
N ALA A 794 9.42 -8.72 11.35
CA ALA A 794 10.32 -8.67 10.21
C ALA A 794 11.07 -9.97 10.03
N GLU A 795 11.23 -10.37 8.77
CA GLU A 795 12.00 -11.59 8.46
C GLU A 795 13.45 -11.32 8.88
N GLU A 796 14.16 -12.35 9.39
CA GLU A 796 15.56 -12.21 9.80
C GLU A 796 16.43 -11.67 8.65
N SER A 797 17.49 -10.87 8.96
CA SER A 797 18.37 -10.26 7.95
C SER A 797 18.93 -11.28 6.98
N ILE A 798 19.21 -10.85 5.74
CA ILE A 798 19.83 -11.69 4.71
C ILE A 798 21.24 -12.16 5.17
N TYR A 799 21.98 -11.32 5.93
CA TYR A 799 23.29 -11.64 6.51
C TYR A 799 23.18 -12.81 7.49
N ARG A 800 22.17 -12.76 8.40
CA ARG A 800 21.93 -13.81 9.39
C ARG A 800 21.42 -15.09 8.72
N LEU A 801 20.46 -14.97 7.77
CA LEU A 801 19.95 -16.14 7.04
C LEU A 801 21.08 -16.87 6.30
N LYS A 802 21.98 -16.11 5.66
CA LYS A 802 23.07 -16.69 4.92
C LYS A 802 24.11 -17.39 5.80
N SER A 803 24.35 -16.91 7.03
CA SER A 803 25.33 -17.54 7.93
C SER A 803 24.79 -18.79 8.65
N GLN A 804 23.46 -19.03 8.61
CA GLN A 804 22.84 -20.20 9.23
C GLN A 804 22.48 -21.23 8.16
N GLY A 805 22.70 -20.87 6.89
CA GLY A 805 22.35 -21.68 5.74
C GLY A 805 20.86 -21.69 5.46
N LYS A 806 20.10 -20.78 6.13
CA LYS A 806 18.65 -20.64 6.00
C LYS A 806 18.29 -19.83 4.76
N THR A 807 17.00 -19.78 4.40
CA THR A 807 16.51 -19.05 3.23
C THR A 807 15.23 -18.25 3.55
N GLY A 808 15.14 -17.06 2.96
CA GLY A 808 13.99 -16.18 3.12
C GLY A 808 12.84 -16.63 2.25
N PHE A 809 11.61 -16.15 2.59
CA PHE A 809 10.35 -16.46 1.92
C PHE A 809 10.30 -15.92 0.49
N TYR A 810 10.89 -14.73 0.25
CA TYR A 810 10.82 -14.06 -1.07
C TYR A 810 12.16 -13.97 -1.81
N PHE A 811 13.27 -14.34 -1.16
CA PHE A 811 14.60 -14.23 -1.75
C PHE A 811 14.86 -15.12 -2.97
N ASP A 812 15.27 -14.49 -4.12
CA ASP A 812 15.64 -15.15 -5.37
C ASP A 812 17.11 -15.62 -5.22
N GLU A 813 17.31 -16.93 -5.04
CA GLU A 813 18.61 -17.55 -4.85
C GLU A 813 19.44 -17.70 -6.13
N SER A 814 18.89 -17.36 -7.30
CA SER A 814 19.57 -17.44 -8.58
C SER A 814 20.76 -16.46 -8.67
N GLY A 815 21.65 -16.71 -9.63
CA GLY A 815 22.82 -15.87 -9.81
C GLY A 815 24.04 -16.50 -9.16
N PRO A 816 25.21 -15.79 -9.17
CA PRO A 816 26.40 -16.37 -8.53
C PRO A 816 26.24 -16.46 -7.01
N LYS A 817 27.10 -17.25 -6.38
CA LYS A 817 27.18 -17.49 -4.95
C LYS A 817 27.27 -16.15 -4.22
N ASP A 818 26.40 -15.96 -3.21
CA ASP A 818 26.30 -14.77 -2.36
C ASP A 818 25.88 -13.50 -3.13
N ASP A 819 25.21 -13.65 -4.29
CA ASP A 819 24.69 -12.50 -5.04
C ASP A 819 23.54 -11.94 -4.25
N ILE A 820 23.59 -10.65 -3.94
CA ILE A 820 22.48 -9.95 -3.27
C ILE A 820 22.15 -8.68 -4.06
N TYR A 821 21.67 -8.87 -5.30
CA TYR A 821 21.17 -7.78 -6.15
C TYR A 821 20.14 -7.01 -5.29
N VAL A 822 20.19 -5.67 -5.27
CA VAL A 822 19.36 -4.83 -4.40
C VAL A 822 17.84 -4.93 -4.73
N GLY A 823 17.50 -5.25 -5.98
CA GLY A 823 16.10 -5.44 -6.36
C GLY A 823 15.49 -6.72 -5.80
N LYS A 824 16.33 -7.60 -5.19
CA LYS A 824 15.87 -8.84 -4.55
C LYS A 824 15.08 -8.53 -3.24
N HIS A 825 14.32 -9.50 -2.72
CA HIS A 825 13.47 -9.21 -1.56
C HIS A 825 13.96 -9.90 -0.29
N PHE A 826 14.51 -9.09 0.63
CA PHE A 826 15.18 -9.54 1.86
C PHE A 826 15.12 -8.43 2.91
N THR A 827 15.44 -8.75 4.18
CA THR A 827 15.62 -7.75 5.23
C THR A 827 17.14 -7.49 5.23
N GLY A 828 17.55 -6.23 5.12
CA GLY A 828 18.97 -5.91 5.13
C GLY A 828 19.23 -4.44 5.15
N LEU A 829 20.47 -4.07 4.79
CA LEU A 829 20.85 -2.66 4.72
C LEU A 829 21.22 -2.29 3.30
N VAL A 830 20.81 -1.09 2.88
CA VAL A 830 21.05 -0.54 1.55
C VAL A 830 21.85 0.75 1.66
N THR A 831 22.54 1.10 0.57
CA THR A 831 23.39 2.28 0.50
C THR A 831 23.49 2.74 -0.95
N LEU A 832 24.01 3.95 -1.15
CA LEU A 832 24.18 4.48 -2.49
C LEU A 832 25.65 4.35 -2.90
N GLY A 833 25.86 3.96 -4.14
CA GLY A 833 27.19 3.85 -4.75
C GLY A 833 27.43 4.95 -5.76
N SER A 834 28.68 5.36 -5.86
CA SER A 834 29.17 6.38 -6.77
C SER A 834 30.58 5.96 -7.22
N GLU A 835 30.79 5.77 -8.54
CA GLU A 835 32.07 5.32 -9.09
C GLU A 835 33.15 6.41 -9.02
N THR A 836 34.42 5.99 -8.85
CA THR A 836 35.56 6.90 -8.85
C THR A 836 36.20 6.88 -10.24
N ASN A 837 36.21 8.03 -10.94
CA ASN A 837 36.81 8.17 -12.26
C ASN A 837 38.10 8.95 -12.16
N VAL A 838 39.00 8.67 -13.08
CA VAL A 838 40.36 9.16 -13.18
C VAL A 838 40.59 10.14 -14.37
N SER A 839 39.83 9.99 -15.47
CA SER A 839 39.95 10.84 -16.66
C SER A 839 39.04 12.10 -16.64
N THR A 840 37.81 11.97 -16.09
CA THR A 840 36.81 13.04 -15.93
C THR A 840 36.16 12.95 -14.57
N LYS A 841 35.28 13.94 -14.27
CA LYS A 841 34.50 13.97 -13.04
C LYS A 841 33.27 13.08 -13.22
N THR A 842 32.78 12.54 -12.11
CA THR A 842 31.60 11.70 -12.03
C THR A 842 30.44 12.69 -12.00
N ILE A 843 29.51 12.60 -13.00
CA ILE A 843 28.34 13.48 -13.13
C ILE A 843 27.02 12.79 -12.68
N SER A 844 27.12 11.52 -12.21
CA SER A 844 25.98 10.69 -11.80
C SER A 844 26.37 9.56 -10.83
N ASP A 845 25.45 9.19 -9.92
CA ASP A 845 25.66 8.08 -8.99
C ASP A 845 25.24 6.77 -9.68
N ASN A 846 25.48 5.63 -9.01
CA ASN A 846 25.15 4.32 -9.54
C ASN A 846 23.87 3.72 -8.92
N GLY A 847 23.07 4.54 -8.23
CA GLY A 847 21.89 4.07 -7.53
C GLY A 847 22.19 3.25 -6.29
N LEU A 848 21.17 2.68 -5.67
CA LEU A 848 21.34 1.87 -4.45
C LEU A 848 21.94 0.49 -4.70
N HIS A 849 22.53 -0.06 -3.65
CA HIS A 849 23.09 -1.40 -3.59
C HIS A 849 23.00 -1.92 -2.15
N THR A 850 23.12 -3.23 -1.95
CA THR A 850 23.06 -3.86 -0.63
C THR A 850 24.38 -3.62 0.08
N LEU A 851 24.31 -3.11 1.32
CA LEU A 851 25.48 -2.81 2.15
C LEU A 851 26.16 -4.12 2.47
N GLY A 852 27.48 -4.15 2.27
CA GLY A 852 28.30 -5.34 2.45
C GLY A 852 28.48 -6.10 1.15
N THR A 853 27.86 -5.61 0.05
CA THR A 853 28.00 -6.24 -1.29
C THR A 853 28.82 -5.37 -2.22
N PHE A 854 29.58 -6.03 -3.12
CA PHE A 854 30.48 -5.37 -4.06
C PHE A 854 30.40 -5.99 -5.43
N LYS A 855 30.48 -5.15 -6.48
CA LYS A 855 30.40 -5.51 -7.89
C LYS A 855 31.60 -6.35 -8.32
N ASN A 856 31.32 -7.52 -8.94
CA ASN A 856 32.34 -8.42 -9.49
C ASN A 856 32.59 -8.08 -10.97
N ALA A 857 33.53 -8.79 -11.64
CA ALA A 857 33.86 -8.57 -13.07
C ALA A 857 32.66 -8.70 -14.01
N ASP A 858 31.66 -9.48 -13.61
CA ASP A 858 30.40 -9.70 -14.35
C ASP A 858 29.28 -8.66 -14.03
N GLY A 859 29.60 -7.69 -13.18
CA GLY A 859 28.66 -6.63 -12.79
C GLY A 859 27.70 -7.02 -11.70
N LYS A 860 27.94 -8.18 -11.06
CA LYS A 860 27.08 -8.70 -10.01
C LYS A 860 27.55 -8.36 -8.60
N PHE A 861 26.62 -7.90 -7.74
CA PHE A 861 26.92 -7.52 -6.36
C PHE A 861 26.89 -8.73 -5.46
N ILE A 862 28.07 -9.06 -4.93
CA ILE A 862 28.34 -10.23 -4.10
C ILE A 862 28.65 -9.80 -2.69
N LEU A 863 28.07 -10.52 -1.69
CA LEU A 863 28.35 -10.30 -0.27
C LEU A 863 29.71 -10.95 -0.06
N GLU A 864 30.76 -10.13 -0.05
CA GLU A 864 32.16 -10.55 0.09
C GLU A 864 32.55 -10.74 1.54
N LYS A 865 33.54 -11.61 1.79
CA LYS A 865 34.04 -11.95 3.13
C LYS A 865 35.44 -11.39 3.39
N ASN A 866 35.73 -11.02 4.67
CA ASN A 866 37.07 -10.59 5.08
C ASN A 866 37.93 -11.85 5.41
N ALA A 867 39.19 -11.67 5.87
CA ALA A 867 40.10 -12.79 6.17
C ALA A 867 39.50 -13.83 7.13
N GLN A 868 38.66 -13.36 8.06
CA GLN A 868 37.97 -14.17 9.04
C GLN A 868 36.70 -14.90 8.47
N GLY A 869 36.37 -14.63 7.20
CA GLY A 869 35.25 -15.25 6.50
C GLY A 869 33.89 -14.68 6.82
N ASN A 870 33.86 -13.46 7.40
CA ASN A 870 32.62 -12.79 7.75
C ASN A 870 32.36 -11.61 6.82
N PRO A 871 31.10 -11.24 6.52
CA PRO A 871 30.87 -10.01 5.74
C PRO A 871 31.17 -8.77 6.61
N VAL A 872 31.21 -7.58 6.01
CA VAL A 872 31.51 -6.33 6.71
C VAL A 872 30.50 -5.29 6.30
N LEU A 873 29.84 -4.67 7.30
CA LEU A 873 28.88 -3.58 7.13
C LEU A 873 29.59 -2.33 7.63
N ALA A 874 29.98 -1.48 6.70
CA ALA A 874 30.76 -0.28 6.99
C ALA A 874 30.37 0.84 6.05
N ILE A 875 30.34 2.07 6.58
CA ILE A 875 30.04 3.27 5.79
C ILE A 875 31.16 4.31 5.98
N SER A 876 31.32 5.19 4.98
CA SER A 876 32.36 6.22 4.93
C SER A 876 31.67 7.55 4.71
N PRO A 877 31.00 8.16 5.72
CA PRO A 877 30.29 9.43 5.45
C PRO A 877 31.23 10.63 5.37
N ASN A 878 31.70 10.87 4.14
CA ASN A 878 32.68 11.90 3.79
C ASN A 878 32.22 12.79 2.62
N GLY A 879 30.97 12.61 2.19
CA GLY A 879 30.32 13.41 1.16
C GLY A 879 30.60 13.04 -0.29
N ASP A 880 31.36 11.97 -0.56
CA ASP A 880 31.66 11.55 -1.94
C ASP A 880 30.53 10.73 -2.61
N ASN A 881 29.38 10.53 -1.92
CA ASN A 881 28.20 9.79 -2.38
C ASN A 881 28.43 8.27 -2.56
N ASN A 882 29.59 7.74 -2.14
CA ASN A 882 29.89 6.30 -2.16
C ASN A 882 29.88 5.74 -0.75
N GLN A 883 28.86 4.90 -0.46
CA GLN A 883 28.61 4.28 0.85
C GLN A 883 28.57 5.33 2.00
N ASP A 884 27.97 6.49 1.76
CA ASP A 884 27.86 7.58 2.74
C ASP A 884 26.86 7.35 3.86
N PHE A 885 25.83 6.52 3.62
CA PHE A 885 24.79 6.24 4.61
C PHE A 885 24.40 4.76 4.58
N ALA A 886 23.55 4.34 5.52
CA ALA A 886 23.01 2.98 5.60
C ALA A 886 21.54 3.11 5.98
N ALA A 887 20.64 2.47 5.21
CA ALA A 887 19.20 2.54 5.49
C ALA A 887 18.59 1.16 5.60
N PHE A 888 17.49 1.05 6.35
CA PHE A 888 16.81 -0.21 6.51
C PHE A 888 15.89 -0.58 5.34
N LYS A 889 15.92 -1.86 5.00
CA LYS A 889 15.07 -2.50 4.02
C LYS A 889 14.54 -3.77 4.71
N GLY A 890 13.22 -4.02 4.64
CA GLY A 890 12.71 -5.23 5.29
C GLY A 890 11.66 -6.05 4.54
N VAL A 891 11.58 -7.35 4.89
CA VAL A 891 10.51 -8.23 4.42
C VAL A 891 9.66 -8.34 5.66
N PHE A 892 8.55 -7.64 5.64
CA PHE A 892 7.64 -7.60 6.77
C PHE A 892 6.65 -8.73 6.72
N LEU A 893 6.68 -9.56 7.77
CA LEU A 893 5.78 -10.69 7.96
C LEU A 893 4.46 -10.28 8.59
N ARG A 894 4.45 -9.13 9.27
CA ARG A 894 3.32 -8.59 10.02
C ARG A 894 3.33 -7.08 9.92
N LYS A 895 2.16 -6.46 10.18
CA LYS A 895 1.94 -5.02 10.23
C LYS A 895 2.82 -4.49 11.36
N TYR A 896 3.41 -3.32 11.16
CA TYR A 896 4.34 -2.74 12.13
C TYR A 896 4.05 -1.32 12.41
N GLN A 897 4.53 -0.84 13.55
CA GLN A 897 4.35 0.54 13.99
C GLN A 897 5.55 0.93 14.84
N GLY A 898 5.72 2.23 15.05
CA GLY A 898 6.82 2.76 15.83
C GLY A 898 8.20 2.30 15.37
N LEU A 899 8.41 2.14 14.06
CA LEU A 899 9.71 1.75 13.55
C LEU A 899 10.63 2.95 13.49
N LYS A 900 11.83 2.79 14.05
CA LYS A 900 12.86 3.81 14.03
C LYS A 900 14.23 3.11 14.05
N ALA A 901 15.29 3.87 13.75
CA ALA A 901 16.65 3.39 13.74
C ALA A 901 17.43 4.25 14.72
N SER A 902 18.31 3.61 15.47
CA SER A 902 19.10 4.23 16.52
C SER A 902 20.51 3.70 16.43
N VAL A 903 21.47 4.52 16.88
CA VAL A 903 22.89 4.17 16.86
C VAL A 903 23.51 4.28 18.25
N TYR A 904 24.30 3.27 18.61
CA TYR A 904 25.02 3.13 19.88
C TYR A 904 26.47 2.75 19.61
N HIS A 905 27.33 2.96 20.61
CA HIS A 905 28.71 2.53 20.61
C HIS A 905 28.60 1.01 20.78
N ALA A 906 29.51 0.26 20.13
CA ALA A 906 29.48 -1.22 20.20
C ALA A 906 29.66 -1.69 21.63
N SER A 907 30.38 -0.89 22.44
CA SER A 907 30.65 -1.14 23.86
C SER A 907 29.37 -1.04 24.70
N ASP A 908 28.44 -0.16 24.29
CA ASP A 908 27.13 0.04 24.92
C ASP A 908 26.23 -1.15 24.56
N LYS A 909 26.51 -2.30 25.18
CA LYS A 909 25.84 -3.59 24.95
C LYS A 909 24.38 -3.59 25.38
N GLU A 910 24.04 -2.80 26.43
CA GLU A 910 22.69 -2.67 26.97
C GLU A 910 21.85 -1.69 26.12
N HIS A 911 22.51 -0.96 25.16
CA HIS A 911 21.93 0.05 24.26
C HIS A 911 21.24 1.14 25.08
N LYS A 912 22.01 1.73 26.02
CA LYS A 912 21.47 2.74 26.94
C LYS A 912 21.70 4.19 26.51
N ASN A 913 22.80 4.47 25.78
CA ASN A 913 23.14 5.83 25.37
C ASN A 913 23.03 6.05 23.84
N PRO A 914 21.80 6.34 23.30
CA PRO A 914 21.68 6.61 21.85
C PRO A 914 22.47 7.83 21.40
N LEU A 915 23.31 7.64 20.38
CA LEU A 915 24.15 8.70 19.84
C LEU A 915 23.45 9.44 18.74
N TRP A 916 22.49 8.76 18.10
CA TRP A 916 21.69 9.27 16.98
C TRP A 916 20.42 8.41 16.90
N VAL A 917 19.29 9.04 16.59
CA VAL A 917 17.98 8.40 16.40
C VAL A 917 17.37 9.03 15.14
N SER A 918 16.74 8.20 14.26
CA SER A 918 16.10 8.70 13.05
C SER A 918 15.05 9.75 13.49
N PRO A 919 15.00 10.95 12.87
CA PRO A 919 14.03 11.96 13.36
C PRO A 919 12.56 11.55 13.24
N GLU A 920 12.26 10.64 12.31
CA GLU A 920 10.91 10.14 12.08
C GLU A 920 10.76 8.67 12.44
N SER A 921 9.51 8.29 12.75
CA SER A 921 9.13 6.91 13.05
C SER A 921 8.15 6.47 11.99
N PHE A 922 8.11 5.16 11.70
CA PHE A 922 7.35 4.57 10.61
C PHE A 922 6.39 3.46 11.04
N LYS A 923 5.37 3.27 10.23
CA LYS A 923 4.32 2.27 10.35
C LYS A 923 3.98 1.84 8.90
N GLY A 924 3.43 0.65 8.75
CA GLY A 924 3.11 0.11 7.44
C GLY A 924 2.57 -1.30 7.49
N ASP A 925 2.34 -1.89 6.30
CA ASP A 925 1.78 -3.22 6.03
C ASP A 925 2.81 -4.34 5.91
N LYS A 926 2.36 -5.60 6.12
CA LYS A 926 3.14 -6.80 5.89
C LYS A 926 3.24 -6.92 4.39
N ASN A 927 4.34 -7.45 3.87
CA ASN A 927 4.53 -7.62 2.41
C ASN A 927 3.79 -8.87 1.95
N PHE A 928 2.45 -8.82 1.94
CA PHE A 928 1.56 -9.97 1.59
C PHE A 928 1.72 -10.43 0.14
N ASN A 929 2.03 -9.52 -0.79
CA ASN A 929 2.28 -9.91 -2.21
C ASN A 929 1.14 -10.75 -2.79
N SER A 930 -0.09 -10.24 -2.73
CA SER A 930 -1.27 -10.93 -3.34
C SER A 930 -1.16 -10.95 -4.88
N ASP A 931 -0.55 -9.91 -5.47
CA ASP A 931 -0.33 -9.81 -6.94
C ASP A 931 0.89 -8.90 -7.23
N ILE A 932 1.27 -8.78 -8.50
CA ILE A 932 2.46 -8.02 -8.92
C ILE A 932 2.50 -6.54 -8.40
N ARG A 933 1.34 -5.92 -8.16
CA ARG A 933 1.26 -4.55 -7.63
C ARG A 933 1.66 -4.44 -6.14
N PHE A 934 1.64 -5.58 -5.43
CA PHE A 934 1.98 -5.59 -3.98
C PHE A 934 3.43 -6.04 -3.78
N ALA A 935 4.26 -5.13 -3.25
CA ALA A 935 5.71 -5.33 -3.05
C ALA A 935 6.03 -6.45 -2.04
N LYS A 936 7.12 -7.18 -2.30
CA LYS A 936 7.59 -8.29 -1.44
C LYS A 936 8.58 -7.77 -0.38
N SER A 937 8.98 -6.50 -0.49
CA SER A 937 9.92 -5.87 0.44
C SER A 937 9.72 -4.35 0.46
N THR A 938 10.13 -3.71 1.57
CA THR A 938 9.98 -2.27 1.78
C THR A 938 11.30 -1.64 2.21
N THR A 939 11.73 -0.60 1.45
CA THR A 939 12.92 0.18 1.75
C THR A 939 12.47 1.43 2.49
N LEU A 940 13.12 1.73 3.62
CA LEU A 940 12.75 2.90 4.40
C LEU A 940 13.93 3.88 4.42
N LEU A 941 14.04 4.73 3.37
CA LEU A 941 15.16 5.68 3.25
C LEU A 941 15.17 6.74 4.37
N GLY A 942 14.07 6.87 5.10
CA GLY A 942 13.94 7.77 6.24
C GLY A 942 14.73 7.30 7.45
N THR A 943 15.14 6.03 7.47
CA THR A 943 15.94 5.47 8.57
C THR A 943 17.46 5.66 8.33
N ALA A 944 17.86 6.33 7.25
CA ALA A 944 19.27 6.52 6.86
C ALA A 944 20.13 7.17 7.92
N PHE A 945 21.23 6.50 8.26
CA PHE A 945 22.24 6.97 9.20
C PHE A 945 23.43 7.39 8.38
N SER A 946 23.83 8.67 8.48
CA SER A 946 24.91 9.31 7.74
C SER A 946 26.14 9.66 8.62
N GLY A 947 26.32 8.95 9.73
CA GLY A 947 27.43 9.16 10.66
C GLY A 947 27.46 10.44 11.48
N LYS A 948 26.28 11.06 11.73
CA LYS A 948 26.14 12.28 12.54
C LYS A 948 25.36 12.01 13.81
N SER A 949 25.68 12.72 14.90
CA SER A 949 24.94 12.55 16.16
C SER A 949 23.56 13.26 16.13
N LEU A 950 22.87 13.30 17.30
CA LEU A 950 21.59 13.97 17.47
C LEU A 950 21.74 15.49 17.33
N THR A 951 22.94 16.05 17.63
CA THR A 951 23.22 17.48 17.53
C THR A 951 23.91 17.84 16.22
N GLY A 952 23.97 16.88 15.28
CA GLY A 952 24.58 17.04 13.97
C GLY A 952 26.10 17.01 13.94
N ALA A 953 26.74 16.59 15.03
CA ALA A 953 28.20 16.52 15.10
C ALA A 953 28.66 15.27 14.39
N GLU A 954 29.86 15.29 13.84
CA GLU A 954 30.41 14.13 13.15
C GLU A 954 30.91 13.10 14.17
N LEU A 955 30.23 11.94 14.22
CA LEU A 955 30.62 10.81 15.07
C LEU A 955 31.95 10.25 14.56
N PRO A 956 32.95 10.04 15.44
CA PRO A 956 34.25 9.56 14.97
C PRO A 956 34.24 8.13 14.41
N ASP A 957 35.32 7.75 13.70
CA ASP A 957 35.48 6.42 13.13
C ASP A 957 35.53 5.40 14.29
N GLY A 958 34.84 4.28 14.14
CA GLY A 958 34.75 3.27 15.19
C GLY A 958 33.73 2.17 14.93
N HIS A 959 33.49 1.31 15.95
CA HIS A 959 32.52 0.20 15.91
C HIS A 959 31.23 0.68 16.58
N TYR A 960 30.15 0.72 15.82
CA TYR A 960 28.82 1.11 16.27
C TYR A 960 27.84 -0.02 16.04
N HIS A 961 26.66 0.14 16.61
CA HIS A 961 25.51 -0.75 16.45
C HIS A 961 24.39 0.07 15.86
N TYR A 962 23.89 -0.35 14.69
CA TYR A 962 22.74 0.26 14.02
C TYR A 962 21.55 -0.65 14.38
N VAL A 963 20.63 -0.12 15.17
CA VAL A 963 19.50 -0.89 15.72
C VAL A 963 18.16 -0.42 15.18
N VAL A 964 17.42 -1.35 14.54
CA VAL A 964 16.10 -1.08 14.00
C VAL A 964 15.11 -1.72 14.95
N SER A 965 14.27 -0.89 15.58
CA SER A 965 13.26 -1.35 16.52
C SER A 965 11.87 -0.98 16.04
N TYR A 966 10.87 -1.82 16.40
CA TYR A 966 9.50 -1.70 15.91
C TYR A 966 8.54 -2.55 16.74
N TYR A 967 7.25 -2.39 16.48
CA TYR A 967 6.28 -3.16 17.22
C TYR A 967 5.28 -3.80 16.32
N PRO A 968 4.68 -4.93 16.74
CA PRO A 968 3.50 -5.47 16.03
C PRO A 968 2.28 -4.57 16.28
N ASP A 969 1.15 -4.80 15.56
CA ASP A 969 -0.13 -4.11 15.74
C ASP A 969 -0.97 -4.86 16.79
N VAL A 970 -0.34 -5.28 17.89
CA VAL A 970 -1.03 -5.98 18.96
C VAL A 970 -0.66 -5.31 20.27
N VAL A 971 -1.64 -4.73 20.95
CA VAL A 971 -1.45 -4.05 22.24
C VAL A 971 -0.84 -5.01 23.27
N GLY A 972 0.27 -4.58 23.87
CA GLY A 972 1.02 -5.34 24.88
C GLY A 972 2.21 -6.09 24.31
N ALA A 973 2.40 -6.05 23.00
CA ALA A 973 3.55 -6.73 22.36
C ALA A 973 4.87 -6.07 22.82
N LYS A 974 5.91 -6.89 22.96
CA LYS A 974 7.20 -6.36 23.38
C LYS A 974 7.84 -5.70 22.15
N ARG A 975 8.68 -4.67 22.36
CA ARG A 975 9.41 -4.02 21.28
C ARG A 975 10.39 -5.03 20.70
N GLN A 976 10.45 -5.11 19.38
CA GLN A 976 11.37 -6.03 18.70
C GLN A 976 12.49 -5.24 18.08
N GLU A 977 13.68 -5.83 17.97
CA GLU A 977 14.81 -5.12 17.40
C GLU A 977 15.76 -6.00 16.61
N MET A 978 16.39 -5.39 15.59
CA MET A 978 17.37 -6.01 14.72
C MET A 978 18.63 -5.16 14.82
N THR A 979 19.69 -5.75 15.41
CA THR A 979 20.97 -5.07 15.63
C THR A 979 21.97 -5.43 14.52
N PHE A 980 22.55 -4.41 13.88
CA PHE A 980 23.56 -4.55 12.84
C PHE A 980 24.83 -3.94 13.34
N ASP A 981 25.91 -4.73 13.35
CA ASP A 981 27.24 -4.26 13.73
C ASP A 981 27.72 -3.44 12.55
N MET A 982 28.11 -2.18 12.80
CA MET A 982 28.52 -1.29 11.74
C MET A 982 29.76 -0.47 12.06
N ILE A 983 30.63 -0.32 11.07
CA ILE A 983 31.87 0.45 11.19
C ILE A 983 31.73 1.78 10.47
N LEU A 984 32.23 2.85 11.09
CA LEU A 984 32.38 4.17 10.50
C LEU A 984 33.86 4.22 10.23
N ASP A 985 34.23 4.48 8.96
CA ASP A 985 35.62 4.53 8.48
C ASP A 985 35.66 5.52 7.34
N ARG A 986 36.29 6.70 7.54
CA ARG A 986 36.38 7.77 6.53
C ARG A 986 37.80 7.92 5.97
N GLN A 987 38.66 6.96 6.29
CA GLN A 987 40.07 6.97 5.94
C GLN A 987 40.44 6.03 4.79
N LYS A 988 40.92 6.58 3.64
CA LYS A 988 41.35 5.79 2.46
C LYS A 988 42.48 4.81 2.84
N PRO A 989 42.64 3.66 2.12
CA PRO A 989 43.76 2.76 2.44
C PRO A 989 45.10 3.40 2.08
N VAL A 990 46.17 2.79 2.58
CA VAL A 990 47.53 3.30 2.43
C VAL A 990 48.21 2.76 1.18
N LEU A 991 48.68 3.69 0.32
CA LEU A 991 49.48 3.45 -0.89
C LEU A 991 50.86 3.97 -0.53
N SER A 992 51.91 3.14 -0.63
CA SER A 992 53.24 3.61 -0.25
C SER A 992 54.31 3.34 -1.29
N GLN A 993 54.66 2.06 -1.43
CA GLN A 993 55.74 1.56 -2.26
C GLN A 993 55.31 0.31 -3.01
N ALA A 994 56.03 0.00 -4.09
CA ALA A 994 55.84 -1.19 -4.91
C ALA A 994 57.13 -1.48 -5.66
N THR A 995 57.28 -2.69 -6.18
CA THR A 995 58.42 -3.01 -7.03
C THR A 995 57.87 -3.27 -8.42
N PHE A 996 58.71 -3.02 -9.43
CA PHE A 996 58.39 -3.31 -10.85
C PHE A 996 59.60 -3.98 -11.48
N ASP A 997 59.40 -5.15 -12.08
CA ASP A 997 60.49 -5.90 -12.70
C ASP A 997 60.49 -5.77 -14.22
N PRO A 998 61.39 -4.96 -14.82
CA PRO A 998 61.43 -4.85 -16.29
C PRO A 998 61.68 -6.14 -17.07
N GLU A 999 62.21 -7.20 -16.42
CA GLU A 999 62.47 -8.50 -17.06
C GLU A 999 61.16 -9.21 -17.42
N THR A 1000 60.23 -9.28 -16.43
CA THR A 1000 58.98 -10.02 -16.47
C THR A 1000 57.71 -9.17 -16.53
N ASN A 1001 57.87 -7.86 -16.36
CA ASN A 1001 56.79 -6.83 -16.31
C ASN A 1001 55.94 -7.05 -15.05
N ARG A 1002 56.54 -7.61 -14.00
CA ARG A 1002 55.84 -7.88 -12.75
C ARG A 1002 55.77 -6.68 -11.81
N PHE A 1003 54.55 -6.22 -11.55
CA PHE A 1003 54.25 -5.15 -10.62
C PHE A 1003 53.86 -5.78 -9.28
N LYS A 1004 54.69 -5.58 -8.25
CA LYS A 1004 54.40 -6.17 -6.93
C LYS A 1004 54.17 -5.11 -5.84
N PRO A 1005 52.91 -4.75 -5.51
CA PRO A 1005 52.72 -3.75 -4.45
C PRO A 1005 53.02 -4.30 -3.04
N GLU A 1006 53.16 -3.39 -2.05
CA GLU A 1006 53.39 -3.75 -0.65
C GLU A 1006 52.15 -4.47 -0.11
N PRO A 1007 52.28 -5.47 0.82
CA PRO A 1007 51.10 -6.19 1.34
C PRO A 1007 49.98 -5.26 1.79
N LEU A 1008 48.73 -5.64 1.51
CA LEU A 1008 47.53 -4.83 1.81
C LEU A 1008 47.35 -4.44 3.26
N LYS A 1009 47.15 -3.12 3.49
CA LYS A 1009 46.90 -2.51 4.81
C LYS A 1009 45.86 -1.40 4.66
N ASP A 1010 44.92 -1.32 5.61
CA ASP A 1010 43.92 -0.26 5.60
C ASP A 1010 44.14 0.69 6.76
N ARG A 1011 43.89 1.98 6.53
CA ARG A 1011 43.95 3.01 7.56
C ARG A 1011 42.50 3.14 8.03
N GLY A 1012 42.18 2.49 9.15
CA GLY A 1012 40.82 2.43 9.68
C GLY A 1012 40.39 1.01 10.01
N LEU A 1013 39.16 0.83 10.51
CA LEU A 1013 38.67 -0.48 10.96
C LEU A 1013 37.98 -1.34 9.90
N ALA A 1014 37.54 -0.77 8.78
CA ALA A 1014 36.82 -1.50 7.73
C ALA A 1014 37.64 -2.63 7.06
N GLY A 1015 38.92 -2.36 6.77
CA GLY A 1015 39.83 -3.31 6.14
C GLY A 1015 39.76 -3.27 4.64
N VAL A 1016 40.90 -3.55 3.98
CA VAL A 1016 41.01 -3.58 2.51
C VAL A 1016 40.24 -4.79 1.99
N ARG A 1017 39.36 -4.59 0.99
CA ARG A 1017 38.65 -5.71 0.39
C ARG A 1017 39.31 -6.21 -0.91
N LYS A 1018 39.81 -5.27 -1.73
CA LYS A 1018 40.34 -5.58 -3.04
C LYS A 1018 41.39 -4.58 -3.49
N ASP A 1019 42.42 -5.08 -4.17
CA ASP A 1019 43.40 -4.26 -4.85
C ASP A 1019 43.35 -4.64 -6.33
N SER A 1020 43.61 -3.68 -7.22
CA SER A 1020 43.51 -3.92 -8.65
C SER A 1020 44.43 -3.01 -9.44
N VAL A 1021 44.63 -3.32 -10.72
CA VAL A 1021 45.47 -2.53 -11.61
C VAL A 1021 44.70 -2.37 -12.91
N PHE A 1022 44.64 -1.13 -13.42
CA PHE A 1022 44.01 -0.84 -14.70
C PHE A 1022 44.75 0.24 -15.50
N TYR A 1023 44.54 0.25 -16.82
CA TYR A 1023 44.97 1.31 -17.72
C TYR A 1023 43.70 1.85 -18.45
N LEU A 1024 43.81 2.99 -19.15
CA LEU A 1024 42.63 3.54 -19.84
C LEU A 1024 42.63 3.24 -21.33
N GLU A 1025 41.59 2.50 -21.77
CA GLU A 1025 41.42 2.12 -23.16
C GLU A 1025 40.89 3.32 -23.95
N ARG A 1026 41.67 3.87 -24.88
CA ARG A 1026 41.26 5.01 -25.70
C ARG A 1026 40.34 4.56 -26.84
N LYS A 1027 39.05 4.88 -26.72
CA LYS A 1027 38.04 4.55 -27.72
C LYS A 1027 37.42 5.84 -28.20
N ASP A 1028 37.35 6.03 -29.55
CA ASP A 1028 36.87 7.22 -30.25
C ASP A 1028 37.70 8.47 -29.85
N ASN A 1029 39.02 8.24 -29.64
CA ASN A 1029 40.04 9.21 -29.24
C ASN A 1029 39.84 9.79 -27.81
N LYS A 1030 39.05 9.10 -26.97
CA LYS A 1030 38.83 9.54 -25.59
C LYS A 1030 39.02 8.40 -24.55
N PRO A 1031 39.60 8.68 -23.37
CA PRO A 1031 39.77 7.60 -22.38
C PRO A 1031 38.51 7.25 -21.58
N TYR A 1032 37.37 7.83 -21.97
CA TYR A 1032 36.06 7.62 -21.34
C TYR A 1032 34.92 7.45 -22.36
N THR A 1033 33.78 6.93 -21.90
CA THR A 1033 32.56 6.71 -22.67
C THR A 1033 31.41 7.55 -22.07
N VAL A 1034 30.78 8.37 -22.93
CA VAL A 1034 29.61 9.20 -22.59
C VAL A 1034 28.38 8.45 -23.13
N THR A 1035 27.56 7.92 -22.21
CA THR A 1035 26.33 7.17 -22.49
C THR A 1035 25.12 8.11 -22.29
N ILE A 1036 24.28 8.21 -23.34
CA ILE A 1036 23.06 9.03 -23.32
C ILE A 1036 21.81 8.12 -23.24
N ASN A 1037 21.18 8.04 -22.04
CA ASN A 1037 19.97 7.26 -21.81
C ASN A 1037 18.74 8.13 -22.12
N ASP A 1038 18.25 8.04 -23.38
CA ASP A 1038 17.12 8.84 -23.85
C ASP A 1038 15.80 8.59 -23.09
N SER A 1039 15.58 7.35 -22.58
CA SER A 1039 14.38 6.99 -21.81
C SER A 1039 14.25 7.75 -20.49
N TYR A 1040 15.37 7.92 -19.75
CA TYR A 1040 15.35 8.69 -18.50
C TYR A 1040 15.86 10.13 -18.72
N LYS A 1041 16.24 10.47 -19.98
CA LYS A 1041 16.78 11.78 -20.40
C LYS A 1041 18.02 12.15 -19.52
N TYR A 1042 18.90 11.14 -19.33
CA TYR A 1042 20.08 11.14 -18.46
C TYR A 1042 21.37 10.90 -19.22
N VAL A 1043 22.47 11.51 -18.75
CA VAL A 1043 23.81 11.34 -19.34
C VAL A 1043 24.73 10.76 -18.27
N SER A 1044 25.46 9.71 -18.65
CA SER A 1044 26.43 9.00 -17.81
C SER A 1044 27.80 9.10 -18.47
N VAL A 1045 28.86 9.33 -17.68
CA VAL A 1045 30.23 9.37 -18.19
C VAL A 1045 31.09 8.39 -17.37
N GLU A 1046 31.80 7.48 -18.06
CA GLU A 1046 32.60 6.48 -17.38
C GLU A 1046 33.96 6.28 -18.01
N ASP A 1047 34.99 6.09 -17.15
CA ASP A 1047 36.35 5.73 -17.55
C ASP A 1047 36.32 4.39 -18.27
N ASN A 1048 37.18 4.24 -19.29
CA ASN A 1048 37.30 2.98 -20.01
C ASN A 1048 38.37 2.18 -19.29
N LYS A 1049 38.06 1.67 -18.09
CA LYS A 1049 39.01 0.91 -17.27
C LYS A 1049 39.18 -0.50 -17.79
N THR A 1050 40.42 -0.87 -18.09
CA THR A 1050 40.81 -2.19 -18.54
C THR A 1050 41.73 -2.77 -17.46
N PHE A 1051 41.21 -3.77 -16.75
CA PHE A 1051 41.89 -4.39 -15.63
C PHE A 1051 42.93 -5.43 -16.01
N VAL A 1052 43.99 -5.52 -15.20
CA VAL A 1052 45.10 -6.48 -15.33
C VAL A 1052 44.89 -7.53 -14.21
N GLU A 1053 44.91 -8.82 -14.60
CA GLU A 1053 44.69 -9.97 -13.71
C GLU A 1053 45.64 -9.95 -12.52
N ARG A 1054 45.08 -10.17 -11.30
CA ARG A 1054 45.86 -10.32 -10.06
C ARG A 1054 46.36 -11.77 -10.00
N GLN A 1055 47.65 -11.97 -9.79
CA GLN A 1055 48.22 -13.31 -9.64
C GLN A 1055 47.99 -13.83 -8.22
N ALA A 1056 48.10 -15.16 -8.02
CA ALA A 1056 47.89 -15.82 -6.73
C ALA A 1056 48.75 -15.21 -5.61
N ASP A 1057 49.98 -14.76 -5.93
CA ASP A 1057 50.87 -14.12 -4.97
C ASP A 1057 50.63 -12.61 -4.80
N GLY A 1058 49.56 -12.07 -5.44
CA GLY A 1058 49.18 -10.65 -5.33
C GLY A 1058 49.92 -9.68 -6.23
N SER A 1059 50.65 -10.21 -7.24
CA SER A 1059 51.39 -9.41 -8.21
C SER A 1059 50.56 -9.28 -9.50
N PHE A 1060 50.96 -8.39 -10.40
CA PHE A 1060 50.24 -8.14 -11.66
C PHE A 1060 51.27 -8.11 -12.76
N ILE A 1061 50.99 -8.74 -13.93
CA ILE A 1061 51.90 -8.71 -15.10
C ILE A 1061 51.36 -7.60 -16.01
N LEU A 1062 52.07 -6.48 -16.04
CA LEU A 1062 51.62 -5.30 -16.81
C LEU A 1062 51.80 -5.54 -18.31
N PRO A 1063 50.76 -5.31 -19.14
CA PRO A 1063 50.89 -5.49 -20.58
C PRO A 1063 51.38 -4.16 -21.17
N LEU A 1064 52.70 -4.04 -21.34
CA LEU A 1064 53.35 -2.80 -21.86
C LEU A 1064 53.00 -2.53 -23.33
N ASP A 1065 52.59 -3.54 -24.10
CA ASP A 1065 52.14 -3.34 -25.50
C ASP A 1065 50.86 -2.48 -25.49
N LYS A 1066 49.96 -2.73 -24.54
CA LYS A 1066 48.66 -2.02 -24.38
C LYS A 1066 48.81 -0.56 -23.92
N ALA A 1067 49.72 -0.29 -22.98
CA ALA A 1067 49.89 1.08 -22.47
C ALA A 1067 51.28 1.22 -21.86
N LYS A 1068 51.75 2.45 -21.63
CA LYS A 1068 53.10 2.58 -21.08
C LYS A 1068 53.03 2.43 -19.56
N LEU A 1069 54.15 2.04 -18.92
CA LEU A 1069 54.21 1.79 -17.45
C LEU A 1069 53.53 2.90 -16.65
N GLY A 1070 53.81 4.16 -17.01
CA GLY A 1070 53.27 5.37 -16.39
C GLY A 1070 51.77 5.60 -16.60
N ASP A 1071 51.14 4.82 -17.49
CA ASP A 1071 49.71 4.92 -17.75
C ASP A 1071 48.90 3.90 -16.96
N PHE A 1072 49.54 3.22 -16.00
CA PHE A 1072 48.84 2.21 -15.17
C PHE A 1072 48.46 2.83 -13.82
N TYR A 1073 47.30 2.42 -13.28
CA TYR A 1073 46.80 2.89 -12.00
C TYR A 1073 46.71 1.71 -11.07
N TYR A 1074 47.03 1.95 -9.79
CA TYR A 1074 46.93 0.95 -8.77
C TYR A 1074 45.91 1.47 -7.80
N MET A 1075 44.86 0.68 -7.59
CA MET A 1075 43.69 1.03 -6.80
C MET A 1075 43.52 0.10 -5.61
N VAL A 1076 43.21 0.66 -4.43
CA VAL A 1076 42.99 -0.11 -3.21
C VAL A 1076 41.68 0.39 -2.58
N GLU A 1077 40.75 -0.52 -2.35
CA GLU A 1077 39.45 -0.14 -1.77
C GLU A 1077 39.11 -0.91 -0.52
N ASP A 1078 38.61 -0.20 0.49
CA ASP A 1078 38.25 -0.82 1.75
C ASP A 1078 36.79 -1.29 1.72
N PHE A 1079 36.32 -1.92 2.81
CA PHE A 1079 34.94 -2.42 2.93
C PHE A 1079 33.92 -1.31 3.21
N ALA A 1080 34.37 -0.05 3.43
CA ALA A 1080 33.52 1.13 3.74
C ALA A 1080 33.22 2.01 2.53
N GLY A 1081 33.86 1.72 1.40
CA GLY A 1081 33.69 2.50 0.19
C GLY A 1081 34.79 3.50 -0.09
N ASN A 1082 35.90 3.48 0.70
CA ASN A 1082 37.02 4.42 0.50
C ASN A 1082 37.99 3.87 -0.53
N VAL A 1083 38.29 4.67 -1.58
CA VAL A 1083 39.12 4.29 -2.71
C VAL A 1083 40.39 5.14 -2.82
N ALA A 1084 41.56 4.48 -2.83
CA ALA A 1084 42.87 5.10 -3.02
C ALA A 1084 43.38 4.71 -4.42
N ILE A 1085 43.75 5.68 -5.28
CA ILE A 1085 44.25 5.41 -6.64
C ILE A 1085 45.55 6.14 -6.87
N ALA A 1086 46.61 5.39 -7.23
CA ALA A 1086 47.90 5.95 -7.55
C ALA A 1086 48.17 5.78 -9.04
N LYS A 1087 48.51 6.88 -9.72
CA LYS A 1087 48.93 6.75 -11.11
C LYS A 1087 50.43 6.44 -11.05
N LEU A 1088 50.84 5.27 -11.59
CA LEU A 1088 52.26 4.87 -11.68
C LEU A 1088 52.77 5.87 -12.69
N GLY A 1089 53.84 6.58 -12.40
CA GLY A 1089 54.21 7.63 -13.35
C GLY A 1089 54.21 8.99 -12.70
N ASP A 1090 53.48 9.13 -11.59
CA ASP A 1090 53.53 10.36 -10.80
C ASP A 1090 54.90 10.40 -10.11
N HIS A 1091 55.49 9.23 -9.82
CA HIS A 1091 56.82 9.13 -9.23
C HIS A 1091 57.83 8.35 -10.11
N LEU A 1092 57.71 8.46 -11.45
CA LEU A 1092 58.64 7.88 -12.42
C LEU A 1092 59.34 9.02 -13.17
N PRO A 1093 60.68 8.94 -13.44
CA PRO A 1093 61.38 10.05 -14.11
C PRO A 1093 60.82 10.54 -15.45
N THR A 1099 65.23 -8.04 -12.59
CA THR A 1099 65.54 -7.36 -11.33
C THR A 1099 64.41 -6.37 -10.94
N PRO A 1100 63.84 -6.44 -9.71
CA PRO A 1100 62.77 -5.49 -9.35
C PRO A 1100 63.28 -4.12 -8.88
N ILE A 1101 62.75 -3.02 -9.46
CA ILE A 1101 63.09 -1.64 -9.10
C ILE A 1101 62.00 -1.07 -8.19
N LYS A 1102 62.40 -0.40 -7.07
CA LYS A 1102 61.47 0.21 -6.12
C LYS A 1102 60.78 1.39 -6.79
N LEU A 1103 59.49 1.60 -6.44
CA LEU A 1103 58.65 2.63 -7.03
C LEU A 1103 57.69 3.20 -5.98
N LYS A 1104 57.77 4.52 -5.75
CA LYS A 1104 56.93 5.19 -4.77
C LYS A 1104 55.54 5.45 -5.36
N LEU A 1105 54.49 5.26 -4.54
CA LEU A 1105 53.10 5.45 -4.90
C LEU A 1105 52.43 6.38 -3.89
N THR A 1106 51.56 7.26 -4.38
CA THR A 1106 50.75 8.20 -3.60
C THR A 1106 49.41 8.31 -4.29
N ASP A 1107 48.34 8.49 -3.51
CA ASP A 1107 46.99 8.69 -4.02
C ASP A 1107 46.91 10.05 -4.69
N GLY A 1108 46.30 10.08 -5.88
CA GLY A 1108 46.13 11.29 -6.68
C GLY A 1108 44.85 12.03 -6.38
N ASN A 1109 44.26 11.75 -5.19
CA ASN A 1109 43.02 12.35 -4.66
C ASN A 1109 41.84 12.33 -5.66
N TYR A 1110 41.69 11.21 -6.38
CA TYR A 1110 40.61 11.04 -7.36
C TYR A 1110 39.22 10.94 -6.71
N GLN A 1111 39.07 10.13 -5.66
CA GLN A 1111 37.81 10.02 -4.94
C GLN A 1111 37.75 11.14 -3.94
N THR A 1112 36.86 12.09 -4.19
CA THR A 1112 36.67 13.23 -3.30
C THR A 1112 35.26 13.84 -3.43
N LYS A 1113 34.82 14.47 -2.34
CA LYS A 1113 33.57 15.22 -2.23
C LYS A 1113 33.69 16.37 -3.25
N GLU A 1114 32.63 16.57 -4.06
CA GLU A 1114 32.63 17.66 -5.06
C GLU A 1114 32.68 19.02 -4.37
N THR A 1115 33.35 19.99 -4.97
CA THR A 1115 33.48 21.30 -4.37
C THR A 1115 32.83 22.34 -5.28
N LEU A 1116 31.97 23.18 -4.67
CA LEU A 1116 31.22 24.23 -5.36
C LEU A 1116 32.14 25.36 -5.81
N LYS A 1117 31.98 25.79 -7.09
CA LYS A 1117 32.74 26.86 -7.74
C LYS A 1117 32.76 28.13 -6.89
N ASP A 1118 33.93 28.45 -6.34
CA ASP A 1118 34.11 29.63 -5.50
C ASP A 1118 35.07 30.61 -6.18
N ASN A 1119 34.49 31.57 -6.93
CA ASN A 1119 35.21 32.61 -7.68
C ASN A 1119 34.72 34.00 -7.26
N LEU A 1120 34.47 34.17 -5.95
CA LEU A 1120 33.97 35.40 -5.33
C LEU A 1120 35.07 36.20 -4.62
N GLU A 1121 34.93 37.54 -4.64
CA GLU A 1121 35.81 38.51 -3.98
C GLU A 1121 34.91 39.40 -3.12
N MET A 1122 35.06 39.29 -1.79
CA MET A 1122 34.22 40.03 -0.84
C MET A 1122 34.66 41.49 -0.64
N THR A 1123 33.81 42.42 -1.11
CA THR A 1123 34.01 43.87 -0.99
C THR A 1123 33.25 44.36 0.24
N GLN A 1124 33.64 45.53 0.80
CA GLN A 1124 33.05 46.15 2.00
C GLN A 1124 31.50 46.27 1.97
N SER A 1125 30.94 46.58 0.77
CA SER A 1125 29.49 46.75 0.54
C SER A 1125 28.67 45.49 0.90
N ASP A 1126 29.20 44.29 0.53
CA ASP A 1126 28.61 42.98 0.73
C ASP A 1126 28.24 42.66 2.18
N THR A 1127 27.16 41.89 2.35
CA THR A 1127 26.65 41.44 3.66
C THR A 1127 27.55 40.32 4.22
N GLY A 1128 28.27 39.63 3.33
CA GLY A 1128 29.13 38.51 3.66
C GLY A 1128 28.41 37.18 3.51
N LEU A 1129 27.08 37.24 3.22
CA LEU A 1129 26.22 36.09 3.01
C LEU A 1129 26.38 35.55 1.60
N VAL A 1130 26.60 34.24 1.49
CA VAL A 1130 26.76 33.55 0.21
C VAL A 1130 25.70 32.45 0.06
N THR A 1131 25.41 32.07 -1.20
CA THR A 1131 24.44 31.03 -1.57
C THR A 1131 24.82 30.41 -2.91
N ASN A 1132 24.08 29.37 -3.35
CA ASN A 1132 24.39 28.74 -4.63
C ASN A 1132 23.37 29.14 -5.69
N GLN A 1133 23.79 29.03 -6.96
CA GLN A 1133 23.00 29.36 -8.14
C GLN A 1133 23.24 28.30 -9.21
N ALA A 1134 22.17 27.86 -9.88
CA ALA A 1134 22.20 26.85 -10.94
C ALA A 1134 20.98 27.01 -11.79
N GLN A 1135 21.14 26.69 -13.08
CA GLN A 1135 20.06 26.77 -14.06
C GLN A 1135 19.35 25.43 -14.02
N LEU A 1136 18.09 25.45 -13.59
CA LEU A 1136 17.30 24.25 -13.49
C LEU A 1136 16.81 23.78 -14.86
N ALA A 1137 16.85 22.46 -15.07
CA ALA A 1137 16.51 21.79 -16.33
C ALA A 1137 15.04 21.58 -16.58
N VAL A 1138 14.67 21.57 -17.86
CA VAL A 1138 13.32 21.34 -18.36
C VAL A 1138 13.24 19.88 -18.84
N VAL A 1139 14.24 19.45 -19.64
CA VAL A 1139 14.30 18.13 -20.27
C VAL A 1139 15.19 17.14 -19.53
N HIS A 1140 16.50 17.43 -19.46
CA HIS A 1140 17.47 16.51 -18.86
C HIS A 1140 17.29 16.34 -17.35
N ARG A 1141 17.69 15.15 -16.85
CA ARG A 1141 17.61 14.77 -15.44
C ARG A 1141 18.99 14.74 -14.74
N ASN A 1142 19.99 15.41 -15.34
CA ASN A 1142 21.33 15.51 -14.75
C ASN A 1142 21.36 16.67 -13.79
N GLN A 1143 22.17 16.56 -12.73
CA GLN A 1143 22.32 17.62 -11.72
C GLN A 1143 23.09 18.77 -12.38
N PRO A 1144 22.44 19.95 -12.61
CA PRO A 1144 23.11 21.04 -13.33
C PRO A 1144 24.26 21.64 -12.56
N GLN A 1145 25.20 22.29 -13.29
CA GLN A 1145 26.36 22.91 -12.66
C GLN A 1145 25.91 24.05 -11.75
N SER A 1146 26.41 24.04 -10.52
CA SER A 1146 26.08 25.02 -9.51
C SER A 1146 27.34 25.75 -9.07
N GLN A 1147 27.19 27.01 -8.70
CA GLN A 1147 28.30 27.86 -8.27
C GLN A 1147 27.86 28.79 -7.15
N LEU A 1148 28.82 29.35 -6.41
CA LEU A 1148 28.58 30.30 -5.33
C LEU A 1148 28.29 31.68 -5.89
N THR A 1149 27.36 32.36 -5.24
CA THR A 1149 26.92 33.72 -5.57
C THR A 1149 26.66 34.48 -4.27
N LYS A 1150 26.79 35.82 -4.30
CA LYS A 1150 26.57 36.69 -3.14
C LYS A 1150 25.07 36.88 -2.87
N MET A 1151 24.74 37.14 -1.60
CA MET A 1151 23.34 37.37 -1.17
C MET A 1151 23.26 38.73 -0.47
N ASN A 1152 23.25 39.80 -1.27
CA ASN A 1152 23.15 41.21 -0.83
C ASN A 1152 21.70 41.71 -0.91
N GLN A 1153 20.81 40.83 -1.37
CA GLN A 1153 19.36 41.12 -1.50
C GLN A 1153 18.60 39.81 -1.65
N ASP A 1154 17.26 39.85 -1.56
CA ASP A 1154 16.44 38.62 -1.73
C ASP A 1154 16.92 37.51 -0.79
N PHE A 1155 16.83 37.73 0.53
CA PHE A 1155 17.30 36.72 1.53
C PHE A 1155 16.23 35.64 1.72
N PHE A 1156 16.07 34.78 0.70
CA PHE A 1156 15.07 33.68 0.67
C PHE A 1156 15.78 32.43 0.16
N ILE A 1157 15.47 31.26 0.74
CA ILE A 1157 16.09 30.00 0.32
C ILE A 1157 15.05 28.88 0.08
N SER A 1158 15.40 27.94 -0.81
CA SER A 1158 14.57 26.79 -1.14
C SER A 1158 15.37 25.51 -0.89
N PRO A 1159 15.25 24.93 0.32
CA PRO A 1159 16.05 23.73 0.66
C PRO A 1159 15.58 22.44 -0.01
N ASN A 1160 15.81 22.32 -1.34
CA ASN A 1160 15.41 21.16 -2.15
C ASN A 1160 16.59 20.47 -2.87
N GLU A 1161 17.83 20.92 -2.60
CA GLU A 1161 19.07 20.38 -3.15
C GLU A 1161 19.09 20.30 -4.69
N ASP A 1162 18.55 21.33 -5.35
CA ASP A 1162 18.53 21.37 -6.82
C ASP A 1162 19.71 22.19 -7.36
N GLY A 1163 20.50 22.75 -6.45
CA GLY A 1163 21.65 23.57 -6.79
C GLY A 1163 21.38 25.06 -6.80
N ASN A 1164 20.10 25.46 -6.66
CA ASN A 1164 19.71 26.86 -6.70
C ASN A 1164 19.10 27.35 -5.36
N LYS A 1165 19.88 28.19 -4.68
CA LYS A 1165 19.53 28.82 -3.37
C LYS A 1165 19.12 27.75 -2.36
N ASP A 1166 19.96 26.74 -2.14
CA ASP A 1166 19.67 25.67 -1.19
C ASP A 1166 20.09 25.97 0.25
N PHE A 1167 21.01 26.93 0.46
CA PHE A 1167 21.56 27.25 1.77
C PHE A 1167 21.99 28.71 1.92
N VAL A 1168 22.37 29.11 3.16
CA VAL A 1168 22.94 30.41 3.53
C VAL A 1168 24.27 30.11 4.23
N ALA A 1169 25.36 30.79 3.83
CA ALA A 1169 26.68 30.62 4.43
C ALA A 1169 27.44 31.96 4.56
N PHE A 1170 28.52 31.98 5.38
CA PHE A 1170 29.36 33.16 5.64
C PHE A 1170 30.75 32.95 5.03
N LYS A 1171 31.27 33.99 4.32
CA LYS A 1171 32.59 33.94 3.69
C LYS A 1171 33.58 34.96 4.26
N ASN A 1175 41.07 40.96 3.03
CA ASN A 1175 41.94 41.68 3.97
C ASN A 1175 41.30 41.76 5.37
N ASN A 1176 41.05 40.59 5.99
CA ASN A 1176 40.47 40.43 7.33
C ASN A 1176 40.82 39.07 7.93
N VAL A 1177 40.48 38.86 9.22
CA VAL A 1177 40.70 37.60 9.97
C VAL A 1177 39.59 37.40 11.02
N TYR A 1178 38.95 36.22 10.99
CA TYR A 1178 37.85 35.89 11.94
C TYR A 1178 38.30 34.78 12.91
N ASN A 1179 37.78 34.80 14.14
CA ASN A 1179 38.17 33.79 15.16
C ASN A 1179 36.93 33.27 15.89
N ASP A 1180 36.96 32.02 16.35
CA ASP A 1180 35.83 31.42 17.10
C ASP A 1180 34.53 31.57 16.29
N LEU A 1181 34.57 31.23 15.00
CA LEU A 1181 33.35 31.38 14.17
C LEU A 1181 32.21 30.57 14.80
N THR A 1182 31.05 31.19 14.95
CA THR A 1182 29.87 30.52 15.57
C THR A 1182 28.60 30.95 14.83
N VAL A 1183 27.99 30.00 14.14
CA VAL A 1183 26.77 30.22 13.38
C VAL A 1183 25.63 29.48 14.09
N ASN A 1184 24.54 30.20 14.41
CA ASN A 1184 23.35 29.67 15.07
C ASN A 1184 22.11 30.21 14.38
N VAL A 1185 21.04 29.39 14.32
CA VAL A 1185 19.78 29.72 13.67
C VAL A 1185 18.65 29.58 14.70
N TYR A 1186 17.76 30.58 14.81
CA TYR A 1186 16.63 30.62 15.75
C TYR A 1186 15.35 30.96 14.99
N ALA A 1187 14.20 30.49 15.48
CA ALA A 1187 12.89 30.81 14.88
C ALA A 1187 12.58 32.32 15.03
N LYS A 1188 11.51 32.80 14.35
CA LYS A 1188 11.07 34.20 14.37
C LYS A 1188 10.91 34.79 15.81
N ASP A 1189 10.02 34.18 16.64
CA ASP A 1189 9.69 34.61 18.01
C ASP A 1189 10.81 34.44 19.07
N ASP A 1190 11.91 33.72 18.76
CA ASP A 1190 13.01 33.58 19.72
C ASP A 1190 13.91 34.84 19.73
N HIS A 1191 13.31 35.99 20.17
CA HIS A 1191 13.95 37.31 20.27
C HIS A 1191 15.12 37.32 21.27
N GLN A 1192 15.00 36.52 22.35
CA GLN A 1192 16.00 36.40 23.40
C GLN A 1192 17.16 35.43 23.08
N LYS A 1193 17.11 34.76 21.89
CA LYS A 1193 18.09 33.77 21.37
C LYS A 1193 18.25 32.58 22.32
N GLN A 1194 17.12 32.18 22.94
CA GLN A 1194 17.00 31.13 23.96
C GLN A 1194 17.40 29.74 23.47
N THR A 1195 16.81 29.27 22.35
CA THR A 1195 17.10 27.94 21.81
C THR A 1195 17.31 27.91 20.29
N PRO A 1196 18.54 27.57 19.85
CA PRO A 1196 18.76 27.42 18.41
C PRO A 1196 18.10 26.15 17.87
N ILE A 1197 17.71 26.18 16.58
CA ILE A 1197 17.11 25.05 15.87
C ILE A 1197 18.23 24.31 15.11
N TRP A 1198 19.31 25.05 14.78
CA TRP A 1198 20.51 24.57 14.12
C TRP A 1198 21.69 25.43 14.55
N SER A 1199 22.89 24.81 14.63
CA SER A 1199 24.14 25.44 15.01
C SER A 1199 25.29 24.81 14.22
N SER A 1200 26.36 25.58 13.96
CA SER A 1200 27.55 25.11 13.25
C SER A 1200 28.37 24.13 14.13
N GLN A 1201 29.18 23.27 13.49
CA GLN A 1201 29.99 22.29 14.21
C GLN A 1201 31.40 22.76 14.51
N ALA A 1202 31.93 22.35 15.69
CA ALA A 1202 33.26 22.69 16.21
C ALA A 1202 34.37 22.62 15.13
N GLY A 1203 34.94 23.78 14.83
CA GLY A 1203 36.01 23.95 13.84
C GLY A 1203 35.61 24.76 12.62
N ALA A 1204 34.57 25.62 12.74
CA ALA A 1204 34.06 26.46 11.65
C ALA A 1204 35.08 27.51 11.20
N SER A 1205 35.29 27.62 9.87
CA SER A 1205 36.25 28.55 9.27
C SER A 1205 35.61 29.32 8.11
N VAL A 1206 36.14 30.52 7.83
CA VAL A 1206 35.69 31.37 6.73
C VAL A 1206 36.14 30.81 5.36
N SER A 1207 37.20 29.96 5.34
CA SER A 1207 37.76 29.29 4.15
C SER A 1207 36.87 28.16 3.64
N ALA A 1208 36.34 27.30 4.56
CA ALA A 1208 35.43 26.20 4.23
C ALA A 1208 33.99 26.68 4.49
N ILE A 1209 33.24 26.93 3.40
CA ILE A 1209 31.87 27.43 3.46
C ILE A 1209 30.85 26.37 3.95
N GLU A 1210 31.21 25.06 3.89
CA GLU A 1210 30.35 23.95 4.31
C GLU A 1210 30.05 23.98 5.80
N SER A 1211 31.03 24.43 6.61
CA SER A 1211 30.95 24.54 8.07
C SER A 1211 29.95 25.59 8.57
N THR A 1212 29.62 26.58 7.73
CA THR A 1212 28.68 27.66 8.05
C THR A 1212 27.38 27.57 7.23
N ALA A 1213 27.35 26.71 6.20
CA ALA A 1213 26.20 26.53 5.32
C ALA A 1213 24.98 25.91 6.02
N TRP A 1214 23.86 26.66 6.05
CA TRP A 1214 22.60 26.19 6.65
C TRP A 1214 21.63 25.88 5.53
N TYR A 1215 21.28 24.61 5.40
CA TYR A 1215 20.42 24.06 4.35
C TYR A 1215 18.97 23.93 4.73
N GLY A 1216 18.48 24.84 5.59
CA GLY A 1216 17.08 24.88 6.02
C GLY A 1216 16.65 23.66 6.82
N ILE A 1217 17.52 23.20 7.73
CA ILE A 1217 17.33 22.00 8.56
C ILE A 1217 17.55 22.23 10.07
N THR A 1218 17.09 21.27 10.89
CA THR A 1218 17.30 21.23 12.33
C THR A 1218 18.66 20.52 12.58
N ALA A 1219 19.12 20.45 13.84
CA ALA A 1219 20.38 19.75 14.18
C ALA A 1219 20.23 18.25 13.94
N ARG A 1220 19.02 17.70 14.22
CA ARG A 1220 18.65 16.30 14.02
C ARG A 1220 18.51 15.92 12.53
N GLY A 1221 18.65 16.91 11.64
CA GLY A 1221 18.58 16.74 10.19
C GLY A 1221 17.23 16.88 9.51
N SER A 1222 16.20 17.34 10.23
CA SER A 1222 14.87 17.51 9.65
C SER A 1222 14.68 18.86 9.00
N LYS A 1223 13.93 18.90 7.90
CA LYS A 1223 13.64 20.14 7.19
C LYS A 1223 12.76 21.03 8.03
N VAL A 1224 13.19 22.29 8.21
CA VAL A 1224 12.40 23.28 8.94
C VAL A 1224 11.16 23.68 8.11
N MET A 1225 10.05 24.00 8.81
CA MET A 1225 8.78 24.41 8.18
C MET A 1225 8.95 25.77 7.46
N PRO A 1226 8.19 26.07 6.39
CA PRO A 1226 8.32 27.39 5.73
C PRO A 1226 8.08 28.55 6.71
N GLY A 1227 8.87 29.63 6.56
CA GLY A 1227 8.79 30.82 7.40
C GLY A 1227 10.12 31.51 7.54
N ASP A 1228 10.19 32.59 8.39
CA ASP A 1228 11.39 33.40 8.65
C ASP A 1228 12.25 32.89 9.84
N TYR A 1229 13.59 33.08 9.76
CA TYR A 1229 14.56 32.58 10.75
C TYR A 1229 15.74 33.55 10.97
N GLN A 1230 16.38 33.49 12.16
CA GLN A 1230 17.52 34.36 12.52
C GLN A 1230 18.81 33.62 12.32
N TYR A 1231 19.58 34.04 11.32
CA TYR A 1231 20.88 33.48 11.03
C TYR A 1231 21.86 34.50 11.61
N VAL A 1232 22.59 34.11 12.69
CA VAL A 1232 23.50 35.05 13.36
C VAL A 1232 24.91 34.45 13.61
N VAL A 1233 25.90 35.13 13.02
CA VAL A 1233 27.34 34.83 13.00
C VAL A 1233 28.06 35.64 14.09
N THR A 1234 28.77 34.94 14.98
CA THR A 1234 29.52 35.59 16.08
C THR A 1234 30.94 35.00 16.13
N GLU A 1242 33.97 40.54 19.63
CA GLU A 1242 32.78 41.16 20.20
C GLU A 1242 31.69 41.44 19.13
N HIS A 1243 31.89 40.90 17.91
CA HIS A 1243 30.99 41.07 16.77
C HIS A 1243 29.86 40.04 16.69
N GLN A 1244 28.67 40.50 16.29
CA GLN A 1244 27.44 39.73 16.15
C GLN A 1244 26.63 40.26 14.94
N LYS A 1245 26.66 39.51 13.81
CA LYS A 1245 25.95 39.88 12.58
C LYS A 1245 24.66 39.08 12.43
N GLN A 1246 23.50 39.73 12.65
CA GLN A 1246 22.18 39.11 12.54
C GLN A 1246 21.55 39.36 11.15
N TYR A 1247 20.88 38.32 10.59
CA TYR A 1247 20.21 38.37 9.28
C TYR A 1247 18.97 37.48 9.27
N THR A 1248 17.83 38.02 8.81
CA THR A 1248 16.57 37.27 8.74
C THR A 1248 16.46 36.56 7.37
N ILE A 1249 16.28 35.22 7.42
CA ILE A 1249 16.21 34.35 6.24
C ILE A 1249 14.86 33.66 6.16
N SER A 1250 14.16 33.86 5.05
CA SER A 1250 12.88 33.22 4.79
C SER A 1250 13.12 31.89 4.04
N VAL A 1251 12.41 30.83 4.42
CA VAL A 1251 12.50 29.50 3.82
C VAL A 1251 11.20 29.18 3.07
N ASN A 1252 11.32 28.77 1.80
CA ASN A 1252 10.12 28.48 0.96
C ASN A 1252 10.51 27.67 -0.29
N ASP A 1253 9.88 26.49 -0.48
CA ASP A 1253 10.11 25.67 -1.66
C ASP A 1253 8.82 25.53 -2.51
N LYS A 1254 7.88 26.47 -2.34
CA LYS A 1254 6.62 26.52 -3.08
C LYS A 1254 6.91 27.08 -4.48
N LYS A 1255 6.63 26.27 -5.52
CA LYS A 1255 6.88 26.66 -6.91
C LYS A 1255 6.02 27.85 -7.35
N PRO A 1256 6.54 28.83 -8.14
CA PRO A 1256 5.69 29.95 -8.55
C PRO A 1256 4.50 29.54 -9.43
N MET A 1257 3.38 30.26 -9.32
CA MET A 1257 2.15 30.01 -10.07
C MET A 1257 2.14 30.89 -11.30
N ILE A 1258 2.26 30.29 -12.50
CA ILE A 1258 2.29 31.02 -13.78
C ILE A 1258 0.89 31.36 -14.27
N THR A 1259 0.69 32.66 -14.56
CA THR A 1259 -0.58 33.22 -15.04
C THR A 1259 -0.59 33.22 -16.59
N GLN A 1260 -1.79 33.28 -17.20
CA GLN A 1260 -2.00 33.11 -18.64
C GLN A 1260 -1.30 34.14 -19.57
N GLY A 1261 -1.03 35.36 -19.07
CA GLY A 1261 -0.46 36.45 -19.88
C GLY A 1261 -1.43 36.86 -20.96
N ARG A 1262 -0.94 37.39 -22.10
CA ARG A 1262 -1.80 37.73 -23.23
C ARG A 1262 -1.09 37.44 -24.58
N PHE A 1263 -1.88 37.17 -25.62
CA PHE A 1263 -1.40 36.86 -26.97
C PHE A 1263 -2.12 37.75 -27.98
N ASP A 1264 -1.37 38.37 -28.91
CA ASP A 1264 -1.85 39.29 -29.93
C ASP A 1264 -1.15 39.04 -31.26
N THR A 1265 -1.89 39.10 -32.38
CA THR A 1265 -1.35 38.92 -33.73
C THR A 1265 -1.26 40.29 -34.41
N ILE A 1266 -0.04 40.77 -34.64
CA ILE A 1266 0.23 42.06 -35.26
C ILE A 1266 1.01 41.81 -36.56
N ASN A 1267 0.41 42.14 -37.72
CA ASN A 1267 0.97 41.94 -39.06
C ASN A 1267 1.24 40.45 -39.38
N GLY A 1268 0.42 39.56 -38.79
CA GLY A 1268 0.53 38.12 -38.98
C GLY A 1268 1.36 37.40 -37.93
N VAL A 1269 2.37 38.08 -37.36
CA VAL A 1269 3.25 37.51 -36.33
C VAL A 1269 2.62 37.62 -34.91
N ASP A 1270 2.59 36.46 -34.20
CA ASP A 1270 2.08 36.32 -32.83
C ASP A 1270 3.01 37.06 -31.84
N HIS A 1271 2.45 37.46 -30.68
CA HIS A 1271 3.17 38.16 -29.62
C HIS A 1271 2.70 37.69 -28.23
N PHE A 1272 3.64 37.40 -27.32
CA PHE A 1272 3.29 37.00 -25.96
C PHE A 1272 3.76 38.07 -24.99
N THR A 1273 2.82 38.61 -24.20
CA THR A 1273 3.10 39.63 -23.19
C THR A 1273 2.74 39.07 -21.80
N PRO A 1274 3.74 38.61 -21.03
CA PRO A 1274 3.43 38.07 -19.68
C PRO A 1274 2.90 39.11 -18.70
N ASP A 1275 2.28 38.63 -17.63
CA ASP A 1275 1.70 39.49 -16.60
C ASP A 1275 2.77 40.00 -15.63
N LYS A 1276 2.79 41.33 -15.39
CA LYS A 1276 3.73 41.99 -14.48
C LYS A 1276 3.41 41.66 -13.02
N THR A 1277 4.45 41.42 -12.20
CA THR A 1277 4.32 41.05 -10.79
C THR A 1277 4.55 42.24 -9.87
N LEU A 1280 8.77 40.36 -2.59
CA LEU A 1280 7.99 40.47 -1.34
C LEU A 1280 7.16 39.19 -1.16
N ASP A 1281 7.34 38.51 -0.02
CA ASP A 1281 6.63 37.28 0.44
C ASP A 1281 7.23 36.00 -0.19
N SER A 1282 8.29 36.15 -1.00
CA SER A 1282 9.08 35.12 -1.73
C SER A 1282 8.37 34.64 -3.00
N SER A 1283 7.20 35.19 -3.31
CA SER A 1283 6.44 34.85 -4.53
C SER A 1283 6.84 35.81 -5.66
N GLY A 1284 7.55 36.88 -5.30
CA GLY A 1284 8.01 37.89 -6.27
C GLY A 1284 8.88 37.26 -7.34
N ILE A 1285 8.72 37.69 -8.58
CA ILE A 1285 9.50 37.14 -9.69
C ILE A 1285 10.75 37.96 -9.95
N VAL A 1286 11.91 37.30 -9.95
CA VAL A 1286 13.23 37.98 -10.15
C VAL A 1286 13.64 37.90 -11.62
N ARG A 1287 13.33 36.80 -12.31
CA ARG A 1287 13.70 36.68 -13.72
C ARG A 1287 12.67 35.91 -14.56
N GLU A 1288 12.54 36.32 -15.83
CA GLU A 1288 11.65 35.77 -16.85
C GLU A 1288 12.48 35.30 -18.04
N GLU A 1289 12.04 34.21 -18.68
CA GLU A 1289 12.64 33.63 -19.87
C GLU A 1289 11.54 33.19 -20.84
N VAL A 1290 11.80 33.32 -22.12
CA VAL A 1290 10.98 32.85 -23.24
C VAL A 1290 11.96 32.19 -24.19
N PHE A 1291 11.70 30.92 -24.51
CA PHE A 1291 12.56 30.11 -25.36
C PHE A 1291 11.77 28.96 -25.98
N TYR A 1292 12.35 28.31 -26.98
CA TYR A 1292 11.83 27.10 -27.60
C TYR A 1292 12.94 26.05 -27.58
N LEU A 1293 12.54 24.77 -27.50
CA LEU A 1293 13.46 23.66 -27.45
C LEU A 1293 13.73 23.04 -28.83
N ALA A 1294 14.84 23.48 -29.46
CA ALA A 1294 15.29 23.04 -30.78
C ALA A 1294 15.75 21.57 -30.77
N LYS A 1295 14.92 20.65 -31.31
CA LYS A 1295 15.20 19.19 -31.39
C LYS A 1295 16.46 18.86 -32.20
N LYS A 1296 17.38 18.09 -31.57
CA LYS A 1296 18.66 17.68 -32.14
C LYS A 1296 18.90 16.22 -31.82
N ASN A 1297 19.26 15.42 -32.84
CA ASN A 1297 19.55 13.98 -32.78
C ASN A 1297 18.44 13.15 -32.05
N GLY A 1298 17.18 13.56 -32.26
CA GLY A 1298 16.00 12.93 -31.67
C GLY A 1298 15.82 13.20 -30.19
N ARG A 1299 16.40 14.32 -29.69
CA ARG A 1299 16.32 14.69 -28.27
C ARG A 1299 16.32 16.21 -28.05
N LYS A 1300 15.72 16.65 -26.92
CA LYS A 1300 15.61 18.07 -26.56
C LYS A 1300 16.78 18.59 -25.65
N PHE A 1301 17.79 17.72 -25.41
CA PHE A 1301 18.97 18.07 -24.62
C PHE A 1301 20.29 17.73 -25.33
N ASP A 1302 21.41 18.34 -24.90
CA ASP A 1302 22.75 18.13 -25.48
C ASP A 1302 23.83 18.00 -24.40
N VAL A 1303 24.91 17.25 -24.74
CA VAL A 1303 26.08 17.04 -23.89
C VAL A 1303 27.33 17.59 -24.60
N THR A 1304 28.04 18.51 -23.92
CA THR A 1304 29.25 19.14 -24.46
C THR A 1304 30.46 18.87 -23.57
N GLU A 1305 31.64 18.66 -24.20
CA GLU A 1305 32.91 18.39 -23.50
C GLU A 1305 33.58 19.66 -22.93
N GLY A 1306 33.53 19.82 -21.60
CA GLY A 1306 34.11 20.95 -20.89
C GLY A 1306 35.62 20.91 -20.85
N ILE A 1310 32.72 17.94 -19.12
CA ILE A 1310 31.43 17.46 -19.61
C ILE A 1310 30.24 18.07 -18.85
N THR A 1311 29.36 18.78 -19.59
CA THR A 1311 28.13 19.38 -19.04
C THR A 1311 26.93 19.01 -19.90
N VAL A 1312 25.76 18.91 -19.26
CA VAL A 1312 24.51 18.59 -19.93
C VAL A 1312 23.64 19.85 -19.89
N SER A 1313 23.00 20.17 -21.01
CA SER A 1313 22.14 21.33 -21.20
C SER A 1313 20.86 21.00 -21.95
N ASP A 1314 19.85 21.88 -21.87
CA ASP A 1314 18.63 21.78 -22.65
C ASP A 1314 18.89 22.60 -23.90
N ASN A 1315 18.30 22.20 -25.04
CA ASN A 1315 18.45 22.89 -26.33
C ASN A 1315 17.61 24.20 -26.37
N LYS A 1316 17.90 25.16 -25.47
CA LYS A 1316 17.17 26.42 -25.28
C LYS A 1316 17.58 27.52 -26.24
N VAL A 1317 16.64 27.96 -27.08
CA VAL A 1317 16.87 29.07 -27.99
C VAL A 1317 16.01 30.22 -27.44
N TYR A 1318 16.68 31.22 -26.84
CA TYR A 1318 16.08 32.37 -26.17
C TYR A 1318 15.46 33.40 -27.10
N ILE A 1319 14.41 34.11 -26.60
CA ILE A 1319 13.72 35.17 -27.32
C ILE A 1319 13.87 36.47 -26.52
N PRO A 1320 14.43 37.54 -27.12
CA PRO A 1320 14.57 38.80 -26.38
C PRO A 1320 13.26 39.57 -26.15
N LYS A 1321 13.15 40.23 -24.99
CA LYS A 1321 12.01 41.05 -24.60
C LYS A 1321 12.04 42.35 -25.42
N ASN A 1322 10.89 42.68 -26.04
CA ASN A 1322 10.70 43.89 -26.85
C ASN A 1322 10.54 45.12 -25.91
N PRO A 1323 10.78 46.38 -26.38
CA PRO A 1323 10.69 47.54 -25.47
C PRO A 1323 9.37 47.71 -24.70
N ASP A 1324 8.24 47.40 -25.34
CA ASP A 1324 6.90 47.47 -24.73
C ASP A 1324 6.68 46.39 -23.64
N GLY A 1325 7.36 45.24 -23.77
CA GLY A 1325 7.28 44.15 -22.80
C GLY A 1325 6.89 42.79 -23.36
N SER A 1326 6.58 42.73 -24.66
CA SER A 1326 6.17 41.51 -25.37
C SER A 1326 7.36 40.72 -25.89
N TYR A 1327 7.09 39.49 -26.42
CA TYR A 1327 8.07 38.58 -27.03
C TYR A 1327 7.50 38.12 -28.37
N THR A 1328 8.26 38.33 -29.44
CA THR A 1328 7.82 37.95 -30.78
C THR A 1328 7.97 36.44 -30.99
N ILE A 1329 6.83 35.75 -31.18
CA ILE A 1329 6.79 34.31 -31.41
C ILE A 1329 6.79 34.11 -32.94
N SER A 1330 7.89 34.57 -33.59
CA SER A 1330 8.15 34.49 -35.03
C SER A 1330 8.36 33.03 -35.43
N LYS A 1331 7.67 32.61 -36.51
CA LYS A 1331 7.70 31.24 -37.05
C LYS A 1331 9.11 30.78 -37.43
N ARG A 1332 9.49 29.60 -36.94
CA ARG A 1332 10.75 28.92 -37.24
C ARG A 1332 10.36 27.68 -38.03
N ASP A 1333 11.17 27.31 -39.04
CA ASP A 1333 10.95 26.23 -40.02
C ASP A 1333 10.38 24.90 -39.48
N GLY A 1334 10.72 24.51 -38.24
CA GLY A 1334 10.21 23.28 -37.63
C GLY A 1334 9.81 23.39 -36.17
N VAL A 1335 9.41 24.61 -35.72
CA VAL A 1335 9.04 24.88 -34.32
C VAL A 1335 7.59 25.32 -34.17
N THR A 1336 6.83 24.58 -33.33
CA THR A 1336 5.43 24.87 -33.03
C THR A 1336 5.31 25.56 -31.65
N LEU A 1337 4.09 25.98 -31.29
CA LEU A 1337 3.78 26.65 -30.04
C LEU A 1337 3.96 25.76 -28.80
N SER A 1338 3.80 24.43 -28.95
CA SER A 1338 4.00 23.47 -27.86
C SER A 1338 5.50 23.31 -27.51
N ASP A 1339 6.38 23.78 -28.42
CA ASP A 1339 7.83 23.77 -28.28
C ASP A 1339 8.33 25.03 -27.57
N TYR A 1340 7.49 26.07 -27.47
CA TYR A 1340 7.80 27.35 -26.83
C TYR A 1340 7.39 27.32 -25.35
N TYR A 1341 8.17 28.01 -24.48
CA TYR A 1341 7.97 28.05 -23.02
C TYR A 1341 8.20 29.41 -22.42
N TYR A 1342 7.63 29.62 -21.22
CA TYR A 1342 7.76 30.80 -20.37
C TYR A 1342 8.26 30.29 -19.01
N LEU A 1343 9.41 30.78 -18.57
CA LEU A 1343 10.04 30.34 -17.33
C LEU A 1343 10.19 31.48 -16.35
N VAL A 1344 9.90 31.20 -15.07
CA VAL A 1344 10.01 32.19 -14.00
C VAL A 1344 10.75 31.63 -12.80
N GLU A 1345 11.59 32.46 -12.20
CA GLU A 1345 12.32 32.14 -10.99
C GLU A 1345 11.85 33.15 -9.98
N ASP A 1346 11.52 32.66 -8.79
CA ASP A 1346 11.03 33.55 -7.70
C ASP A 1346 12.21 34.02 -6.85
N ARG A 1347 11.94 34.76 -5.76
CA ARG A 1347 12.99 35.29 -4.87
C ARG A 1347 13.70 34.16 -4.11
N ALA A 1348 12.99 33.07 -3.85
CA ALA A 1348 13.55 31.90 -3.12
C ALA A 1348 14.35 30.96 -4.03
N GLY A 1349 14.31 31.18 -5.35
CA GLY A 1349 15.07 30.35 -6.27
C GLY A 1349 14.29 29.15 -6.78
N ASN A 1350 12.96 29.16 -6.60
CA ASN A 1350 12.06 28.13 -7.10
C ASN A 1350 11.71 28.51 -8.51
N VAL A 1351 11.71 27.53 -9.41
CA VAL A 1351 11.45 27.74 -10.84
C VAL A 1351 10.19 27.02 -11.32
N SER A 1352 9.36 27.73 -12.10
CA SER A 1352 8.21 27.14 -12.76
C SER A 1352 8.32 27.48 -14.25
N PHE A 1353 7.78 26.60 -15.12
CA PHE A 1353 7.75 26.77 -16.57
C PHE A 1353 6.45 26.25 -17.16
N ALA A 1354 5.98 26.87 -18.26
CA ALA A 1354 4.74 26.46 -18.92
C ALA A 1354 4.82 26.59 -20.42
N THR A 1355 4.13 25.67 -21.13
CA THR A 1355 4.01 25.66 -22.59
C THR A 1355 3.21 26.90 -23.00
N LEU A 1356 3.65 27.60 -24.06
CA LEU A 1356 2.93 28.78 -24.56
C LEU A 1356 1.56 28.41 -25.06
N ARG A 1357 1.40 27.19 -25.64
CA ARG A 1357 0.12 26.67 -26.12
C ARG A 1357 -0.82 26.43 -24.95
N ASP A 1358 -0.28 26.11 -23.76
CA ASP A 1358 -1.07 25.91 -22.53
C ASP A 1358 -1.61 27.25 -22.01
N LEU A 1359 -0.77 28.32 -22.04
CA LEU A 1359 -1.19 29.66 -21.60
C LEU A 1359 -2.17 30.31 -22.62
N LYS A 1360 -1.99 29.99 -23.93
CA LYS A 1360 -2.81 30.46 -25.04
C LYS A 1360 -4.23 29.88 -25.01
N ALA A 1361 -4.42 28.71 -24.36
CA ALA A 1361 -5.73 28.05 -24.22
C ALA A 1361 -6.79 28.91 -23.48
N VAL A 1362 -6.34 29.96 -22.76
CA VAL A 1362 -7.22 30.90 -22.07
C VAL A 1362 -7.49 32.05 -23.05
N GLY A 1363 -8.77 32.34 -23.26
CA GLY A 1363 -9.19 33.41 -24.17
C GLY A 1363 -8.86 34.79 -23.64
N LYS A 1364 -8.93 35.80 -24.54
CA LYS A 1364 -8.68 37.22 -24.26
C LYS A 1364 -9.73 37.79 -23.29
N ASP A 1365 -10.91 37.16 -23.28
CA ASP A 1365 -12.10 37.50 -22.51
C ASP A 1365 -12.22 36.70 -21.21
N LYS A 1366 -11.54 35.55 -21.13
CA LYS A 1366 -11.62 34.63 -19.99
C LYS A 1366 -10.65 34.95 -18.86
N ALA A 1367 -10.91 34.33 -17.70
CA ALA A 1367 -10.15 34.44 -16.45
C ALA A 1367 -9.81 33.02 -15.92
N VAL A 1368 -8.86 32.92 -14.99
CA VAL A 1368 -8.47 31.64 -14.37
C VAL A 1368 -8.62 31.74 -12.84
N VAL A 1369 -9.09 30.66 -12.22
CA VAL A 1369 -9.18 30.49 -10.78
C VAL A 1369 -8.44 29.19 -10.45
N ASN A 1370 -7.71 29.18 -9.34
CA ASN A 1370 -6.98 28.01 -8.86
C ASN A 1370 -7.38 27.77 -7.40
N PHE A 1371 -7.64 26.49 -7.05
CA PHE A 1371 -8.03 26.04 -5.70
C PHE A 1371 -6.99 25.09 -5.14
N GLY A 1372 -6.67 25.27 -3.87
CA GLY A 1372 -5.70 24.42 -3.20
C GLY A 1372 -5.75 24.46 -1.69
N LEU A 1373 -5.10 23.47 -1.08
CA LEU A 1373 -4.97 23.36 0.37
C LEU A 1373 -3.54 23.80 0.65
N ASP A 1374 -3.31 24.55 1.73
CA ASP A 1374 -1.96 25.02 2.06
C ASP A 1374 -1.54 24.78 3.52
N LEU A 1375 -0.26 24.39 3.73
CA LEU A 1375 0.29 24.10 5.07
C LEU A 1375 1.82 24.25 5.13
N PHE A 1386 -9.22 16.35 -2.54
CA PHE A 1386 -10.38 17.11 -2.08
C PHE A 1386 -11.38 17.39 -3.21
N THR A 1387 -12.67 17.57 -2.87
CA THR A 1387 -13.69 17.91 -3.86
C THR A 1387 -14.23 19.30 -3.55
N TYR A 1388 -14.58 20.04 -4.61
CA TYR A 1388 -15.11 21.39 -4.51
C TYR A 1388 -16.25 21.61 -5.50
N LEU A 1389 -17.08 22.61 -5.25
CA LEU A 1389 -18.17 23.01 -6.13
C LEU A 1389 -18.11 24.51 -6.31
N VAL A 1390 -18.22 24.97 -7.58
CA VAL A 1390 -18.21 26.38 -7.96
C VAL A 1390 -19.61 26.72 -8.49
N ARG A 1391 -20.20 27.83 -8.03
CA ARG A 1391 -21.52 28.28 -8.46
C ARG A 1391 -21.42 29.65 -9.07
N ASP A 1392 -22.22 29.93 -10.11
CA ASP A 1392 -22.27 31.25 -10.76
C ASP A 1392 -23.02 32.27 -9.85
N ALA A 1393 -23.12 33.55 -10.30
CA ALA A 1393 -23.79 34.63 -9.58
C ALA A 1393 -25.22 34.28 -9.19
N ASP A 1394 -25.91 33.46 -10.02
CA ASP A 1394 -27.30 33.04 -9.77
C ASP A 1394 -27.41 31.95 -8.69
N GLY A 1395 -26.39 31.11 -8.61
CA GLY A 1395 -26.33 30.01 -7.66
C GLY A 1395 -26.38 28.65 -8.32
N LYS A 1396 -26.41 28.66 -9.65
CA LYS A 1396 -26.43 27.48 -10.50
C LYS A 1396 -24.99 26.96 -10.60
N PRO A 1397 -24.71 25.66 -10.33
CA PRO A 1397 -23.32 25.17 -10.47
C PRO A 1397 -22.82 25.34 -11.90
N ILE A 1398 -21.50 25.54 -12.05
CA ILE A 1398 -20.88 25.72 -13.36
C ILE A 1398 -20.82 24.39 -14.12
N GLU A 1399 -21.02 24.44 -15.43
CA GLU A 1399 -20.98 23.22 -16.27
C GLU A 1399 -19.88 23.36 -17.32
N ASN A 1400 -19.61 22.29 -18.08
CA ASN A 1400 -18.59 22.33 -19.17
C ASN A 1400 -17.26 22.85 -18.62
N LEU A 1401 -16.72 22.22 -17.57
CA LEU A 1401 -15.47 22.71 -16.93
C LEU A 1401 -14.31 22.73 -17.94
N GLU A 1402 -13.54 23.82 -17.92
CA GLU A 1402 -12.35 24.05 -18.77
C GLU A 1402 -11.13 24.09 -17.84
N TYR A 1403 -10.17 23.17 -18.01
CA TYR A 1403 -9.02 23.11 -17.10
C TYR A 1403 -7.79 23.84 -17.63
N TYR A 1404 -7.11 24.56 -16.73
CA TYR A 1404 -5.95 25.39 -17.07
C TYR A 1404 -4.65 24.74 -16.74
N ASN A 1405 -3.70 24.76 -17.71
CA ASN A 1405 -2.32 24.31 -17.61
C ASN A 1405 -2.19 22.92 -16.94
N ASN A 1406 -3.07 21.97 -17.34
CA ASN A 1406 -3.12 20.55 -16.92
C ASN A 1406 -3.27 20.38 -15.41
N SER A 1407 -4.27 21.05 -14.84
CA SER A 1407 -4.55 21.02 -13.42
C SER A 1407 -6.06 20.94 -13.23
N GLY A 1408 -6.52 19.91 -12.55
CA GLY A 1408 -7.93 19.69 -12.24
C GLY A 1408 -8.44 20.62 -11.16
N ASN A 1409 -7.50 21.42 -10.57
CA ASN A 1409 -7.74 22.42 -9.52
C ASN A 1409 -7.68 23.85 -10.06
N SER A 1410 -7.43 23.99 -11.38
CA SER A 1410 -7.39 25.26 -12.10
C SER A 1410 -8.51 25.27 -13.15
N LEU A 1411 -9.46 26.22 -13.04
CA LEU A 1411 -10.55 26.31 -14.00
C LEU A 1411 -10.50 27.60 -14.81
N ILE A 1412 -10.80 27.52 -16.12
CA ILE A 1412 -10.90 28.67 -17.05
C ILE A 1412 -12.37 29.10 -17.03
N LEU A 1413 -12.64 30.35 -16.65
CA LEU A 1413 -14.01 30.83 -16.53
C LEU A 1413 -14.24 32.22 -17.11
N PRO A 1414 -15.47 32.57 -17.54
CA PRO A 1414 -15.73 33.96 -17.96
C PRO A 1414 -15.76 34.88 -16.72
N TYR A 1415 -15.84 36.20 -16.95
CA TYR A 1415 -15.90 37.18 -15.86
C TYR A 1415 -17.21 37.00 -15.09
N GLY A 1416 -17.20 37.38 -13.82
CA GLY A 1416 -18.35 37.28 -12.94
C GLY A 1416 -18.02 36.93 -11.51
N LYS A 1417 -19.04 37.08 -10.65
CA LYS A 1417 -19.02 36.76 -9.22
C LYS A 1417 -19.29 35.27 -9.14
N TYR A 1418 -18.47 34.56 -8.34
CA TYR A 1418 -18.58 33.13 -8.14
C TYR A 1418 -18.47 32.76 -6.69
N THR A 1419 -18.75 31.49 -6.41
CA THR A 1419 -18.62 30.96 -5.06
C THR A 1419 -17.95 29.59 -5.17
N VAL A 1420 -17.12 29.25 -4.19
CA VAL A 1420 -16.51 27.93 -4.10
C VAL A 1420 -16.88 27.34 -2.74
N GLU A 1421 -17.29 26.08 -2.75
CA GLU A 1421 -17.64 25.36 -1.53
C GLU A 1421 -16.82 24.09 -1.47
N LEU A 1422 -15.99 23.95 -0.43
CA LEU A 1422 -15.22 22.73 -0.23
C LEU A 1422 -16.22 21.68 0.26
N LEU A 1423 -16.35 20.55 -0.47
CA LEU A 1423 -17.32 19.50 -0.16
C LEU A 1423 -16.73 18.37 0.68
N THR A 1424 -15.63 17.74 0.21
CA THR A 1424 -14.93 16.67 0.92
C THR A 1424 -13.42 16.93 0.87
N TYR A 1425 -12.68 16.32 1.80
CA TYR A 1425 -11.23 16.30 1.99
C TYR A 1425 -10.98 15.19 3.02
N ASP A 1426 -9.78 14.60 3.03
CA ASP A 1426 -9.48 13.52 3.99
C ASP A 1426 -9.39 14.03 5.43
N THR A 1427 -10.51 13.94 6.18
CA THR A 1427 -10.60 14.36 7.59
C THR A 1427 -9.72 13.52 8.52
N ASN A 1428 -9.24 12.37 8.03
CA ASN A 1428 -8.38 11.42 8.71
C ASN A 1428 -6.93 11.96 8.86
N ALA A 1429 -6.37 12.48 7.76
CA ALA A 1429 -5.02 13.03 7.70
C ALA A 1429 -4.96 14.56 7.84
N ALA A 1430 -6.09 15.27 7.66
CA ALA A 1430 -6.09 16.73 7.71
C ALA A 1430 -7.29 17.35 8.43
N LYS A 1431 -7.07 18.55 9.00
CA LYS A 1431 -8.10 19.34 9.68
C LYS A 1431 -8.24 20.71 9.00
N LEU A 1432 -9.48 21.10 8.63
CA LEU A 1432 -9.76 22.38 7.99
C LEU A 1432 -9.71 23.48 9.03
N GLU A 1433 -9.03 24.59 8.70
CA GLU A 1433 -8.87 25.75 9.58
C GLU A 1433 -9.64 27.01 9.10
N SER A 1434 -9.76 27.21 7.78
CA SER A 1434 -10.47 28.36 7.21
C SER A 1434 -11.91 27.98 6.79
N ASP A 1435 -12.62 28.92 6.13
CA ASP A 1435 -14.00 28.78 5.66
C ASP A 1435 -14.16 27.72 4.55
N LYS A 1436 -15.32 27.04 4.54
CA LYS A 1436 -15.67 26.04 3.51
C LYS A 1436 -16.17 26.76 2.26
N ILE A 1437 -16.78 27.96 2.45
CA ILE A 1437 -17.33 28.81 1.38
C ILE A 1437 -16.44 30.05 1.16
N VAL A 1438 -16.09 30.30 -0.11
CA VAL A 1438 -15.28 31.46 -0.50
C VAL A 1438 -15.92 32.17 -1.70
N SER A 1439 -16.13 33.49 -1.57
CA SER A 1439 -16.63 34.32 -2.69
C SER A 1439 -15.44 34.94 -3.43
N PHE A 1440 -15.45 34.89 -4.77
CA PHE A 1440 -14.42 35.52 -5.61
C PHE A 1440 -15.06 36.12 -6.85
N THR A 1441 -14.53 37.26 -7.30
CA THR A 1441 -15.02 37.96 -8.49
C THR A 1441 -13.92 37.97 -9.55
N LEU A 1442 -14.20 37.38 -10.72
CA LEU A 1442 -13.24 37.34 -11.84
C LEU A 1442 -13.60 38.46 -12.79
N SER A 1443 -12.62 39.31 -13.16
CA SER A 1443 -12.80 40.45 -14.05
C SER A 1443 -11.53 40.67 -14.90
N ALA A 1444 -11.44 41.81 -15.61
CA ALA A 1444 -10.26 42.11 -16.41
C ALA A 1444 -9.10 42.48 -15.49
N ASP A 1445 -9.38 43.27 -14.43
CA ASP A 1445 -8.40 43.68 -13.42
C ASP A 1445 -7.91 42.49 -12.59
N ASN A 1446 -8.79 41.51 -12.31
CA ASN A 1446 -8.48 40.31 -11.54
C ASN A 1446 -8.84 39.08 -12.39
N ASN A 1447 -7.97 38.76 -13.39
CA ASN A 1447 -8.20 37.66 -14.33
C ASN A 1447 -7.52 36.35 -13.91
N PHE A 1448 -6.94 36.34 -12.71
CA PHE A 1448 -6.33 35.15 -12.13
C PHE A 1448 -6.50 35.23 -10.63
N GLN A 1449 -7.30 34.32 -10.07
CA GLN A 1449 -7.61 34.23 -8.64
C GLN A 1449 -7.05 32.95 -8.06
N GLN A 1450 -6.40 33.05 -6.89
CA GLN A 1450 -5.96 31.89 -6.10
C GLN A 1450 -6.84 31.83 -4.84
N VAL A 1451 -7.47 30.67 -4.61
CA VAL A 1451 -8.35 30.45 -3.45
C VAL A 1451 -7.76 29.30 -2.64
N THR A 1452 -7.40 29.56 -1.38
CA THR A 1452 -6.81 28.49 -0.57
C THR A 1452 -7.62 28.13 0.67
N PHE A 1453 -7.67 26.83 0.97
CA PHE A 1453 -8.32 26.26 2.13
C PHE A 1453 -7.18 25.89 3.08
N LYS A 1454 -7.08 26.65 4.18
CA LYS A 1454 -6.01 26.44 5.15
C LYS A 1454 -6.28 25.20 5.98
N ILE A 1455 -5.32 24.23 5.96
CA ILE A 1455 -5.41 22.95 6.65
C ILE A 1455 -4.22 22.69 7.60
N THR A 1456 -4.47 21.95 8.71
CA THR A 1456 -3.43 21.48 9.64
C THR A 1456 -3.34 19.97 9.44
N MET A 1457 -2.12 19.41 9.41
CA MET A 1457 -1.92 17.98 9.19
C MET A 1457 -2.07 17.20 10.51
N LEU A 1458 -2.68 16.01 10.42
CA LEU A 1458 -2.93 15.12 11.56
C LEU A 1458 -1.96 13.94 11.52
N ALA A 1459 -1.59 13.47 12.72
CA ALA A 1459 -0.70 12.33 12.92
C ALA A 1459 -1.25 11.47 14.05
N THR A 1460 -0.88 10.19 14.07
CA THR A 1460 -1.32 9.23 15.07
C THR A 1460 -0.17 8.70 15.92
N SER A 1461 -0.50 8.28 17.14
CA SER A 1461 0.43 7.68 18.10
C SER A 1461 -0.26 6.52 18.79
N GLN A 1462 0.53 5.68 19.45
CA GLN A 1462 -0.03 4.57 20.17
C GLN A 1462 0.38 4.74 21.64
N ILE A 1463 -0.58 4.65 22.60
CA ILE A 1463 -0.26 4.71 24.04
C ILE A 1463 -0.58 3.34 24.64
N THR A 1464 0.35 2.74 25.40
CA THR A 1464 0.07 1.49 26.12
C THR A 1464 0.46 1.63 27.59
N ALA A 1465 -0.50 1.37 28.47
CA ALA A 1465 -0.32 1.34 29.93
C ALA A 1465 -0.11 -0.14 30.23
N HIS A 1466 1.09 -0.48 30.68
CA HIS A 1466 1.43 -1.86 31.00
C HIS A 1466 1.63 -1.96 32.50
N PHE A 1467 0.86 -2.85 33.17
CA PHE A 1467 0.90 -2.99 34.62
C PHE A 1467 1.77 -4.14 35.13
N ASP A 1468 2.25 -3.97 36.36
CA ASP A 1468 3.04 -4.84 37.22
C ASP A 1468 2.34 -6.21 37.33
N HIS A 1469 1.08 -6.18 37.80
CA HIS A 1469 0.17 -7.30 38.06
C HIS A 1469 -1.16 -6.99 37.41
N LEU A 1470 -2.06 -7.99 37.35
CA LEU A 1470 -3.41 -7.77 36.85
C LEU A 1470 -4.10 -6.81 37.80
N LEU A 1471 -4.91 -5.89 37.26
CA LEU A 1471 -5.63 -4.93 38.08
C LEU A 1471 -6.76 -5.63 38.82
N PRO A 1472 -7.00 -5.27 40.12
CA PRO A 1472 -8.10 -5.92 40.87
C PRO A 1472 -9.49 -5.67 40.26
N GLU A 1473 -10.41 -6.61 40.48
CA GLU A 1473 -11.80 -6.59 40.01
C GLU A 1473 -12.44 -5.23 40.36
N GLY A 1474 -12.98 -4.55 39.36
CA GLY A 1474 -13.60 -3.24 39.52
C GLY A 1474 -12.81 -2.04 39.01
N SER A 1475 -11.52 -2.24 38.66
CA SER A 1475 -10.62 -1.20 38.16
C SER A 1475 -11.02 -0.73 36.76
N ARG A 1476 -10.91 0.59 36.52
CA ARG A 1476 -11.20 1.20 35.23
C ARG A 1476 -9.98 2.00 34.78
N VAL A 1477 -9.54 1.79 33.54
CA VAL A 1477 -8.43 2.49 32.94
C VAL A 1477 -8.98 3.29 31.75
N SER A 1478 -8.63 4.57 31.68
CA SER A 1478 -9.01 5.45 30.60
C SER A 1478 -7.87 6.44 30.31
N LEU A 1479 -7.98 7.17 29.20
CA LEU A 1479 -7.02 8.21 28.80
C LEU A 1479 -7.72 9.56 28.86
N LYS A 1480 -7.13 10.52 29.58
CA LYS A 1480 -7.69 11.86 29.70
C LYS A 1480 -7.09 12.77 28.62
N THR A 1481 -7.97 13.25 27.76
CA THR A 1481 -7.72 14.18 26.66
C THR A 1481 -7.41 15.59 27.24
N ALA A 1482 -6.79 16.47 26.42
CA ALA A 1482 -6.48 17.85 26.83
C ALA A 1482 -7.76 18.71 26.96
N GLN A 1483 -8.85 18.30 26.27
CA GLN A 1483 -10.17 18.92 26.24
C GLN A 1483 -11.08 18.27 27.34
N ASP A 1484 -10.46 17.60 28.35
CA ASP A 1484 -11.11 16.96 29.53
C ASP A 1484 -12.01 15.76 29.21
N GLN A 1485 -11.86 15.13 28.05
CA GLN A 1485 -12.67 13.97 27.73
C GLN A 1485 -11.92 12.68 28.12
N LEU A 1486 -12.66 11.66 28.59
CA LEU A 1486 -12.06 10.38 28.97
C LEU A 1486 -12.33 9.35 27.93
N ILE A 1487 -11.27 8.74 27.41
CA ILE A 1487 -11.36 7.66 26.43
C ILE A 1487 -11.24 6.38 27.24
N PRO A 1488 -12.29 5.53 27.31
CA PRO A 1488 -12.15 4.29 28.09
C PRO A 1488 -11.23 3.28 27.41
N LEU A 1489 -10.36 2.67 28.21
CA LEU A 1489 -9.40 1.69 27.72
C LEU A 1489 -9.85 0.32 28.19
N GLU A 1490 -9.68 -0.67 27.34
CA GLU A 1490 -10.05 -2.06 27.60
C GLU A 1490 -8.79 -2.92 27.69
N GLN A 1491 -8.85 -3.94 28.55
CA GLN A 1491 -7.83 -4.95 28.75
C GLN A 1491 -7.56 -5.59 27.37
N SER A 1492 -6.29 -5.62 26.95
CA SER A 1492 -5.91 -6.21 25.67
C SER A 1492 -6.18 -7.72 25.68
N LEU A 1493 -6.55 -8.29 24.53
CA LEU A 1493 -6.90 -9.69 24.34
C LEU A 1493 -5.76 -10.66 24.61
N TYR A 1494 -4.53 -10.33 24.17
CA TYR A 1494 -3.35 -11.19 24.28
C TYR A 1494 -2.46 -10.86 25.48
N VAL A 1495 -2.54 -9.62 25.99
CA VAL A 1495 -1.75 -9.15 27.13
C VAL A 1495 -2.70 -8.56 28.18
N PRO A 1496 -3.30 -9.42 29.03
CA PRO A 1496 -4.27 -8.92 30.03
C PRO A 1496 -3.80 -7.83 31.01
N LYS A 1497 -2.47 -7.65 31.19
CA LYS A 1497 -1.91 -6.60 32.05
C LYS A 1497 -1.77 -5.26 31.30
N ALA A 1498 -1.99 -5.24 29.97
CA ALA A 1498 -1.84 -4.04 29.15
C ALA A 1498 -3.17 -3.47 28.70
N TYR A 1499 -3.23 -2.13 28.57
CA TYR A 1499 -4.39 -1.33 28.17
C TYR A 1499 -3.85 -0.30 27.18
N GLY A 1500 -4.36 -0.32 25.94
CA GLY A 1500 -3.85 0.62 24.95
C GLY A 1500 -4.80 1.02 23.84
N LYS A 1501 -4.46 2.13 23.16
CA LYS A 1501 -5.21 2.70 22.06
C LYS A 1501 -4.33 3.49 21.09
N THR A 1502 -4.75 3.53 19.80
CA THR A 1502 -4.15 4.34 18.74
C THR A 1502 -4.93 5.65 18.77
N VAL A 1503 -4.23 6.75 19.05
CA VAL A 1503 -4.85 8.06 19.24
C VAL A 1503 -4.24 9.12 18.33
N GLN A 1504 -4.93 10.26 18.18
CA GLN A 1504 -4.40 11.41 17.45
C GLN A 1504 -3.26 11.97 18.30
N GLU A 1505 -2.23 12.52 17.68
CA GLU A 1505 -1.09 13.08 18.40
C GLU A 1505 -1.53 14.21 19.37
N GLY A 1506 -1.01 14.16 20.59
CA GLY A 1506 -1.30 15.16 21.60
C GLY A 1506 -0.90 14.73 23.00
N THR A 1507 -1.31 15.52 24.00
CA THR A 1507 -1.02 15.26 25.41
C THR A 1507 -2.15 14.46 26.05
N TYR A 1508 -1.78 13.41 26.79
CA TYR A 1508 -2.69 12.49 27.46
C TYR A 1508 -2.18 12.11 28.84
N GLU A 1509 -3.08 11.62 29.68
CA GLU A 1509 -2.81 11.13 31.02
C GLU A 1509 -3.59 9.82 31.20
N VAL A 1510 -2.90 8.76 31.66
CA VAL A 1510 -3.56 7.50 31.95
C VAL A 1510 -4.23 7.65 33.30
N VAL A 1511 -5.55 7.55 33.31
CA VAL A 1511 -6.32 7.64 34.55
C VAL A 1511 -6.72 6.22 34.97
N VAL A 1512 -6.54 5.88 36.24
CA VAL A 1512 -6.87 4.56 36.78
C VAL A 1512 -7.66 4.73 38.08
N SER A 1513 -8.82 4.08 38.17
CA SER A 1513 -9.63 4.08 39.39
C SER A 1513 -9.60 2.66 39.91
N LEU A 1514 -9.13 2.49 41.15
CA LEU A 1514 -8.95 1.19 41.77
C LEU A 1514 -9.89 1.02 42.95
N PRO A 1515 -10.24 -0.24 43.35
CA PRO A 1515 -11.00 -0.41 44.60
C PRO A 1515 -10.12 0.00 45.79
N LYS A 1516 -10.70 0.04 46.99
CA LYS A 1516 -9.97 0.40 48.19
C LYS A 1516 -8.76 -0.55 48.43
N GLY A 1517 -7.62 0.04 48.83
CA GLY A 1517 -6.40 -0.68 49.17
C GLY A 1517 -5.29 -0.71 48.16
N TYR A 1518 -5.44 0.03 47.03
CA TYR A 1518 -4.43 0.08 45.97
C TYR A 1518 -4.05 1.49 45.54
N ARG A 1519 -2.86 1.59 44.94
CA ARG A 1519 -2.24 2.81 44.46
C ARG A 1519 -1.46 2.45 43.19
N ILE A 1520 -1.35 3.38 42.23
CA ILE A 1520 -0.58 3.17 41.02
C ILE A 1520 0.70 3.99 41.15
N GLU A 1521 1.87 3.33 41.03
CA GLU A 1521 3.15 4.00 41.11
C GLU A 1521 3.70 4.18 39.70
N GLY A 1522 4.15 5.38 39.39
CA GLY A 1522 4.72 5.67 38.07
C GLY A 1522 4.03 6.80 37.34
N ASN A 1523 4.72 7.29 36.31
CA ASN A 1523 4.29 8.38 35.45
C ASN A 1523 3.08 7.98 34.61
N THR A 1524 2.10 8.89 34.53
CA THR A 1524 0.86 8.65 33.78
C THR A 1524 0.72 9.63 32.64
N LYS A 1525 1.58 10.67 32.61
CA LYS A 1525 1.56 11.74 31.60
C LYS A 1525 2.38 11.41 30.36
N VAL A 1526 1.84 11.73 29.17
CA VAL A 1526 2.56 11.51 27.91
C VAL A 1526 2.22 12.60 26.87
N ASN A 1527 3.27 13.13 26.21
CA ASN A 1527 3.25 14.07 25.08
C ASN A 1527 3.71 13.20 23.92
N THR A 1528 2.73 12.69 23.19
CA THR A 1528 2.82 11.73 22.11
C THR A 1528 3.52 12.32 20.85
N LEU A 1529 4.18 11.46 20.04
CA LEU A 1529 4.88 11.89 18.83
C LEU A 1529 4.40 11.14 17.59
N PRO A 1530 4.51 11.72 16.34
CA PRO A 1530 3.98 11.02 15.16
C PRO A 1530 4.55 9.63 14.90
N ASN A 1531 3.65 8.66 14.61
CA ASN A 1531 3.93 7.24 14.35
C ASN A 1531 4.71 6.52 15.46
N GLU A 1532 4.78 7.12 16.67
CA GLU A 1532 5.49 6.59 17.83
C GLU A 1532 4.59 5.81 18.78
N VAL A 1533 5.16 4.78 19.40
CA VAL A 1533 4.54 3.90 20.40
C VAL A 1533 5.11 4.34 21.76
N HIS A 1534 4.23 4.76 22.68
CA HIS A 1534 4.56 5.24 24.02
C HIS A 1534 4.13 4.21 25.05
N GLU A 1535 5.10 3.55 25.65
CA GLU A 1535 4.88 2.52 26.63
C GLU A 1535 4.99 3.17 27.99
N LEU A 1536 4.01 2.93 28.88
CA LEU A 1536 4.00 3.42 30.25
C LEU A 1536 4.00 2.24 31.19
N SER A 1537 5.12 2.02 31.88
CA SER A 1537 5.27 0.94 32.86
C SER A 1537 4.75 1.45 34.21
N LEU A 1538 3.73 0.76 34.76
CA LEU A 1538 3.08 1.15 36.01
C LEU A 1538 3.06 0.04 37.05
N ARG A 1539 3.09 0.42 38.32
CA ARG A 1539 3.13 -0.53 39.42
C ARG A 1539 1.90 -0.50 40.24
N LEU A 1540 1.31 -1.69 40.49
CA LEU A 1540 0.13 -1.83 41.35
C LEU A 1540 0.65 -2.03 42.79
N VAL A 1541 0.55 -0.97 43.62
CA VAL A 1541 1.05 -0.92 45.00
C VAL A 1541 -0.06 -1.08 46.06
N LYS A 1542 0.10 -2.07 46.96
CA LYS A 1542 -0.85 -2.32 48.06
C LYS A 1542 -0.71 -1.20 49.08
N VAL A 1543 -1.86 -0.73 49.58
CA VAL A 1543 -1.91 0.40 50.50
C VAL A 1543 -2.88 0.11 51.68
N GLY A 1544 -2.63 0.79 52.80
CA GLY A 1544 -3.46 0.67 53.99
C GLY A 1544 -3.64 2.01 54.69
N ASP A 1545 -4.72 2.17 55.47
CA ASP A 1545 -5.00 3.40 56.20
C ASP A 1545 -4.04 3.54 57.41
N ALA A 1546 -3.41 4.72 57.55
CA ALA A 1546 -2.49 5.06 58.63
C ALA A 1546 -3.23 5.15 59.97
C1 EDO B . -17.88 -19.04 -28.51
O1 EDO B . -18.24 -18.09 -27.52
C2 EDO B . -19.10 -19.37 -29.41
O2 EDO B . -19.73 -18.16 -29.82
H11 EDO B . -17.45 -19.95 -28.08
H12 EDO B . -17.09 -18.56 -29.08
HO1 EDO B . -17.40 -17.63 -27.23
H21 EDO B . -19.86 -19.91 -28.84
H22 EDO B . -18.80 -20.00 -30.24
HO2 EDO B . -20.15 -17.76 -29.01
C1 EDO C . 3.00 -1.61 22.93
O1 EDO C . 3.49 -2.45 23.97
C2 EDO C . 1.72 -2.21 22.28
O2 EDO C . 1.65 -1.84 20.90
H11 EDO C . 3.75 -1.41 22.16
H12 EDO C . 2.78 -0.65 23.41
HO1 EDO C . 3.62 -1.89 24.78
H21 EDO C . 0.81 -1.84 22.74
H22 EDO C . 1.73 -3.30 22.39
HO2 EDO C . 0.70 -1.88 20.64
C1 EDO D . -12.47 -44.85 -33.42
O1 EDO D . -12.60 -44.77 -32.01
C2 EDO D . -13.76 -45.44 -34.06
O2 EDO D . -14.88 -44.65 -33.68
H11 EDO D . -11.58 -45.41 -33.73
H12 EDO D . -12.31 -43.82 -33.74
HO1 EDO D . -11.90 -44.16 -31.67
H21 EDO D . -13.96 -46.43 -33.66
H22 EDO D . -13.65 -45.53 -35.13
HO2 EDO D . -15.64 -44.95 -34.25
C1 EDO E . 2.94 -3.63 0.29
O1 EDO E . 3.60 -3.02 1.37
C2 EDO E . 2.16 -4.85 0.63
O2 EDO E . 2.47 -5.96 -0.18
H11 EDO E . 3.61 -3.87 -0.39
H12 EDO E . 2.34 -2.97 -0.11
HO1 EDO E . 4.09 -2.39 1.08
H21 EDO E . 1.21 -4.64 0.56
H22 EDO E . 2.34 -5.09 1.58
HO2 EDO E . 1.83 -6.52 -0.14
CA CA F . 16.77 25.24 -4.18
CA CA G . 31.87 7.81 1.27
CA CA H . 39.65 2.46 5.59
#